data_4X13
#
_entry.id   4X13
#
_cell.length_a   150.120
_cell.length_b   96.280
_cell.length_c   128.140
_cell.angle_alpha   90.00
_cell.angle_beta   109.81
_cell.angle_gamma   90.00
#
_symmetry.space_group_name_H-M   'C 1 2 1'
#
loop_
_entity.id
_entity.type
_entity.pdbx_description
1 polymer 'Major capsid protein'
2 branched 'N-acetyl-alpha-neuraminic acid-(2-6)-beta-D-galactopyranose-(1-4)-2-acetamido-2-deoxy-beta-D-glucopyranose-(1-3)-beta-D-galactopyranose-(1-4)-beta-D-glucopyranose'
3 branched 'N-acetyl-alpha-neuraminic acid-(2-6)-beta-D-galactopyranose-(1-4)-2-acetamido-2-deoxy-beta-D-glucopyranose-(1-3)-beta-D-galactopyranose'
4 non-polymer GLYCEROL
5 non-polymer 1,2-ETHANEDIOL
6 non-polymer 'POTASSIUM ION'
7 water water
#
_entity_poly.entity_id   1
_entity_poly.type   'polypeptide(L)'
_entity_poly.pdbx_seq_one_letter_code
;GSHMGGVEVLEVKTGVDSITEVECFLTPEMGDPDEHLRGFSKSISISDTFESDSPNKDMLPCYSVARIPLPNLNEDLTCG
NILMWEAVTLKTEVIGVTTLMNVHSNGQATHDNGAAKPVQGTSFHFFSVGGEALELQGVVFNYRTTYPDGTIFPKNATVQ
SQVMNTEHKAYLDKNKAYPVECWVPDPTRNENTRYFGTLTGGENVPPVLHITNTATTVLLDEFGVGPLCKGDNLYLSAVD
VCGMFTNRSGSQQWRGLSRYFKVQLRKRRVKN
;
_entity_poly.pdbx_strand_id   A,B,C,D,E
#
loop_
_chem_comp.id
_chem_comp.type
_chem_comp.name
_chem_comp.formula
BGC D-saccharide, beta linking beta-D-glucopyranose 'C6 H12 O6'
EDO non-polymer 1,2-ETHANEDIOL 'C2 H6 O2'
GAL D-saccharide, beta linking beta-D-galactopyranose 'C6 H12 O6'
GOL non-polymer GLYCEROL 'C3 H8 O3'
K non-polymer 'POTASSIUM ION' 'K 1'
NAG D-saccharide, beta linking 2-acetamido-2-deoxy-beta-D-glucopyranose 'C8 H15 N O6'
SIA D-saccharide, alpha linking 'N-acetyl-alpha-neuraminic acid' 'C11 H19 N O9'
#
# COMPACT_ATOMS: atom_id res chain seq x y z
N VAL A 7 -3.70 40.22 -11.88
CA VAL A 7 -5.15 39.92 -12.03
C VAL A 7 -5.89 40.02 -10.70
N GLU A 8 -6.76 41.02 -10.54
CA GLU A 8 -7.79 41.01 -9.48
C GLU A 8 -8.98 40.19 -9.98
N VAL A 9 -9.27 39.08 -9.30
CA VAL A 9 -10.35 38.16 -9.71
C VAL A 9 -11.69 38.60 -9.11
N LEU A 10 -12.68 38.82 -9.98
CA LEU A 10 -14.01 39.23 -9.52
C LEU A 10 -15.00 38.06 -9.69
N GLU A 11 -16.24 38.33 -10.12
CA GLU A 11 -17.29 37.32 -10.09
C GLU A 11 -17.32 36.40 -11.31
N VAL A 12 -17.87 35.23 -11.09
CA VAL A 12 -18.14 34.27 -12.14
C VAL A 12 -19.37 34.71 -12.92
N LYS A 13 -19.35 34.53 -14.25
CA LYS A 13 -20.54 34.76 -15.07
C LYS A 13 -21.44 33.54 -15.00
N THR A 14 -22.75 33.75 -15.05
CA THR A 14 -23.72 32.67 -15.13
C THR A 14 -24.52 32.77 -16.41
N GLY A 15 -25.41 31.81 -16.62
CA GLY A 15 -26.20 31.76 -17.84
C GLY A 15 -25.62 30.69 -18.74
N VAL A 16 -26.39 30.30 -19.76
CA VAL A 16 -26.04 29.19 -20.66
C VAL A 16 -24.70 29.42 -21.37
N ASP A 17 -24.47 30.66 -21.83
CA ASP A 17 -23.25 31.04 -22.53
C ASP A 17 -21.96 30.99 -21.67
N SER A 18 -22.09 30.80 -20.37
CA SER A 18 -20.98 31.05 -19.46
C SER A 18 -20.03 29.85 -19.21
N ILE A 19 -20.36 28.69 -19.74
CA ILE A 19 -19.54 27.51 -19.51
C ILE A 19 -19.10 26.92 -20.83
N THR A 20 -17.96 26.22 -20.81
CA THR A 20 -17.49 25.50 -21.95
C THR A 20 -16.64 24.32 -21.51
N GLU A 21 -16.32 23.46 -22.46
CA GLU A 21 -15.73 22.17 -22.14
C GLU A 21 -14.69 21.85 -23.18
N VAL A 22 -13.55 21.33 -22.74
CA VAL A 22 -12.53 20.85 -23.64
C VAL A 22 -12.37 19.34 -23.45
N GLU A 23 -12.35 18.61 -24.56
CA GLU A 23 -12.15 17.16 -24.54
C GLU A 23 -11.12 16.78 -25.60
N CYS A 24 -10.05 16.10 -25.17
CA CYS A 24 -9.02 15.67 -26.10
C CYS A 24 -8.13 14.56 -25.52
N PHE A 25 -7.18 14.09 -26.32
CA PHE A 25 -6.19 13.18 -25.84
C PHE A 25 -4.80 13.66 -26.25
N LEU A 26 -3.81 13.35 -25.42
CA LEU A 26 -2.42 13.61 -25.74
C LEU A 26 -1.73 12.27 -25.96
N THR A 27 -1.12 12.11 -27.11
CA THR A 27 -0.34 10.92 -27.42
C THR A 27 1.00 10.96 -26.68
N PRO A 28 1.53 9.78 -26.31
CA PRO A 28 2.83 9.79 -25.66
C PRO A 28 3.94 10.01 -26.69
N GLU A 29 5.05 10.57 -26.23
CA GLU A 29 6.19 10.84 -27.08
C GLU A 29 7.42 10.15 -26.51
N MET A 30 7.53 8.86 -26.82
CA MET A 30 8.53 7.99 -26.21
C MET A 30 9.82 7.88 -27.03
N GLY A 31 9.80 8.35 -28.28
CA GLY A 31 11.00 8.31 -29.13
C GLY A 31 10.73 7.79 -30.54
N ASP A 32 9.86 6.79 -30.64
CA ASP A 32 9.37 6.28 -31.95
C ASP A 32 10.52 5.99 -32.90
N PRO A 33 11.32 4.97 -32.57
CA PRO A 33 12.58 4.71 -33.28
C PRO A 33 12.46 4.18 -34.74
N ASP A 34 11.34 3.55 -35.08
CA ASP A 34 11.11 3.18 -36.48
C ASP A 34 9.61 3.29 -36.78
N GLU A 35 9.23 3.02 -38.02
CA GLU A 35 7.85 3.16 -38.48
C GLU A 35 6.86 2.15 -37.86
N HIS A 36 7.37 1.20 -37.07
CA HIS A 36 6.52 0.19 -36.45
C HIS A 36 6.43 0.36 -34.96
N LEU A 37 7.10 1.38 -34.42
CA LEU A 37 7.31 1.47 -32.97
C LEU A 37 6.82 2.77 -32.32
N ARG A 38 5.75 3.35 -32.86
CA ARG A 38 5.04 4.45 -32.20
C ARG A 38 4.60 4.05 -30.80
N GLY A 39 4.89 4.88 -29.81
CA GLY A 39 4.58 4.56 -28.41
C GLY A 39 5.71 3.88 -27.64
N PHE A 40 6.79 3.54 -28.34
CA PHE A 40 7.98 2.96 -27.74
C PHE A 40 9.19 3.89 -27.94
N SER A 41 10.20 3.72 -27.10
CA SER A 41 11.50 4.32 -27.34
C SER A 41 12.38 3.34 -28.10
N LYS A 42 13.53 3.85 -28.54
CA LYS A 42 14.65 3.01 -28.94
C LYS A 42 15.09 2.15 -27.75
N SER A 43 15.61 0.95 -28.04
CA SER A 43 16.35 0.15 -27.05
C SER A 43 17.26 1.04 -26.22
N ILE A 44 17.29 0.81 -24.92
CA ILE A 44 18.15 1.60 -24.05
C ILE A 44 19.57 1.04 -24.07
N SER A 45 20.55 1.88 -24.38
CA SER A 45 21.96 1.50 -24.29
CA SER A 45 21.94 1.49 -24.29
C SER A 45 22.59 2.26 -23.15
N ILE A 46 23.60 1.67 -22.53
CA ILE A 46 24.27 2.28 -21.38
C ILE A 46 25.61 2.86 -21.83
N SER A 47 25.92 4.07 -21.38
CA SER A 47 27.19 4.71 -21.76
C SER A 47 28.38 3.96 -21.19
N ASP A 48 29.50 4.06 -21.91
CA ASP A 48 30.76 3.40 -21.54
C ASP A 48 31.30 4.01 -20.24
N THR A 49 31.13 5.32 -20.08
CA THR A 49 31.53 6.05 -18.88
C THR A 49 30.46 7.07 -18.48
N PHE A 50 30.58 7.59 -17.28
CA PHE A 50 29.65 8.58 -16.80
C PHE A 50 29.74 9.81 -17.69
N GLU A 51 30.96 10.28 -17.89
CA GLU A 51 31.25 11.43 -18.74
C GLU A 51 30.79 11.28 -20.18
N SER A 52 30.79 10.05 -20.74
CA SER A 52 30.45 9.83 -22.14
C SER A 52 28.92 9.63 -22.40
N ASP A 53 28.09 9.86 -21.38
CA ASP A 53 26.63 9.71 -21.51
C ASP A 53 26.10 10.65 -22.60
N SER A 54 25.42 10.09 -23.58
CA SER A 54 25.09 10.81 -24.80
C SER A 54 23.89 10.17 -25.50
N PRO A 55 22.72 10.18 -24.85
CA PRO A 55 21.53 9.49 -25.37
C PRO A 55 21.03 10.07 -26.69
N ASN A 56 20.71 9.20 -27.64
CA ASN A 56 20.05 9.64 -28.88
C ASN A 56 18.59 10.05 -28.62
N LYS A 57 18.09 10.91 -29.51
CA LYS A 57 16.77 11.48 -29.36
C LYS A 57 15.69 10.40 -29.28
N ASP A 58 15.80 9.36 -30.09
CA ASP A 58 14.74 8.37 -30.16
C ASP A 58 14.74 7.45 -28.94
N MET A 59 15.74 7.59 -28.08
CA MET A 59 15.82 6.86 -26.82
C MET A 59 15.29 7.67 -25.60
N LEU A 60 14.89 8.92 -25.81
CA LEU A 60 14.41 9.79 -24.70
C LEU A 60 12.92 10.15 -24.73
N PRO A 61 12.14 9.59 -23.79
CA PRO A 61 10.78 10.09 -23.67
C PRO A 61 10.76 11.60 -23.40
N CYS A 62 9.74 12.27 -23.95
CA CYS A 62 9.59 13.70 -23.80
C CYS A 62 8.21 14.00 -23.23
N TYR A 63 8.10 15.18 -22.64
CA TYR A 63 6.80 15.71 -22.20
C TYR A 63 5.86 15.89 -23.40
N SER A 64 4.58 15.60 -23.18
CA SER A 64 3.52 15.91 -24.13
C SER A 64 2.84 17.21 -23.70
N VAL A 65 2.42 18.00 -24.69
CA VAL A 65 1.73 19.27 -24.42
C VAL A 65 0.78 19.58 -25.55
N ALA A 66 -0.38 20.12 -25.21
CA ALA A 66 -1.30 20.64 -26.19
C ALA A 66 -1.78 22.00 -25.68
N ARG A 67 -1.78 22.97 -26.58
CA ARG A 67 -2.35 24.29 -26.34
C ARG A 67 -3.68 24.30 -27.05
N ILE A 68 -4.77 24.39 -26.30
CA ILE A 68 -6.12 24.31 -26.83
C ILE A 68 -6.71 25.72 -26.88
N PRO A 69 -6.97 26.26 -28.09
CA PRO A 69 -7.62 27.56 -28.12
C PRO A 69 -9.07 27.46 -27.63
N LEU A 70 -9.49 28.47 -26.87
CA LEU A 70 -10.83 28.51 -26.30
C LEU A 70 -11.62 29.60 -26.99
N PRO A 71 -12.95 29.63 -26.84
CA PRO A 71 -13.71 30.70 -27.50
C PRO A 71 -13.24 32.09 -27.09
N ASN A 72 -13.09 32.96 -28.07
CA ASN A 72 -12.56 34.29 -27.82
C ASN A 72 -13.45 35.05 -26.84
N LEU A 73 -12.84 35.77 -25.91
CA LEU A 73 -13.62 36.55 -24.93
C LEU A 73 -13.55 38.09 -25.03
N ASN A 74 -12.42 38.66 -25.43
CA ASN A 74 -12.26 40.12 -25.30
C ASN A 74 -12.01 40.94 -26.57
N ILE A 82 -13.03 42.77 -18.96
CA ILE A 82 -12.09 41.64 -19.18
C ILE A 82 -12.57 40.32 -18.56
N LEU A 83 -12.84 39.35 -19.43
CA LEU A 83 -13.23 38.03 -18.99
C LEU A 83 -12.13 37.04 -19.31
N MET A 84 -11.97 36.05 -18.44
CA MET A 84 -11.09 34.91 -18.72
C MET A 84 -11.82 33.60 -18.50
N TRP A 85 -11.46 32.58 -19.28
CA TRP A 85 -11.92 31.24 -18.98
C TRP A 85 -11.18 30.70 -17.79
N GLU A 86 -11.94 30.14 -16.85
CA GLU A 86 -11.42 29.56 -15.63
C GLU A 86 -11.63 28.04 -15.65
N ALA A 87 -10.56 27.27 -15.55
CA ALA A 87 -10.66 25.82 -15.54
C ALA A 87 -11.05 25.34 -14.13
N VAL A 88 -12.15 24.59 -14.05
CA VAL A 88 -12.77 24.25 -12.77
C VAL A 88 -12.57 22.78 -12.40
N THR A 89 -12.85 21.89 -13.34
CA THR A 89 -12.74 20.47 -13.08
C THR A 89 -12.00 19.76 -14.18
N LEU A 90 -11.41 18.62 -13.81
CA LEU A 90 -10.72 17.74 -14.74
C LEU A 90 -11.20 16.29 -14.53
N LYS A 91 -11.48 15.60 -15.62
CA LYS A 91 -11.48 14.15 -15.63
C LYS A 91 -10.36 13.71 -16.59
N THR A 92 -9.63 12.68 -16.19
CA THR A 92 -8.51 12.21 -16.99
C THR A 92 -8.37 10.69 -16.84
N GLU A 93 -7.81 10.07 -17.87
CA GLU A 93 -7.68 8.63 -17.92
C GLU A 93 -6.53 8.22 -18.84
N VAL A 94 -5.75 7.22 -18.44
CA VAL A 94 -4.78 6.61 -19.35
C VAL A 94 -5.53 5.69 -20.33
N ILE A 95 -5.24 5.81 -21.61
CA ILE A 95 -5.97 5.11 -22.67
C ILE A 95 -5.19 3.90 -23.15
N GLY A 96 -5.82 2.72 -23.11
CA GLY A 96 -5.19 1.48 -23.58
C GLY A 96 -4.49 0.65 -22.52
N VAL A 97 -4.96 0.71 -21.27
CA VAL A 97 -4.26 0.02 -20.19
C VAL A 97 -4.14 -1.49 -20.42
N THR A 98 -5.15 -2.06 -21.10
CA THR A 98 -5.20 -3.49 -21.35
C THR A 98 -4.20 -4.02 -22.40
N THR A 99 -3.55 -3.11 -23.14
CA THR A 99 -2.49 -3.51 -24.08
C THR A 99 -1.37 -4.25 -23.37
N LEU A 100 -1.17 -3.94 -22.08
CA LEU A 100 -0.14 -4.57 -21.28
C LEU A 100 -0.39 -6.05 -21.01
N MET A 101 -1.56 -6.55 -21.40
CA MET A 101 -1.83 -7.98 -21.38
C MET A 101 -1.33 -8.76 -22.58
N ASN A 102 -0.76 -8.06 -23.56
CA ASN A 102 -0.09 -8.77 -24.65
C ASN A 102 1.29 -9.21 -24.23
N VAL A 103 1.37 -10.45 -23.74
CA VAL A 103 2.58 -11.06 -23.26
C VAL A 103 2.90 -12.23 -24.17
N HIS A 104 2.54 -12.09 -25.44
CA HIS A 104 2.78 -13.14 -26.45
C HIS A 104 3.47 -12.65 -27.71
N SER A 105 4.17 -11.51 -27.63
CA SER A 105 4.62 -10.73 -28.78
C SER A 105 6.08 -10.34 -28.65
N ASN A 106 6.96 -11.23 -29.09
CA ASN A 106 8.40 -11.01 -29.12
C ASN A 106 9.02 -10.52 -27.82
N GLY A 107 8.53 -11.06 -26.71
CA GLY A 107 9.05 -10.71 -25.40
C GLY A 107 9.99 -11.79 -24.96
N GLN A 108 10.40 -11.72 -23.70
CA GLN A 108 11.35 -12.67 -23.14
C GLN A 108 10.63 -13.51 -22.09
N ALA A 109 10.54 -14.81 -22.32
CA ALA A 109 9.94 -15.72 -21.36
C ALA A 109 10.54 -15.53 -19.98
N THR A 110 9.67 -15.46 -18.97
CA THR A 110 10.11 -15.29 -17.58
C THR A 110 10.81 -16.53 -17.06
N HIS A 111 10.48 -17.69 -17.63
CA HIS A 111 11.11 -18.96 -17.29
C HIS A 111 10.80 -19.89 -18.44
N ASP A 112 11.48 -21.03 -18.51
CA ASP A 112 11.29 -21.98 -19.62
C ASP A 112 9.83 -22.31 -19.83
N ASN A 113 9.35 -22.06 -21.05
CA ASN A 113 7.96 -22.31 -21.50
C ASN A 113 6.94 -21.35 -20.98
N GLY A 114 7.39 -20.31 -20.28
CA GLY A 114 6.50 -19.33 -19.71
C GLY A 114 6.10 -18.24 -20.67
N ALA A 115 5.17 -17.41 -20.21
CA ALA A 115 4.75 -16.24 -20.95
C ALA A 115 5.85 -15.18 -20.92
N ALA A 116 5.67 -14.15 -21.74
CA ALA A 116 6.62 -13.05 -21.80
C ALA A 116 6.52 -12.17 -20.56
N LYS A 117 7.69 -11.68 -20.11
CA LYS A 117 7.77 -10.64 -19.10
C LYS A 117 6.95 -9.43 -19.55
N PRO A 118 5.99 -9.00 -18.70
CA PRO A 118 5.21 -7.83 -19.09
C PRO A 118 5.97 -6.55 -18.86
N VAL A 119 5.43 -5.46 -19.40
CA VAL A 119 5.96 -4.14 -19.21
C VAL A 119 5.99 -3.85 -17.71
N GLN A 120 7.11 -3.35 -17.22
CA GLN A 120 7.29 -3.12 -15.79
C GLN A 120 8.52 -2.29 -15.61
N GLY A 121 8.82 -1.93 -14.37
CA GLY A 121 9.96 -1.11 -14.09
C GLY A 121 9.57 0.36 -14.07
N THR A 122 10.57 1.22 -14.03
CA THR A 122 10.38 2.64 -13.79
C THR A 122 9.22 3.27 -14.61
N SER A 123 8.32 3.96 -13.91
CA SER A 123 7.21 4.68 -14.55
C SER A 123 7.13 6.13 -14.09
N PHE A 124 6.64 6.99 -14.96
CA PHE A 124 6.29 8.36 -14.60
C PHE A 124 4.92 8.68 -15.21
N HIS A 125 3.97 8.95 -14.32
CA HIS A 125 2.63 9.34 -14.69
C HIS A 125 2.41 10.73 -14.17
N PHE A 126 2.11 11.63 -15.10
CA PHE A 126 2.09 13.05 -14.83
C PHE A 126 1.02 13.74 -15.69
N PHE A 127 0.33 14.70 -15.11
CA PHE A 127 -0.55 15.55 -15.92
C PHE A 127 -0.72 16.92 -15.26
N SER A 128 -0.99 17.92 -16.10
CA SER A 128 -1.22 19.27 -15.61
C SER A 128 -2.22 20.00 -16.50
N VAL A 129 -2.93 20.94 -15.88
CA VAL A 129 -3.89 21.81 -16.53
C VAL A 129 -3.54 23.22 -16.09
N GLY A 130 -3.31 24.10 -17.07
CA GLY A 130 -2.96 25.48 -16.79
C GLY A 130 -3.51 26.50 -17.77
N GLY A 131 -3.50 27.75 -17.32
CA GLY A 131 -3.92 28.87 -18.14
C GLY A 131 -2.76 29.51 -18.90
N GLU A 132 -1.65 28.78 -18.94
CA GLU A 132 -0.43 29.17 -19.65
C GLU A 132 0.49 27.95 -19.62
N ALA A 133 1.60 28.03 -20.34
CA ALA A 133 2.51 26.91 -20.49
C ALA A 133 3.03 26.46 -19.12
N LEU A 134 3.18 25.16 -18.96
CA LEU A 134 3.80 24.62 -17.76
C LEU A 134 5.21 25.20 -17.66
N GLU A 135 5.59 25.69 -16.48
CA GLU A 135 6.93 26.20 -16.27
C GLU A 135 7.83 25.09 -15.71
N LEU A 136 9.03 24.96 -16.31
CA LEU A 136 9.93 23.85 -16.04
C LEU A 136 11.19 24.36 -15.39
N GLN A 137 11.73 23.51 -14.50
CA GLN A 137 13.05 23.66 -13.92
C GLN A 137 13.89 22.46 -14.38
N GLY A 138 15.09 22.75 -14.86
CA GLY A 138 15.99 21.72 -15.32
C GLY A 138 16.79 21.15 -14.16
N VAL A 139 16.87 19.82 -14.12
CA VAL A 139 17.69 19.09 -13.16
C VAL A 139 18.17 17.85 -13.90
N VAL A 140 19.45 17.55 -13.78
CA VAL A 140 20.07 16.44 -14.50
C VAL A 140 20.67 15.42 -13.55
N PHE A 141 20.53 14.16 -13.90
CA PHE A 141 21.16 13.10 -13.15
C PHE A 141 22.68 13.27 -13.15
N ASN A 142 23.19 13.60 -14.34
CA ASN A 142 24.61 13.67 -14.64
C ASN A 142 24.79 14.89 -15.52
N TYR A 143 25.48 15.91 -15.00
CA TYR A 143 25.63 17.17 -15.71
C TYR A 143 26.46 17.05 -16.99
N ARG A 144 27.26 15.99 -17.10
CA ARG A 144 28.07 15.75 -18.30
C ARG A 144 27.33 14.98 -19.40
N THR A 145 26.08 14.60 -19.15
CA THR A 145 25.21 14.06 -20.19
C THR A 145 25.11 15.06 -21.34
N THR A 146 25.37 14.60 -22.57
CA THR A 146 25.13 15.39 -23.77
C THR A 146 23.74 15.06 -24.32
N TYR A 147 22.82 16.00 -24.20
CA TYR A 147 21.47 15.81 -24.73
C TYR A 147 21.51 16.11 -26.24
N PRO A 148 20.68 15.40 -27.03
CA PRO A 148 20.87 15.40 -28.49
C PRO A 148 20.20 16.54 -29.23
N ASP A 149 20.69 16.78 -30.45
CA ASP A 149 20.08 17.67 -31.43
C ASP A 149 18.61 17.35 -31.53
N GLY A 150 17.78 18.38 -31.61
CA GLY A 150 16.35 18.18 -31.74
C GLY A 150 15.62 18.08 -30.41
N THR A 151 16.35 18.18 -29.31
CA THR A 151 15.72 18.30 -28.00
C THR A 151 16.10 19.62 -27.36
N ILE A 152 15.30 20.03 -26.38
CA ILE A 152 15.55 21.25 -25.64
C ILE A 152 15.91 20.83 -24.22
N PHE A 153 17.09 21.22 -23.79
CA PHE A 153 17.69 20.67 -22.58
C PHE A 153 18.38 21.77 -21.77
N PRO A 154 18.71 21.49 -20.50
CA PRO A 154 19.38 22.49 -19.70
C PRO A 154 20.74 22.92 -20.31
N LYS A 155 20.87 24.22 -20.58
CA LYS A 155 22.04 24.77 -21.25
C LYS A 155 23.04 25.26 -20.22
N ASN A 156 24.32 25.16 -20.56
CA ASN A 156 25.41 25.52 -19.65
C ASN A 156 25.32 24.76 -18.32
N ALA A 157 25.09 23.46 -18.39
CA ALA A 157 24.97 22.64 -17.19
C ALA A 157 26.30 22.63 -16.46
N THR A 158 26.25 22.71 -15.13
CA THR A 158 27.41 22.63 -14.26
C THR A 158 27.15 21.51 -13.26
N VAL A 159 28.15 21.17 -12.46
CA VAL A 159 27.96 20.16 -11.43
C VAL A 159 26.76 20.51 -10.55
N GLN A 160 26.51 21.80 -10.33
CA GLN A 160 25.37 22.23 -9.51
C GLN A 160 24.01 21.90 -10.15
N SER A 161 23.97 21.71 -11.47
CA SER A 161 22.76 21.27 -12.15
C SER A 161 22.28 19.86 -11.72
N GLN A 162 23.17 19.09 -11.10
CA GLN A 162 22.79 17.79 -10.56
C GLN A 162 21.85 17.88 -9.34
N VAL A 163 21.75 19.07 -8.72
CA VAL A 163 20.87 19.27 -7.56
C VAL A 163 19.91 20.46 -7.68
N MET A 164 20.40 21.62 -8.14
CA MET A 164 19.57 22.81 -8.43
C MET A 164 20.41 23.94 -8.99
N ASN A 165 20.13 24.31 -10.22
CA ASN A 165 20.77 25.44 -10.87
C ASN A 165 19.63 26.28 -11.44
N THR A 166 19.44 27.47 -10.87
CA THR A 166 18.28 28.30 -11.20
C THR A 166 18.34 28.92 -12.60
N GLU A 167 19.48 28.81 -13.29
CA GLU A 167 19.53 29.20 -14.71
C GLU A 167 18.57 28.39 -15.60
N HIS A 168 18.34 27.12 -15.27
CA HIS A 168 17.58 26.21 -16.13
C HIS A 168 16.08 26.36 -15.97
N LYS A 169 15.56 27.45 -16.51
CA LYS A 169 14.13 27.73 -16.57
C LYS A 169 13.65 27.61 -18.01
N ALA A 170 12.47 27.02 -18.20
CA ALA A 170 11.91 26.92 -19.53
C ALA A 170 10.40 26.77 -19.44
N TYR A 171 9.75 26.90 -20.60
CA TYR A 171 8.32 26.69 -20.77
C TYR A 171 8.11 25.42 -21.58
N LEU A 172 7.14 24.62 -21.16
CA LEU A 172 6.76 23.47 -21.96
C LEU A 172 5.90 23.97 -23.11
N ASP A 173 6.57 24.36 -24.19
CA ASP A 173 5.94 25.07 -25.32
C ASP A 173 6.09 24.33 -26.66
N LYS A 174 6.49 23.07 -26.64
CA LYS A 174 6.77 22.32 -27.85
C LYS A 174 6.69 20.82 -27.56
N ASN A 175 6.05 20.10 -28.46
CA ASN A 175 5.87 18.66 -28.31
CA ASN A 175 5.90 18.64 -28.32
C ASN A 175 7.12 17.92 -28.80
N LYS A 176 7.32 16.69 -28.32
CA LYS A 176 8.47 15.85 -28.75
C LYS A 176 9.79 16.59 -28.64
N ALA A 177 9.95 17.39 -27.59
CA ALA A 177 11.11 18.29 -27.52
C ALA A 177 11.80 18.29 -26.16
N TYR A 178 11.03 18.28 -25.08
CA TYR A 178 11.56 18.41 -23.71
C TYR A 178 11.69 17.04 -23.08
N PRO A 179 12.93 16.54 -22.94
CA PRO A 179 13.04 15.19 -22.38
C PRO A 179 12.58 15.11 -20.93
N VAL A 180 11.91 14.02 -20.59
CA VAL A 180 11.37 13.84 -19.26
C VAL A 180 12.46 13.87 -18.19
N GLU A 181 13.60 13.23 -18.49
CA GLU A 181 14.63 13.00 -17.47
C GLU A 181 15.37 14.25 -17.00
N CYS A 182 15.29 15.35 -17.76
CA CYS A 182 16.06 16.54 -17.40
C CYS A 182 15.21 17.75 -17.06
N TRP A 183 13.89 17.59 -17.02
CA TRP A 183 12.97 18.66 -16.64
C TRP A 183 11.91 18.21 -15.68
N VAL A 184 11.58 19.08 -14.73
CA VAL A 184 10.41 18.93 -13.87
C VAL A 184 9.60 20.23 -13.81
N PRO A 185 8.33 20.13 -13.42
CA PRO A 185 7.58 21.32 -13.04
C PRO A 185 8.34 22.14 -12.01
N ASP A 186 8.45 23.45 -12.24
CA ASP A 186 9.15 24.36 -11.38
C ASP A 186 8.22 24.72 -10.22
N PRO A 187 8.54 24.23 -9.02
CA PRO A 187 7.66 24.52 -7.90
C PRO A 187 7.74 25.98 -7.45
N THR A 188 8.73 26.73 -7.96
CA THR A 188 8.89 28.14 -7.59
C THR A 188 7.97 29.02 -8.42
N ARG A 189 7.35 28.44 -9.45
CA ARG A 189 6.46 29.18 -10.32
C ARG A 189 5.14 28.41 -10.43
N ASN A 190 4.55 28.35 -11.63
CA ASN A 190 3.35 27.57 -11.87
C ASN A 190 2.13 27.91 -11.01
N GLU A 191 2.01 29.16 -10.57
CA GLU A 191 0.85 29.62 -9.78
C GLU A 191 -0.47 29.46 -10.57
N ASN A 192 -0.39 29.51 -11.90
CA ASN A 192 -1.59 29.46 -12.75
C ASN A 192 -1.78 28.10 -13.43
N THR A 193 -1.19 27.07 -12.83
CA THR A 193 -1.30 25.70 -13.32
C THR A 193 -1.56 24.78 -12.11
N ARG A 194 -2.24 23.67 -12.36
CA ARG A 194 -2.33 22.61 -11.37
C ARG A 194 -1.64 21.38 -11.97
N TYR A 195 -0.61 20.88 -11.29
CA TYR A 195 0.11 19.69 -11.75
C TYR A 195 0.18 18.58 -10.72
N PHE A 196 0.29 17.36 -11.24
CA PHE A 196 0.24 16.14 -10.45
C PHE A 196 1.11 15.08 -11.13
N GLY A 197 2.01 14.46 -10.36
CA GLY A 197 2.85 13.40 -10.93
C GLY A 197 3.41 12.43 -9.91
N THR A 198 3.69 11.22 -10.39
CA THR A 198 4.31 10.20 -9.58
C THR A 198 5.38 9.47 -10.37
N LEU A 199 6.59 9.47 -9.82
CA LEU A 199 7.67 8.65 -10.32
C LEU A 199 7.70 7.40 -9.43
N THR A 200 7.59 6.23 -10.03
CA THR A 200 7.71 4.97 -9.31
C THR A 200 8.92 4.24 -9.90
N GLY A 201 10.00 4.17 -9.14
CA GLY A 201 11.28 3.59 -9.61
C GLY A 201 11.41 2.09 -9.41
N GLY A 202 12.58 1.54 -9.68
CA GLY A 202 12.85 0.09 -9.54
C GLY A 202 12.69 -0.65 -10.87
N GLU A 203 13.52 -1.65 -11.16
CA GLU A 203 13.42 -2.29 -12.50
C GLU A 203 12.27 -3.26 -12.60
N ASN A 204 11.71 -3.69 -11.47
CA ASN A 204 10.63 -4.66 -11.49
C ASN A 204 9.30 -4.18 -10.97
N VAL A 205 9.11 -2.88 -10.74
CA VAL A 205 7.83 -2.43 -10.19
CA VAL A 205 7.84 -2.41 -10.18
C VAL A 205 6.68 -2.69 -11.14
N PRO A 206 5.55 -3.19 -10.62
CA PRO A 206 4.42 -3.50 -11.46
C PRO A 206 3.64 -2.25 -11.82
N PRO A 207 3.25 -2.08 -13.09
CA PRO A 207 2.29 -1.03 -13.35
C PRO A 207 0.97 -1.31 -12.59
N VAL A 208 0.37 -0.28 -12.01
CA VAL A 208 -0.96 -0.36 -11.42
C VAL A 208 -1.74 0.75 -12.06
N LEU A 209 -2.64 0.41 -12.98
CA LEU A 209 -3.34 1.42 -13.77
C LEU A 209 -4.84 1.31 -13.54
N HIS A 210 -5.42 2.37 -13.01
CA HIS A 210 -6.84 2.41 -12.68
C HIS A 210 -7.57 3.18 -13.74
N ILE A 211 -8.76 2.72 -14.11
CA ILE A 211 -9.61 3.45 -15.04
C ILE A 211 -11.02 3.53 -14.46
N THR A 212 -11.66 4.68 -14.69
CA THR A 212 -13.06 4.90 -14.32
C THR A 212 -13.53 6.21 -14.95
N ASN A 213 -14.81 6.31 -15.22
CA ASN A 213 -15.41 7.58 -15.68
C ASN A 213 -16.17 8.31 -14.55
N THR A 214 -15.91 7.94 -13.30
CA THR A 214 -16.66 8.48 -12.18
C THR A 214 -15.83 9.40 -11.28
N ALA A 215 -14.58 9.68 -11.66
CA ALA A 215 -13.65 10.45 -10.83
C ALA A 215 -13.40 11.81 -11.45
N THR A 216 -13.54 12.85 -10.64
CA THR A 216 -13.28 14.23 -11.07
C THR A 216 -12.26 14.87 -10.13
N THR A 217 -11.31 15.61 -10.69
CA THR A 217 -10.44 16.44 -9.88
C THR A 217 -10.88 17.90 -9.95
N VAL A 218 -11.02 18.54 -8.79
CA VAL A 218 -11.34 19.96 -8.73
C VAL A 218 -10.04 20.77 -8.84
N LEU A 219 -10.03 21.79 -9.68
CA LEU A 219 -8.82 22.57 -9.99
C LEU A 219 -8.74 23.90 -9.26
N LEU A 220 -9.72 24.18 -8.40
CA LEU A 220 -9.75 25.43 -7.66
C LEU A 220 -8.67 25.46 -6.59
N ASP A 221 -8.05 26.61 -6.39
CA ASP A 221 -7.08 26.78 -5.31
C ASP A 221 -7.82 27.07 -4.02
N GLU A 222 -7.07 27.28 -2.94
CA GLU A 222 -7.67 27.52 -1.62
C GLU A 222 -8.54 28.79 -1.55
N PHE A 223 -8.46 29.66 -2.56
CA PHE A 223 -9.36 30.82 -2.64
C PHE A 223 -10.54 30.61 -3.56
N GLY A 224 -10.73 29.41 -4.09
CA GLY A 224 -11.87 29.13 -4.99
C GLY A 224 -11.67 29.51 -6.46
N VAL A 225 -10.42 29.65 -6.88
CA VAL A 225 -10.04 30.10 -8.20
C VAL A 225 -9.21 29.05 -8.94
N GLY A 226 -9.68 28.66 -10.13
CA GLY A 226 -8.92 27.76 -10.99
C GLY A 226 -7.92 28.49 -11.88
N PRO A 227 -7.13 27.73 -12.65
CA PRO A 227 -6.28 28.32 -13.69
C PRO A 227 -7.07 29.29 -14.57
N LEU A 228 -6.51 30.48 -14.81
CA LEU A 228 -7.15 31.48 -15.67
C LEU A 228 -6.42 31.52 -17.01
N CYS A 229 -7.16 31.40 -18.11
CA CYS A 229 -6.56 31.10 -19.40
C CYS A 229 -6.17 32.37 -20.17
N LYS A 230 -4.89 32.72 -20.09
CA LYS A 230 -4.38 33.91 -20.75
C LYS A 230 -4.49 33.76 -22.27
N GLY A 231 -4.97 34.81 -22.93
CA GLY A 231 -5.16 34.80 -24.37
C GLY A 231 -6.11 33.72 -24.84
N ASP A 232 -6.97 33.24 -23.93
CA ASP A 232 -7.96 32.20 -24.26
C ASP A 232 -7.33 30.90 -24.76
N ASN A 233 -6.23 30.50 -24.15
CA ASN A 233 -5.66 29.18 -24.42
C ASN A 233 -5.57 28.36 -23.14
N LEU A 234 -5.93 27.08 -23.26
CA LEU A 234 -5.77 26.10 -22.19
C LEU A 234 -4.57 25.22 -22.52
N TYR A 235 -3.74 24.99 -21.52
CA TYR A 235 -2.55 24.17 -21.68
C TYR A 235 -2.73 22.87 -20.91
N LEU A 236 -2.60 21.77 -21.64
CA LEU A 236 -2.65 20.44 -21.09
C LEU A 236 -1.29 19.81 -21.33
N SER A 237 -0.76 19.16 -20.30
CA SER A 237 0.53 18.49 -20.40
C SER A 237 0.44 17.13 -19.74
N ALA A 238 1.25 16.19 -20.22
CA ALA A 238 1.24 14.81 -19.74
C ALA A 238 2.53 14.02 -19.99
N VAL A 239 2.75 13.07 -19.11
CA VAL A 239 3.71 12.00 -19.36
C VAL A 239 3.10 10.73 -18.81
N ASP A 240 3.10 9.68 -19.60
CA ASP A 240 2.63 8.37 -19.11
C ASP A 240 3.57 7.29 -19.60
N VAL A 241 4.77 7.33 -19.04
CA VAL A 241 5.74 6.26 -19.25
C VAL A 241 5.32 5.11 -18.32
N CYS A 242 4.87 4.00 -18.88
CA CYS A 242 4.28 2.94 -18.07
C CYS A 242 5.30 1.97 -17.50
N GLY A 243 6.49 1.97 -18.08
CA GLY A 243 7.52 1.02 -17.75
C GLY A 243 8.34 0.69 -18.98
N MET A 244 9.07 -0.42 -18.90
CA MET A 244 9.88 -0.90 -20.02
C MET A 244 9.36 -2.23 -20.52
N PHE A 245 9.34 -2.36 -21.86
CA PHE A 245 9.13 -3.62 -22.53
C PHE A 245 10.47 -4.24 -22.78
N THR A 246 10.61 -5.51 -22.38
CA THR A 246 11.82 -6.29 -22.64
C THR A 246 11.56 -7.18 -23.85
N ASN A 247 12.35 -7.06 -24.91
CA ASN A 247 12.16 -8.01 -26.02
C ASN A 247 12.97 -9.27 -25.79
N ARG A 248 12.83 -10.22 -26.72
CA ARG A 248 13.46 -11.53 -26.58
C ARG A 248 14.97 -11.50 -26.44
N SER A 249 15.65 -10.53 -27.05
CA SER A 249 17.10 -10.38 -26.86
C SER A 249 17.47 -9.86 -25.45
N GLY A 250 16.48 -9.38 -24.70
CA GLY A 250 16.74 -8.78 -23.39
C GLY A 250 16.87 -7.27 -23.40
N SER A 251 16.95 -6.65 -24.57
CA SER A 251 17.00 -5.19 -24.65
C SER A 251 15.64 -4.63 -24.25
N GLN A 252 15.66 -3.40 -23.75
CA GLN A 252 14.48 -2.81 -23.16
C GLN A 252 14.15 -1.47 -23.76
N GLN A 253 12.86 -1.22 -23.95
CA GLN A 253 12.38 0.04 -24.48
C GLN A 253 11.28 0.59 -23.59
N TRP A 254 11.28 1.90 -23.41
CA TRP A 254 10.16 2.53 -22.74
C TRP A 254 8.88 2.32 -23.53
N ARG A 255 7.77 2.11 -22.82
CA ARG A 255 6.43 2.07 -23.43
C ARG A 255 5.55 3.10 -22.76
N GLY A 256 4.86 3.91 -23.58
CA GLY A 256 3.94 4.92 -23.09
C GLY A 256 2.54 4.72 -23.62
N LEU A 257 1.59 5.38 -22.96
CA LEU A 257 0.21 5.41 -23.42
C LEU A 257 -0.35 6.83 -23.48
N SER A 258 -1.41 7.00 -24.27
CA SER A 258 -2.09 8.27 -24.41
C SER A 258 -2.89 8.61 -23.16
N ARG A 259 -3.16 9.90 -22.99
CA ARG A 259 -3.97 10.37 -21.86
C ARG A 259 -5.13 11.23 -22.33
N TYR A 260 -6.32 10.89 -21.82
CA TYR A 260 -7.54 11.60 -22.10
C TYR A 260 -7.67 12.72 -21.10
N PHE A 261 -8.17 13.88 -21.55
CA PHE A 261 -8.50 14.99 -20.67
C PHE A 261 -9.91 15.49 -21.00
N LYS A 262 -10.72 15.74 -19.97
CA LYS A 262 -11.94 16.54 -20.15
C LYS A 262 -11.92 17.60 -19.08
N VAL A 263 -12.02 18.86 -19.49
CA VAL A 263 -11.93 19.99 -18.56
C VAL A 263 -13.18 20.87 -18.73
N GLN A 264 -13.81 21.22 -17.60
CA GLN A 264 -14.94 22.14 -17.60
CA GLN A 264 -14.94 22.15 -17.61
C GLN A 264 -14.40 23.50 -17.23
N LEU A 265 -14.83 24.52 -17.97
CA LEU A 265 -14.41 25.89 -17.74
C LEU A 265 -15.60 26.83 -17.60
N ARG A 266 -15.40 27.91 -16.86
CA ARG A 266 -16.43 28.91 -16.72
C ARG A 266 -15.83 30.31 -16.91
N LYS A 267 -16.68 31.28 -17.24
CA LYS A 267 -16.18 32.62 -17.48
C LYS A 267 -16.10 33.37 -16.15
N ARG A 268 -14.96 34.03 -15.95
CA ARG A 268 -14.65 34.79 -14.74
C ARG A 268 -14.25 36.21 -15.12
N ARG A 269 -14.82 37.21 -14.47
CA ARG A 269 -14.38 38.59 -14.71
C ARG A 269 -13.14 38.88 -13.88
N VAL A 270 -12.18 39.58 -14.48
CA VAL A 270 -10.98 40.08 -13.75
C VAL A 270 -10.74 41.57 -14.05
N LYS A 271 -9.82 42.22 -13.33
CA LYS A 271 -9.46 43.63 -13.64
C LYS A 271 -8.00 43.79 -14.03
N GLU B 8 -33.94 15.01 -21.34
CA GLU B 8 -34.51 15.72 -20.15
C GLU B 8 -35.04 14.71 -19.12
N VAL B 9 -34.38 14.64 -17.97
CA VAL B 9 -34.73 13.70 -16.92
C VAL B 9 -35.63 14.41 -15.92
N LEU B 10 -36.80 13.85 -15.67
CA LEU B 10 -37.75 14.48 -14.75
C LEU B 10 -37.80 13.70 -13.44
N GLU B 11 -38.95 13.59 -12.79
CA GLU B 11 -39.02 13.03 -11.44
C GLU B 11 -38.95 11.50 -11.37
N VAL B 12 -38.53 11.04 -10.20
CA VAL B 12 -38.50 9.64 -9.86
C VAL B 12 -39.89 9.19 -9.44
N LYS B 13 -40.31 8.01 -9.89
CA LYS B 13 -41.58 7.43 -9.45
C LYS B 13 -41.43 6.80 -8.06
N THR B 14 -42.51 6.81 -7.29
CA THR B 14 -42.53 6.17 -5.99
C THR B 14 -43.70 5.20 -5.98
N GLY B 15 -43.86 4.48 -4.88
CA GLY B 15 -44.88 3.44 -4.77
C GLY B 15 -44.20 2.10 -4.85
N VAL B 16 -44.90 1.04 -4.42
CA VAL B 16 -44.34 -0.31 -4.36
C VAL B 16 -43.88 -0.79 -5.75
N ASP B 17 -44.64 -0.40 -6.77
CA ASP B 17 -44.40 -0.82 -8.16
C ASP B 17 -43.17 -0.16 -8.85
N SER B 18 -42.49 0.75 -8.17
CA SER B 18 -41.54 1.64 -8.82
C SER B 18 -40.08 1.23 -8.70
N ILE B 19 -39.79 0.15 -7.99
CA ILE B 19 -38.42 -0.32 -7.86
C ILE B 19 -38.31 -1.76 -8.34
N THR B 20 -37.15 -2.11 -8.87
CA THR B 20 -36.87 -3.48 -9.20
C THR B 20 -35.40 -3.78 -8.98
N GLU B 21 -35.05 -5.05 -9.06
CA GLU B 21 -33.72 -5.50 -8.71
C GLU B 21 -33.24 -6.50 -9.73
N VAL B 22 -31.97 -6.40 -10.12
CA VAL B 22 -31.35 -7.43 -10.95
C VAL B 22 -30.23 -8.11 -10.18
N GLU B 23 -30.25 -9.43 -10.19
CA GLU B 23 -29.23 -10.22 -9.54
C GLU B 23 -28.77 -11.27 -10.52
N CYS B 24 -27.47 -11.33 -10.77
CA CYS B 24 -26.92 -12.32 -11.69
C CYS B 24 -25.41 -12.48 -11.55
N PHE B 25 -24.86 -13.45 -12.28
CA PHE B 25 -23.41 -13.58 -12.38
C PHE B 25 -22.99 -13.65 -13.84
N LEU B 26 -21.82 -13.08 -14.12
CA LEU B 26 -21.19 -13.18 -15.44
C LEU B 26 -20.03 -14.14 -15.34
N THR B 27 -20.04 -15.18 -16.16
CA THR B 27 -18.93 -16.10 -16.21
C THR B 27 -17.75 -15.46 -16.97
N PRO B 28 -16.51 -15.82 -16.58
CA PRO B 28 -15.33 -15.29 -17.27
C PRO B 28 -15.17 -15.99 -18.61
N GLU B 29 -14.54 -15.28 -19.56
CA GLU B 29 -14.34 -15.79 -20.91
C GLU B 29 -12.87 -15.74 -21.25
N MET B 30 -12.15 -16.75 -20.77
CA MET B 30 -10.70 -16.79 -20.80
C MET B 30 -10.14 -17.49 -22.03
N GLY B 31 -10.98 -18.20 -22.78
CA GLY B 31 -10.53 -18.91 -23.99
C GLY B 31 -11.07 -20.33 -24.06
N ASP B 32 -11.07 -21.01 -22.91
CA ASP B 32 -11.67 -22.35 -22.75
C ASP B 32 -11.13 -23.35 -23.79
N PRO B 33 -9.82 -23.67 -23.71
CA PRO B 33 -9.18 -24.39 -24.82
C PRO B 33 -9.71 -25.81 -25.04
N ASP B 34 -10.20 -26.48 -24.01
CA ASP B 34 -10.82 -27.78 -24.21
C ASP B 34 -11.96 -28.01 -23.23
N GLU B 35 -12.61 -29.16 -23.35
CA GLU B 35 -13.78 -29.52 -22.56
C GLU B 35 -13.53 -29.56 -21.03
N HIS B 36 -12.27 -29.55 -20.61
CA HIS B 36 -11.93 -29.59 -19.18
C HIS B 36 -11.46 -28.27 -18.62
N LEU B 37 -11.39 -27.24 -19.45
CA LEU B 37 -10.64 -26.05 -19.09
C LEU B 37 -11.42 -24.75 -19.11
N ARG B 38 -12.72 -24.84 -18.85
CA ARG B 38 -13.53 -23.66 -18.58
C ARG B 38 -12.89 -22.80 -17.48
N GLY B 39 -12.75 -21.51 -17.76
CA GLY B 39 -12.16 -20.54 -16.83
C GLY B 39 -10.67 -20.31 -17.04
N PHE B 40 -10.06 -21.09 -17.94
CA PHE B 40 -8.65 -20.98 -18.28
C PHE B 40 -8.50 -20.60 -19.76
N SER B 41 -7.36 -19.99 -20.09
CA SER B 41 -6.94 -19.85 -21.49
C SER B 41 -6.06 -21.04 -21.91
N LYS B 42 -5.86 -21.14 -23.22
CA LYS B 42 -4.76 -21.92 -23.78
C LYS B 42 -3.45 -21.43 -23.15
N SER B 43 -2.49 -22.33 -23.05
CA SER B 43 -1.14 -21.93 -22.71
C SER B 43 -0.65 -20.81 -23.61
N ILE B 44 0.06 -19.88 -23.00
CA ILE B 44 0.55 -18.72 -23.71
C ILE B 44 1.86 -19.06 -24.46
N SER B 45 1.90 -18.84 -25.76
CA SER B 45 3.16 -18.92 -26.50
C SER B 45 3.57 -17.53 -27.02
N ILE B 46 4.87 -17.35 -27.23
CA ILE B 46 5.40 -16.05 -27.61
C ILE B 46 5.88 -16.06 -29.06
N SER B 47 5.40 -15.10 -29.84
CA SER B 47 5.85 -14.99 -31.23
C SER B 47 7.30 -14.53 -31.24
N ASP B 48 8.03 -14.92 -32.28
CA ASP B 48 9.46 -14.61 -32.37
C ASP B 48 9.74 -13.20 -32.89
N THR B 49 8.72 -12.55 -33.45
CA THR B 49 8.83 -11.20 -33.98
C THR B 49 7.50 -10.51 -33.74
N PHE B 50 7.49 -9.18 -33.75
CA PHE B 50 6.23 -8.44 -33.68
C PHE B 50 5.35 -8.79 -34.87
N GLU B 51 5.93 -8.86 -36.07
CA GLU B 51 5.16 -9.10 -37.30
C GLU B 51 4.44 -10.45 -37.25
N SER B 52 5.01 -11.45 -36.57
CA SER B 52 4.40 -12.80 -36.54
C SER B 52 3.48 -13.07 -35.35
N ASP B 53 3.17 -12.03 -34.57
CA ASP B 53 2.19 -12.14 -33.47
C ASP B 53 0.78 -12.40 -34.02
N SER B 54 0.26 -13.60 -33.78
CA SER B 54 -1.04 -14.04 -34.31
C SER B 54 -1.73 -14.94 -33.30
N PRO B 55 -2.18 -14.38 -32.17
CA PRO B 55 -2.71 -15.25 -31.12
C PRO B 55 -3.98 -16.00 -31.54
N ASN B 56 -4.08 -17.27 -31.17
CA ASN B 56 -5.34 -17.98 -31.35
C ASN B 56 -6.40 -17.54 -30.35
N LYS B 57 -7.66 -17.72 -30.73
CA LYS B 57 -8.79 -17.22 -29.94
C LYS B 57 -8.79 -17.78 -28.52
N ASP B 58 -8.51 -19.07 -28.38
CA ASP B 58 -8.59 -19.68 -27.05
C ASP B 58 -7.44 -19.28 -26.14
N MET B 59 -6.49 -18.50 -26.68
CA MET B 59 -5.38 -17.92 -25.90
C MET B 59 -5.69 -16.50 -25.46
N LEU B 60 -6.81 -15.95 -25.91
CA LEU B 60 -7.16 -14.54 -25.62
C LEU B 60 -8.36 -14.36 -24.70
N PRO B 61 -8.12 -13.89 -23.45
CA PRO B 61 -9.28 -13.49 -22.67
C PRO B 61 -10.11 -12.41 -23.37
N CYS B 62 -11.43 -12.52 -23.26
CA CYS B 62 -12.35 -11.55 -23.81
C CYS B 62 -13.21 -10.87 -22.73
N TYR B 63 -13.84 -9.75 -23.09
CA TYR B 63 -14.79 -9.10 -22.18
C TYR B 63 -16.06 -9.96 -22.04
N SER B 64 -16.59 -10.02 -20.82
CA SER B 64 -17.91 -10.61 -20.56
C SER B 64 -18.95 -9.51 -20.60
N VAL B 65 -20.12 -9.84 -21.16
CA VAL B 65 -21.25 -8.90 -21.16
C VAL B 65 -22.55 -9.67 -21.06
N ALA B 66 -23.49 -9.14 -20.29
CA ALA B 66 -24.88 -9.61 -20.32
C ALA B 66 -25.82 -8.43 -20.52
N ARG B 67 -26.80 -8.64 -21.37
CA ARG B 67 -27.94 -7.72 -21.57
C ARG B 67 -29.12 -8.34 -20.85
N ILE B 68 -29.64 -7.64 -19.86
CA ILE B 68 -30.66 -8.19 -18.99
C ILE B 68 -31.95 -7.44 -19.21
N PRO B 69 -32.97 -8.12 -19.77
CA PRO B 69 -34.25 -7.44 -19.98
C PRO B 69 -34.92 -7.12 -18.65
N LEU B 70 -35.54 -5.95 -18.56
CA LEU B 70 -36.21 -5.44 -17.36
C LEU B 70 -37.70 -5.38 -17.62
N PRO B 71 -38.51 -5.27 -16.55
CA PRO B 71 -39.96 -5.26 -16.78
C PRO B 71 -40.31 -4.13 -17.75
N ASN B 72 -41.19 -4.45 -18.69
CA ASN B 72 -41.48 -3.55 -19.81
C ASN B 72 -42.19 -2.30 -19.32
N LEU B 73 -41.81 -1.16 -19.87
CA LEU B 73 -42.50 0.10 -19.61
C LEU B 73 -43.06 0.55 -20.96
N ILE B 82 -43.20 8.68 -20.93
CA ILE B 82 -42.00 7.86 -21.04
C ILE B 82 -41.24 7.62 -19.72
N LEU B 83 -41.26 6.37 -19.28
CA LEU B 83 -40.51 5.93 -18.11
C LEU B 83 -39.34 5.05 -18.54
N MET B 84 -38.23 5.19 -17.80
CA MET B 84 -37.03 4.38 -17.95
C MET B 84 -36.57 3.95 -16.58
N TRP B 85 -36.08 2.73 -16.52
CA TRP B 85 -35.42 2.21 -15.35
C TRP B 85 -34.09 2.89 -15.18
N GLU B 86 -33.82 3.32 -13.95
CA GLU B 86 -32.61 4.02 -13.59
C GLU B 86 -31.84 3.17 -12.59
N ALA B 87 -30.61 2.82 -12.95
CA ALA B 87 -29.75 2.01 -12.07
C ALA B 87 -29.15 2.93 -11.01
N VAL B 88 -29.33 2.57 -9.75
CA VAL B 88 -29.01 3.44 -8.60
C VAL B 88 -27.83 2.89 -7.78
N THR B 89 -27.82 1.60 -7.51
CA THR B 89 -26.76 0.99 -6.70
C THR B 89 -26.35 -0.36 -7.27
N LEU B 90 -25.10 -0.70 -6.95
CA LEU B 90 -24.48 -1.95 -7.33
C LEU B 90 -23.83 -2.59 -6.11
N LYS B 91 -24.05 -3.89 -5.93
CA LYS B 91 -23.16 -4.72 -5.12
C LYS B 91 -22.55 -5.71 -6.06
N THR B 92 -21.25 -5.91 -5.92
CA THR B 92 -20.53 -6.80 -6.82
C THR B 92 -19.43 -7.56 -6.08
N GLU B 93 -19.17 -8.77 -6.56
CA GLU B 93 -18.24 -9.65 -5.91
C GLU B 93 -17.63 -10.64 -6.88
N VAL B 94 -16.33 -10.89 -6.76
CA VAL B 94 -15.68 -11.97 -7.46
C VAL B 94 -15.96 -13.31 -6.77
N ILE B 95 -16.38 -14.30 -7.55
CA ILE B 95 -16.91 -15.54 -7.02
C ILE B 95 -15.86 -16.65 -7.14
N GLY B 96 -15.51 -17.25 -6.00
CA GLY B 96 -14.59 -18.39 -6.00
C GLY B 96 -13.16 -18.01 -5.70
N VAL B 97 -12.95 -16.94 -4.93
CA VAL B 97 -11.60 -16.45 -4.69
C VAL B 97 -10.71 -17.53 -4.07
N THR B 98 -11.30 -18.45 -3.32
CA THR B 98 -10.53 -19.44 -2.55
C THR B 98 -9.99 -20.58 -3.40
N THR B 99 -10.45 -20.67 -4.65
CA THR B 99 -9.92 -21.66 -5.58
C THR B 99 -8.40 -21.51 -5.75
N LEU B 100 -7.89 -20.29 -5.55
CA LEU B 100 -6.45 -19.99 -5.70
C LEU B 100 -5.59 -20.60 -4.59
N MET B 101 -6.22 -21.20 -3.59
CA MET B 101 -5.49 -21.99 -2.59
C MET B 101 -5.23 -23.42 -3.02
N ASN B 102 -5.74 -23.80 -4.20
CA ASN B 102 -5.34 -25.09 -4.72
C ASN B 102 -3.94 -24.99 -5.30
N VAL B 103 -2.97 -25.42 -4.51
CA VAL B 103 -1.56 -25.38 -4.89
C VAL B 103 -1.01 -26.81 -4.96
N HIS B 104 -1.88 -27.76 -5.30
CA HIS B 104 -1.51 -29.18 -5.33
C HIS B 104 -1.88 -29.88 -6.62
N SER B 105 -2.28 -29.13 -7.64
CA SER B 105 -2.86 -29.71 -8.88
C SER B 105 -1.90 -29.59 -10.07
N ASN B 106 -0.87 -30.43 -10.04
CA ASN B 106 0.16 -30.50 -11.09
C ASN B 106 0.70 -29.14 -11.53
N GLY B 107 0.92 -28.25 -10.57
CA GLY B 107 1.62 -27.00 -10.85
C GLY B 107 3.14 -27.19 -10.79
N GLN B 108 3.86 -26.08 -10.74
CA GLN B 108 5.32 -26.08 -10.72
C GLN B 108 5.80 -25.82 -9.29
N ALA B 109 6.37 -26.83 -8.65
CA ALA B 109 6.93 -26.66 -7.32
C ALA B 109 7.82 -25.41 -7.30
N THR B 110 7.70 -24.61 -6.25
CA THR B 110 8.47 -23.38 -6.14
C THR B 110 9.94 -23.68 -5.85
N HIS B 111 10.21 -24.80 -5.19
CA HIS B 111 11.55 -25.26 -4.85
C HIS B 111 11.44 -26.73 -4.55
N ASP B 112 12.56 -27.42 -4.36
CA ASP B 112 12.53 -28.85 -4.09
C ASP B 112 11.62 -29.20 -2.89
N ASN B 113 10.62 -30.03 -3.15
CA ASN B 113 9.66 -30.52 -2.14
C ASN B 113 8.58 -29.52 -1.72
N GLY B 114 8.57 -28.34 -2.36
CA GLY B 114 7.63 -27.29 -2.02
C GLY B 114 6.29 -27.45 -2.71
N ALA B 115 5.33 -26.63 -2.29
CA ALA B 115 4.02 -26.58 -2.91
C ALA B 115 4.13 -25.92 -4.29
N ALA B 116 3.06 -26.03 -5.08
CA ALA B 116 3.06 -25.43 -6.40
C ALA B 116 2.91 -23.92 -6.30
N LYS B 117 3.57 -23.25 -7.23
CA LYS B 117 3.41 -21.82 -7.46
C LYS B 117 1.90 -21.50 -7.62
N PRO B 118 1.38 -20.56 -6.80
CA PRO B 118 -0.01 -20.18 -6.95
C PRO B 118 -0.22 -19.27 -8.13
N VAL B 119 -1.46 -19.14 -8.54
CA VAL B 119 -1.87 -18.20 -9.56
C VAL B 119 -1.39 -16.81 -9.18
N GLN B 120 -0.73 -16.15 -10.13
CA GLN B 120 -0.19 -14.83 -9.89
C GLN B 120 0.19 -14.18 -11.22
N GLY B 121 0.66 -12.94 -11.15
CA GLY B 121 0.99 -12.21 -12.35
C GLY B 121 -0.12 -11.28 -12.81
N THR B 122 0.02 -10.79 -14.02
CA THR B 122 -0.84 -9.75 -14.56
C THR B 122 -2.31 -10.05 -14.36
N SER B 123 -3.03 -9.09 -13.76
CA SER B 123 -4.46 -9.20 -13.55
C SER B 123 -5.19 -7.99 -14.14
N PHE B 124 -6.44 -8.20 -14.54
CA PHE B 124 -7.34 -7.13 -14.93
C PHE B 124 -8.69 -7.40 -14.33
N HIS B 125 -9.10 -6.51 -13.43
CA HIS B 125 -10.40 -6.61 -12.78
C HIS B 125 -11.20 -5.42 -13.14
N PHE B 126 -12.36 -5.65 -13.73
CA PHE B 126 -13.12 -4.62 -14.40
C PHE B 126 -14.60 -4.93 -14.30
N PHE B 127 -15.41 -3.90 -14.06
CA PHE B 127 -16.86 -4.07 -14.18
C PHE B 127 -17.52 -2.75 -14.58
N SER B 128 -18.66 -2.89 -15.25
CA SER B 128 -19.47 -1.73 -15.62
C SER B 128 -20.98 -2.04 -15.59
N VAL B 129 -21.77 -1.00 -15.33
CA VAL B 129 -23.21 -1.05 -15.37
C VAL B 129 -23.65 0.13 -16.23
N GLY B 130 -24.47 -0.13 -17.24
CA GLY B 130 -25.02 0.94 -18.05
C GLY B 130 -26.40 0.66 -18.61
N GLY B 131 -26.99 1.70 -19.17
CA GLY B 131 -28.32 1.63 -19.77
C GLY B 131 -28.24 1.38 -21.26
N GLU B 132 -27.06 0.94 -21.70
CA GLU B 132 -26.78 0.58 -23.08
C GLU B 132 -25.39 -0.08 -23.10
N ALA B 133 -25.03 -0.67 -24.24
CA ALA B 133 -23.74 -1.35 -24.39
C ALA B 133 -22.56 -0.44 -24.04
N LEU B 134 -21.55 -1.06 -23.40
CA LEU B 134 -20.31 -0.35 -23.06
C LEU B 134 -19.66 0.10 -24.35
N GLU B 135 -19.22 1.35 -24.41
CA GLU B 135 -18.59 1.85 -25.63
C GLU B 135 -17.07 1.66 -25.51
N LEU B 136 -16.47 1.10 -26.56
CA LEU B 136 -15.06 0.70 -26.56
C LEU B 136 -14.24 1.53 -27.54
N GLN B 137 -12.98 1.71 -27.15
CA GLN B 137 -11.94 2.30 -28.00
C GLN B 137 -10.86 1.23 -28.15
N GLY B 138 -10.44 0.99 -29.39
CA GLY B 138 -9.38 0.03 -29.67
C GLY B 138 -8.00 0.63 -29.50
N VAL B 139 -7.12 -0.09 -28.81
CA VAL B 139 -5.72 0.27 -28.67
C VAL B 139 -4.96 -1.05 -28.63
N VAL B 140 -3.87 -1.13 -29.38
CA VAL B 140 -3.10 -2.36 -29.47
C VAL B 140 -1.66 -2.16 -29.01
N PHE B 141 -1.13 -3.18 -28.36
CA PHE B 141 0.28 -3.18 -28.00
C PHE B 141 1.20 -3.12 -29.24
N ASN B 142 0.78 -3.85 -30.26
CA ASN B 142 1.55 -4.06 -31.47
C ASN B 142 0.54 -4.12 -32.62
N TYR B 143 0.61 -3.13 -33.52
CA TYR B 143 -0.40 -2.97 -34.57
C TYR B 143 -0.32 -4.11 -35.57
N ARG B 144 0.79 -4.85 -35.59
CA ARG B 144 0.92 -5.94 -36.54
C ARG B 144 0.38 -7.25 -35.96
N THR B 145 -0.11 -7.22 -34.72
CA THR B 145 -0.79 -8.39 -34.16
C THR B 145 -2.00 -8.70 -35.05
N THR B 146 -2.16 -9.97 -35.43
CA THR B 146 -3.31 -10.42 -36.20
C THR B 146 -4.25 -11.08 -35.22
N TYR B 147 -5.42 -10.47 -34.99
CA TYR B 147 -6.44 -11.05 -34.09
C TYR B 147 -7.26 -12.07 -34.88
N PRO B 148 -7.69 -13.17 -34.24
CA PRO B 148 -8.18 -14.30 -35.02
C PRO B 148 -9.65 -14.25 -35.39
N ASP B 149 -10.04 -15.15 -36.28
CA ASP B 149 -11.44 -15.34 -36.64
C ASP B 149 -12.20 -15.69 -35.40
N GLY B 150 -13.40 -15.15 -35.30
CA GLY B 150 -14.23 -15.39 -34.14
C GLY B 150 -14.05 -14.33 -33.08
N THR B 151 -13.12 -13.40 -33.29
CA THR B 151 -13.01 -12.23 -32.40
C THR B 151 -13.31 -10.97 -33.16
N ILE B 152 -13.72 -9.94 -32.44
CA ILE B 152 -13.94 -8.63 -33.05
C ILE B 152 -12.84 -7.73 -32.52
N PHE B 153 -12.16 -7.06 -33.44
CA PHE B 153 -10.89 -6.42 -33.15
C PHE B 153 -10.73 -5.16 -33.98
N PRO B 154 -9.77 -4.30 -33.60
CA PRO B 154 -9.60 -3.05 -34.33
C PRO B 154 -9.24 -3.33 -35.77
N LYS B 155 -10.06 -2.85 -36.70
CA LYS B 155 -9.83 -3.07 -38.11
C LYS B 155 -8.97 -1.93 -38.69
N ASN B 156 -8.19 -2.28 -39.72
CA ASN B 156 -7.30 -1.32 -40.39
C ASN B 156 -6.33 -0.67 -39.42
N ALA B 157 -5.75 -1.49 -38.53
CA ALA B 157 -4.79 -0.97 -37.56
C ALA B 157 -3.60 -0.38 -38.27
N THR B 158 -3.09 0.71 -37.74
CA THR B 158 -1.88 1.33 -38.25
C THR B 158 -0.94 1.45 -37.06
N VAL B 159 0.28 1.90 -37.30
CA VAL B 159 1.22 2.12 -36.22
C VAL B 159 0.66 3.10 -35.17
N GLN B 160 -0.18 4.04 -35.61
CA GLN B 160 -0.81 4.98 -34.70
C GLN B 160 -1.82 4.32 -33.76
N SER B 161 -2.33 3.13 -34.14
CA SER B 161 -3.22 2.38 -33.28
C SER B 161 -2.51 1.90 -32.01
N GLN B 162 -1.18 1.98 -31.98
CA GLN B 162 -0.40 1.64 -30.79
C GLN B 162 -0.52 2.67 -29.68
N VAL B 163 -1.01 3.87 -30.02
CA VAL B 163 -1.24 4.94 -29.03
C VAL B 163 -2.66 5.52 -29.02
N MET B 164 -3.21 5.81 -30.20
CA MET B 164 -4.62 6.23 -30.33
C MET B 164 -5.01 6.37 -31.80
N ASN B 165 -6.03 5.64 -32.20
CA ASN B 165 -6.55 5.77 -33.54
C ASN B 165 -8.06 5.83 -33.38
N THR B 166 -8.63 6.99 -33.67
CA THR B 166 -10.05 7.24 -33.37
C THR B 166 -11.01 6.45 -34.27
N GLU B 167 -10.48 5.80 -35.31
CA GLU B 167 -11.29 4.90 -36.12
C GLU B 167 -11.77 3.70 -35.31
N HIS B 168 -11.01 3.25 -34.29
CA HIS B 168 -11.36 2.01 -33.57
C HIS B 168 -12.41 2.21 -32.50
N LYS B 169 -13.66 2.36 -32.93
CA LYS B 169 -14.82 2.48 -32.04
C LYS B 169 -15.69 1.24 -32.12
N ALA B 170 -16.15 0.73 -30.99
CA ALA B 170 -17.06 -0.42 -30.97
C ALA B 170 -18.01 -0.42 -29.77
N TYR B 171 -18.95 -1.34 -29.80
CA TYR B 171 -19.86 -1.59 -28.71
C TYR B 171 -19.59 -2.99 -28.18
N LEU B 172 -19.48 -3.13 -26.86
CA LEU B 172 -19.40 -4.44 -26.24
C LEU B 172 -20.81 -5.03 -26.29
N ASP B 173 -21.10 -5.66 -27.42
CA ASP B 173 -22.45 -6.12 -27.75
C ASP B 173 -22.44 -7.60 -28.03
N LYS B 174 -21.39 -8.30 -27.63
CA LYS B 174 -21.33 -9.72 -27.83
C LYS B 174 -20.36 -10.32 -26.85
N ASN B 175 -20.81 -11.37 -26.18
CA ASN B 175 -20.03 -12.08 -25.20
C ASN B 175 -18.97 -12.94 -25.90
N LYS B 176 -17.83 -13.14 -25.24
CA LYS B 176 -16.83 -14.09 -25.76
C LYS B 176 -16.31 -13.67 -27.13
N ALA B 177 -16.14 -12.37 -27.36
CA ALA B 177 -15.77 -11.92 -28.70
C ALA B 177 -14.76 -10.77 -28.76
N TYR B 178 -14.83 -9.85 -27.80
CA TYR B 178 -13.98 -8.68 -27.78
C TYR B 178 -12.77 -8.98 -26.89
N PRO B 179 -11.57 -9.15 -27.49
CA PRO B 179 -10.44 -9.51 -26.65
C PRO B 179 -10.05 -8.38 -25.71
N VAL B 180 -9.77 -8.72 -24.46
CA VAL B 180 -9.42 -7.74 -23.47
C VAL B 180 -8.25 -6.85 -23.89
N GLU B 181 -7.22 -7.46 -24.48
CA GLU B 181 -5.95 -6.75 -24.72
C GLU B 181 -5.99 -5.65 -25.78
N CYS B 182 -6.99 -5.65 -26.66
CA CYS B 182 -7.10 -4.63 -27.71
C CYS B 182 -8.27 -3.66 -27.59
N TRP B 183 -9.04 -3.74 -26.50
CA TRP B 183 -10.13 -2.80 -26.26
C TRP B 183 -10.12 -2.28 -24.84
N VAL B 184 -10.46 -1.00 -24.69
CA VAL B 184 -10.74 -0.40 -23.39
C VAL B 184 -12.05 0.38 -23.47
N PRO B 185 -12.67 0.68 -22.31
CA PRO B 185 -13.79 1.64 -22.31
C PRO B 185 -13.37 2.95 -22.94
N ASP B 186 -14.22 3.49 -23.80
CA ASP B 186 -13.94 4.73 -24.52
C ASP B 186 -14.26 5.91 -23.59
N PRO B 187 -13.22 6.62 -23.09
CA PRO B 187 -13.49 7.70 -22.16
C PRO B 187 -14.19 8.88 -22.80
N THR B 188 -14.17 8.96 -24.14
CA THR B 188 -14.86 10.04 -24.84
C THR B 188 -16.37 9.81 -24.93
N ARG B 189 -16.84 8.62 -24.58
CA ARG B 189 -18.27 8.34 -24.64
CA ARG B 189 -18.26 8.31 -24.64
C ARG B 189 -18.71 7.79 -23.28
N ASN B 190 -19.57 6.76 -23.25
CA ASN B 190 -20.04 6.16 -21.99
C ASN B 190 -20.70 7.10 -20.96
N GLU B 191 -21.38 8.12 -21.45
CA GLU B 191 -22.15 9.01 -20.58
C GLU B 191 -23.22 8.23 -19.78
N ASN B 192 -23.73 7.13 -20.34
CA ASN B 192 -24.85 6.38 -19.74
C ASN B 192 -24.41 5.04 -19.13
N THR B 193 -23.14 4.98 -18.74
CA THR B 193 -22.54 3.79 -18.14
C THR B 193 -21.60 4.26 -17.03
N ARG B 194 -21.41 3.44 -16.00
CA ARG B 194 -20.39 3.68 -14.99
C ARG B 194 -19.45 2.50 -15.05
N TYR B 195 -18.17 2.77 -15.23
CA TYR B 195 -17.20 1.70 -15.33
C TYR B 195 -16.01 1.92 -14.41
N PHE B 196 -15.39 0.80 -14.04
CA PHE B 196 -14.34 0.76 -13.06
C PHE B 196 -13.40 -0.39 -13.38
N GLY B 197 -12.10 -0.13 -13.48
CA GLY B 197 -11.14 -1.21 -13.72
C GLY B 197 -9.74 -0.96 -13.20
N THR B 198 -9.02 -2.05 -12.90
CA THR B 198 -7.63 -1.97 -12.52
C THR B 198 -6.80 -3.04 -13.23
N LEU B 199 -5.74 -2.58 -13.90
CA LEU B 199 -4.74 -3.44 -14.48
C LEU B 199 -3.56 -3.42 -13.50
N THR B 200 -3.20 -4.58 -12.98
CA THR B 200 -2.00 -4.74 -12.19
C THR B 200 -1.05 -5.66 -12.93
N GLY B 201 0.08 -5.13 -13.38
CA GLY B 201 1.04 -5.84 -14.23
C GLY B 201 2.15 -6.51 -13.44
N GLY B 202 3.05 -7.19 -14.11
CA GLY B 202 4.15 -7.91 -13.43
C GLY B 202 3.88 -9.40 -13.37
N GLU B 203 4.90 -10.22 -13.64
CA GLU B 203 4.72 -11.67 -13.60
C GLU B 203 4.57 -12.26 -12.20
N ASN B 204 4.98 -11.53 -11.17
CA ASN B 204 4.94 -12.06 -9.82
C ASN B 204 3.93 -11.36 -8.93
N VAL B 205 3.10 -10.48 -9.45
CA VAL B 205 2.19 -9.77 -8.57
C VAL B 205 1.17 -10.69 -7.94
N PRO B 206 0.98 -10.53 -6.62
CA PRO B 206 0.05 -11.36 -5.88
C PRO B 206 -1.39 -10.93 -6.14
N PRO B 207 -2.28 -11.89 -6.44
CA PRO B 207 -3.69 -11.53 -6.38
C PRO B 207 -4.06 -11.05 -4.96
N VAL B 208 -4.79 -9.95 -4.90
CA VAL B 208 -5.40 -9.47 -3.67
C VAL B 208 -6.90 -9.36 -3.92
N LEU B 209 -7.65 -10.34 -3.39
CA LEU B 209 -9.09 -10.43 -3.68
C LEU B 209 -9.92 -10.31 -2.39
N HIS B 210 -10.67 -9.21 -2.28
CA HIS B 210 -11.51 -8.96 -1.12
C HIS B 210 -12.92 -9.37 -1.42
N ILE B 211 -13.58 -9.95 -0.42
CA ILE B 211 -15.01 -10.25 -0.52
C ILE B 211 -15.72 -9.70 0.69
N THR B 212 -16.93 -9.21 0.47
CA THR B 212 -17.84 -8.84 1.54
C THR B 212 -19.24 -8.61 0.95
N ASN B 213 -20.27 -8.76 1.79
CA ASN B 213 -21.63 -8.44 1.37
C ASN B 213 -22.11 -7.11 1.99
N THR B 214 -21.17 -6.26 2.40
CA THR B 214 -21.48 -5.03 3.10
C THR B 214 -21.12 -3.78 2.28
N ALA B 215 -20.64 -3.97 1.06
CA ALA B 215 -20.14 -2.87 0.23
C ALA B 215 -21.11 -2.57 -0.94
N THR B 216 -21.47 -1.30 -1.09
CA THR B 216 -22.39 -0.83 -2.11
C THR B 216 -21.73 0.33 -2.87
N THR B 217 -21.84 0.33 -4.20
CA THR B 217 -21.41 1.43 -5.04
C THR B 217 -22.64 2.19 -5.54
N VAL B 218 -22.66 3.51 -5.34
CA VAL B 218 -23.73 4.37 -5.81
C VAL B 218 -23.42 4.74 -7.29
N LEU B 219 -24.41 4.57 -8.18
CA LEU B 219 -24.21 4.73 -9.62
C LEU B 219 -24.66 6.09 -10.14
N LEU B 220 -25.13 6.93 -9.23
CA LEU B 220 -25.62 8.26 -9.59
C LEU B 220 -24.47 9.16 -10.00
N ASP B 221 -24.69 9.99 -11.01
CA ASP B 221 -23.69 10.97 -11.39
C ASP B 221 -23.78 12.19 -10.47
N GLU B 222 -22.98 13.21 -10.78
CA GLU B 222 -22.95 14.40 -9.95
C GLU B 222 -24.29 15.15 -9.93
N PHE B 223 -25.18 14.87 -10.88
CA PHE B 223 -26.53 15.45 -10.88
C PHE B 223 -27.58 14.54 -10.25
N GLY B 224 -27.16 13.44 -9.63
CA GLY B 224 -28.09 12.51 -8.99
C GLY B 224 -28.81 11.57 -9.96
N VAL B 225 -28.27 11.40 -11.16
CA VAL B 225 -28.88 10.57 -12.19
C VAL B 225 -27.99 9.36 -12.47
N GLY B 226 -28.59 8.18 -12.45
CA GLY B 226 -27.89 6.94 -12.77
C GLY B 226 -28.09 6.54 -14.22
N PRO B 227 -27.44 5.45 -14.64
CA PRO B 227 -27.67 4.96 -15.99
C PRO B 227 -29.15 4.73 -16.30
N LEU B 228 -29.57 5.18 -17.47
CA LEU B 228 -30.97 5.07 -17.89
C LEU B 228 -31.12 4.00 -18.97
N CYS B 229 -31.96 3.00 -18.71
CA CYS B 229 -31.95 1.75 -19.49
C CYS B 229 -32.80 1.82 -20.78
N LYS B 230 -32.13 2.07 -21.90
CA LYS B 230 -32.81 2.19 -23.18
C LYS B 230 -33.42 0.86 -23.62
N GLY B 231 -34.67 0.91 -24.07
CA GLY B 231 -35.41 -0.30 -24.45
C GLY B 231 -35.57 -1.27 -23.30
N ASP B 232 -35.52 -0.76 -22.07
CA ASP B 232 -35.68 -1.60 -20.86
C ASP B 232 -34.66 -2.75 -20.80
N ASN B 233 -33.41 -2.44 -21.12
CA ASN B 233 -32.32 -3.38 -20.99
C ASN B 233 -31.22 -2.81 -20.12
N LEU B 234 -30.68 -3.65 -19.24
CA LEU B 234 -29.56 -3.33 -18.41
C LEU B 234 -28.34 -4.08 -18.95
N TYR B 235 -27.22 -3.36 -19.09
CA TYR B 235 -25.99 -3.93 -19.59
C TYR B 235 -24.97 -4.02 -18.49
N LEU B 236 -24.52 -5.25 -18.24
CA LEU B 236 -23.47 -5.54 -17.28
C LEU B 236 -22.28 -6.13 -18.01
N SER B 237 -21.08 -5.67 -17.66
CA SER B 237 -19.86 -6.13 -18.29
C SER B 237 -18.78 -6.33 -17.25
N ALA B 238 -17.88 -7.26 -17.52
CA ALA B 238 -16.83 -7.60 -16.58
C ALA B 238 -15.61 -8.26 -17.23
N VAL B 239 -14.48 -8.08 -16.56
CA VAL B 239 -13.30 -8.90 -16.78
C VAL B 239 -12.68 -9.16 -15.42
N ASP B 240 -12.34 -10.42 -15.16
CA ASP B 240 -11.63 -10.78 -13.94
C ASP B 240 -10.59 -11.84 -14.25
N VAL B 241 -9.55 -11.38 -14.96
CA VAL B 241 -8.35 -12.15 -15.18
C VAL B 241 -7.59 -12.01 -13.87
N CYS B 242 -7.44 -13.11 -13.14
CA CYS B 242 -6.87 -13.07 -11.79
C CYS B 242 -5.37 -13.17 -11.80
N GLY B 243 -4.83 -13.67 -12.92
CA GLY B 243 -3.43 -13.98 -13.05
C GLY B 243 -3.24 -15.18 -13.96
N MET B 244 -2.08 -15.81 -13.86
CA MET B 244 -1.77 -17.02 -14.61
C MET B 244 -1.49 -18.19 -13.69
N PHE B 245 -1.94 -19.37 -14.13
CA PHE B 245 -1.56 -20.65 -13.56
C PHE B 245 -0.36 -21.20 -14.31
N THR B 246 0.67 -21.57 -13.56
CA THR B 246 1.85 -22.21 -14.10
C THR B 246 1.79 -23.74 -13.93
N ASN B 247 1.82 -24.45 -15.04
CA ASN B 247 1.89 -25.91 -15.02
C ASN B 247 3.27 -26.41 -14.63
N ARG B 248 3.36 -27.71 -14.32
CA ARG B 248 4.64 -28.33 -14.00
C ARG B 248 5.69 -28.01 -15.06
N SER B 249 5.26 -28.04 -16.32
CA SER B 249 6.15 -27.83 -17.44
C SER B 249 6.69 -26.41 -17.51
N GLY B 250 6.02 -25.47 -16.84
CA GLY B 250 6.42 -24.05 -16.91
C GLY B 250 5.47 -23.26 -17.80
N SER B 251 4.68 -23.96 -18.61
CA SER B 251 3.67 -23.28 -19.46
C SER B 251 2.65 -22.56 -18.58
N GLN B 252 2.12 -21.45 -19.08
CA GLN B 252 1.21 -20.61 -18.30
C GLN B 252 -0.12 -20.34 -18.99
N GLN B 253 -1.19 -20.38 -18.20
CA GLN B 253 -2.53 -20.13 -18.71
C GLN B 253 -3.17 -19.07 -17.87
N TRP B 254 -3.92 -18.16 -18.49
CA TRP B 254 -4.73 -17.23 -17.74
C TRP B 254 -5.79 -17.97 -16.99
N ARG B 255 -6.14 -17.51 -15.78
CA ARG B 255 -7.25 -18.03 -15.00
C ARG B 255 -8.15 -16.89 -14.61
N GLY B 256 -9.45 -17.06 -14.86
CA GLY B 256 -10.45 -16.05 -14.48
C GLY B 256 -11.53 -16.61 -13.57
N LEU B 257 -12.26 -15.70 -12.95
CA LEU B 257 -13.38 -16.05 -12.08
C LEU B 257 -14.64 -15.27 -12.47
N SER B 258 -15.79 -15.82 -12.09
CA SER B 258 -17.07 -15.17 -12.32
C SER B 258 -17.24 -13.96 -11.41
N ARG B 259 -18.12 -13.07 -11.83
CA ARG B 259 -18.48 -11.88 -11.07
C ARG B 259 -19.98 -11.75 -10.84
N TYR B 260 -20.32 -11.59 -9.56
CA TYR B 260 -21.68 -11.36 -9.10
C TYR B 260 -22.02 -9.87 -9.22
N PHE B 261 -23.24 -9.60 -9.67
CA PHE B 261 -23.81 -8.24 -9.76
C PHE B 261 -25.17 -8.26 -9.08
N LYS B 262 -25.45 -7.29 -8.22
CA LYS B 262 -26.83 -7.03 -7.78
C LYS B 262 -27.06 -5.55 -7.93
N VAL B 263 -28.01 -5.20 -8.78
CA VAL B 263 -28.30 -3.80 -9.11
C VAL B 263 -29.71 -3.44 -8.69
N GLN B 264 -29.87 -2.29 -8.01
CA GLN B 264 -31.16 -1.71 -7.70
C GLN B 264 -31.52 -0.64 -8.71
N LEU B 265 -32.76 -0.68 -9.16
CA LEU B 265 -33.26 0.27 -10.14
C LEU B 265 -34.58 0.88 -9.73
N ARG B 266 -34.79 2.11 -10.17
CA ARG B 266 -36.03 2.81 -9.89
C ARG B 266 -36.57 3.38 -11.20
N LYS B 267 -37.87 3.62 -11.27
CA LYS B 267 -38.45 4.20 -12.48
C LYS B 267 -38.28 5.71 -12.50
N ARG B 268 -37.87 6.23 -13.64
CA ARG B 268 -37.63 7.63 -13.81
C ARG B 268 -38.38 8.11 -15.05
N ARG B 269 -39.09 9.22 -14.92
CA ARG B 269 -39.78 9.82 -16.05
C ARG B 269 -38.78 10.71 -16.79
N VAL B 270 -38.82 10.65 -18.12
CA VAL B 270 -38.01 11.52 -18.99
C VAL B 270 -38.91 12.19 -20.05
N LYS B 271 -38.43 13.26 -20.70
CA LYS B 271 -39.29 14.05 -21.64
C LYS B 271 -39.15 13.62 -23.10
N VAL C 7 -40.79 -11.54 9.76
CA VAL C 7 -40.33 -10.83 8.53
C VAL C 7 -40.23 -9.31 8.77
N GLU C 8 -41.16 -8.78 9.58
CA GLU C 8 -41.20 -7.34 9.88
C GLU C 8 -40.46 -6.95 11.16
N VAL C 9 -39.49 -6.03 11.01
CA VAL C 9 -38.65 -5.59 12.11
C VAL C 9 -39.20 -4.32 12.76
N LEU C 10 -39.48 -4.39 14.06
CA LEU C 10 -40.04 -3.27 14.80
C LEU C 10 -38.99 -2.67 15.73
N GLU C 11 -39.39 -2.19 16.91
CA GLU C 11 -38.48 -1.42 17.75
C GLU C 11 -37.47 -2.26 18.57
N VAL C 12 -36.38 -1.59 18.95
CA VAL C 12 -35.40 -2.14 19.85
C VAL C 12 -35.92 -2.03 21.29
N LYS C 13 -35.82 -3.10 22.06
CA LYS C 13 -36.14 -3.04 23.49
C LYS C 13 -34.95 -2.43 24.21
N THR C 14 -35.22 -1.56 25.19
CA THR C 14 -34.20 -0.89 26.00
C THR C 14 -34.33 -1.36 27.45
N GLY C 15 -33.50 -0.84 28.34
CA GLY C 15 -33.57 -1.20 29.76
C GLY C 15 -32.50 -2.20 30.15
N VAL C 16 -32.60 -2.69 31.38
CA VAL C 16 -31.52 -3.45 32.01
C VAL C 16 -31.28 -4.77 31.29
N ASP C 17 -32.32 -5.58 31.15
CA ASP C 17 -32.21 -6.90 30.53
C ASP C 17 -31.88 -6.95 29.01
N SER C 18 -31.79 -5.79 28.36
CA SER C 18 -31.95 -5.71 26.90
C SER C 18 -30.69 -5.89 26.03
N ILE C 19 -29.53 -6.02 26.65
CA ILE C 19 -28.30 -6.22 25.91
C ILE C 19 -27.55 -7.41 26.48
N THR C 20 -26.73 -8.02 25.63
CA THR C 20 -25.89 -9.11 26.05
C THR C 20 -24.67 -9.11 25.16
N GLU C 21 -23.70 -9.91 25.53
CA GLU C 21 -22.43 -9.90 24.85
C GLU C 21 -21.92 -11.32 24.71
N VAL C 22 -21.41 -11.65 23.54
CA VAL C 22 -20.79 -12.94 23.29
C VAL C 22 -19.30 -12.71 23.08
N GLU C 23 -18.51 -13.56 23.69
CA GLU C 23 -17.09 -13.46 23.54
C GLU C 23 -16.52 -14.87 23.42
N CYS C 24 -15.75 -15.13 22.39
CA CYS C 24 -15.15 -16.44 22.21
C CYS C 24 -14.00 -16.42 21.19
N PHE C 25 -13.37 -17.57 21.02
CA PHE C 25 -12.36 -17.74 20.01
C PHE C 25 -12.69 -18.99 19.20
N LEU C 26 -12.38 -18.91 17.90
CA LEU C 26 -12.51 -20.03 17.00
C LEU C 26 -11.12 -20.51 16.67
N THR C 27 -10.86 -21.78 16.93
CA THR C 27 -9.60 -22.37 16.56
C THR C 27 -9.55 -22.64 15.05
N PRO C 28 -8.36 -22.56 14.46
CA PRO C 28 -8.21 -22.86 13.05
C PRO C 28 -8.27 -24.35 12.78
N GLU C 29 -8.74 -24.73 11.60
CA GLU C 29 -8.80 -26.13 11.19
C GLU C 29 -8.00 -26.36 9.89
N MET C 30 -6.69 -26.56 10.07
CA MET C 30 -5.73 -26.62 8.98
C MET C 30 -5.45 -28.05 8.47
N GLY C 31 -5.90 -29.06 9.22
CA GLY C 31 -5.74 -30.44 8.81
C GLY C 31 -5.20 -31.33 9.91
N ASP C 32 -4.32 -30.80 10.75
CA ASP C 32 -3.86 -31.47 11.97
C ASP C 32 -3.41 -32.90 11.70
N PRO C 33 -2.32 -33.06 10.93
CA PRO C 33 -1.93 -34.39 10.44
C PRO C 33 -1.43 -35.38 11.50
N ASP C 34 -0.99 -34.90 12.65
CA ASP C 34 -0.69 -35.79 13.78
C ASP C 34 -0.93 -35.09 15.11
N GLU C 35 -0.65 -35.81 16.20
CA GLU C 35 -0.89 -35.34 17.56
C GLU C 35 -0.02 -34.14 17.99
N HIS C 36 0.99 -33.79 17.18
CA HIS C 36 1.87 -32.67 17.52
C HIS C 36 1.63 -31.43 16.70
N LEU C 37 0.70 -31.50 15.75
CA LEU C 37 0.65 -30.52 14.68
C LEU C 37 -0.70 -29.79 14.56
N ARG C 38 -1.37 -29.60 15.68
CA ARG C 38 -2.53 -28.72 15.76
C ARG C 38 -2.17 -27.33 15.23
N GLY C 39 -2.95 -26.83 14.28
CA GLY C 39 -2.69 -25.51 13.67
C GLY C 39 -1.92 -25.58 12.35
N PHE C 40 -1.42 -26.77 12.01
CA PHE C 40 -0.70 -27.02 10.76
C PHE C 40 -1.47 -27.99 9.86
N SER C 41 -1.21 -27.94 8.56
CA SER C 41 -1.67 -28.98 7.64
C SER C 41 -0.60 -30.04 7.47
N LYS C 42 -0.99 -31.15 6.84
CA LYS C 42 -0.02 -32.06 6.27
C LYS C 42 0.83 -31.30 5.24
N SER C 43 2.07 -31.72 5.09
CA SER C 43 2.90 -31.22 4.00
C SER C 43 2.17 -31.32 2.67
N ILE C 44 2.35 -30.30 1.85
CA ILE C 44 1.62 -30.21 0.60
C ILE C 44 2.35 -31.01 -0.48
N SER C 45 1.66 -31.97 -1.09
CA SER C 45 2.22 -32.66 -2.24
C SER C 45 1.48 -32.25 -3.52
N ILE C 46 2.17 -32.33 -4.64
CA ILE C 46 1.63 -31.96 -5.95
C ILE C 46 1.26 -33.22 -6.74
N SER C 47 0.06 -33.23 -7.34
CA SER C 47 -0.44 -34.36 -8.13
C SER C 47 0.42 -34.55 -9.37
N ASP C 48 0.49 -35.79 -9.84
CA ASP C 48 1.32 -36.16 -10.99
C ASP C 48 0.80 -35.57 -12.31
N THR C 49 -0.51 -35.43 -12.42
CA THR C 49 -1.18 -34.88 -13.60
C THR C 49 -2.26 -33.95 -13.11
N PHE C 50 -2.79 -33.11 -13.99
CA PHE C 50 -3.90 -32.23 -13.59
C PHE C 50 -5.13 -33.04 -13.18
N GLU C 51 -5.47 -34.03 -14.00
CA GLU C 51 -6.60 -34.93 -13.78
C GLU C 51 -6.55 -35.72 -12.47
N SER C 52 -5.35 -36.05 -12.00
CA SER C 52 -5.18 -36.93 -10.85
C SER C 52 -5.13 -36.20 -9.49
N ASP C 53 -5.43 -34.90 -9.48
CA ASP C 53 -5.50 -34.11 -8.25
C ASP C 53 -6.42 -34.79 -7.23
N SER C 54 -5.87 -35.11 -6.07
CA SER C 54 -6.58 -35.90 -5.07
CA SER C 54 -6.57 -35.90 -5.07
C SER C 54 -6.02 -35.58 -3.68
N PRO C 55 -6.28 -34.38 -3.17
CA PRO C 55 -5.67 -34.02 -1.89
C PRO C 55 -6.19 -34.82 -0.70
N ASN C 56 -5.27 -35.24 0.18
CA ASN C 56 -5.69 -35.84 1.44
C ASN C 56 -6.36 -34.83 2.35
N LYS C 57 -7.24 -35.31 3.21
CA LYS C 57 -8.03 -34.48 4.11
C LYS C 57 -7.15 -33.62 5.01
N ASP C 58 -6.09 -34.22 5.54
CA ASP C 58 -5.15 -33.59 6.47
CA ASP C 58 -5.22 -33.53 6.49
C ASP C 58 -4.34 -32.47 5.83
N MET C 59 -4.40 -32.39 4.50
CA MET C 59 -3.68 -31.38 3.72
C MET C 59 -4.60 -30.21 3.35
N LEU C 60 -5.89 -30.28 3.69
CA LEU C 60 -6.87 -29.24 3.30
C LEU C 60 -7.37 -28.40 4.48
N PRO C 61 -6.94 -27.13 4.55
CA PRO C 61 -7.59 -26.27 5.54
C PRO C 61 -9.11 -26.18 5.32
N CYS C 62 -9.88 -26.12 6.40
CA CYS C 62 -11.33 -26.00 6.33
C CYS C 62 -11.84 -24.73 7.04
N TYR C 63 -13.08 -24.36 6.71
CA TYR C 63 -13.76 -23.29 7.41
C TYR C 63 -14.00 -23.70 8.87
N SER C 64 -13.84 -22.75 9.79
CA SER C 64 -14.23 -22.89 11.17
C SER C 64 -15.59 -22.24 11.39
N VAL C 65 -16.37 -22.83 12.29
CA VAL C 65 -17.67 -22.29 12.65
C VAL C 65 -18.00 -22.63 14.10
N ALA C 66 -18.60 -21.68 14.79
CA ALA C 66 -19.19 -21.93 16.10
C ALA C 66 -20.59 -21.37 16.13
N ARG C 67 -21.51 -22.17 16.65
CA ARG C 67 -22.86 -21.75 16.98
C ARG C 67 -22.92 -21.48 18.49
N ILE C 68 -23.17 -20.23 18.87
CA ILE C 68 -23.17 -19.83 20.28
C ILE C 68 -24.62 -19.64 20.76
N PRO C 69 -25.05 -20.43 21.76
CA PRO C 69 -26.40 -20.21 22.32
C PRO C 69 -26.50 -18.86 23.04
N LEU C 70 -27.61 -18.16 22.86
CA LEU C 70 -27.84 -16.86 23.50
C LEU C 70 -28.90 -17.00 24.58
N PRO C 71 -29.03 -16.00 25.47
CA PRO C 71 -30.08 -16.10 26.48
C PRO C 71 -31.44 -16.34 25.84
N ASN C 72 -32.16 -17.30 26.37
CA ASN C 72 -33.40 -17.74 25.80
C ASN C 72 -34.44 -16.63 25.88
N LEU C 73 -35.05 -16.30 24.75
CA LEU C 73 -36.14 -15.34 24.70
C LEU C 73 -37.47 -16.06 24.49
N ILE C 82 -42.88 -11.30 19.71
CA ILE C 82 -41.65 -12.03 19.42
C ILE C 82 -40.37 -11.17 19.46
N LEU C 83 -39.42 -11.57 20.30
CA LEU C 83 -38.12 -10.92 20.39
C LEU C 83 -37.01 -11.79 19.81
N MET C 84 -36.04 -11.14 19.17
CA MET C 84 -34.83 -11.77 18.67
C MET C 84 -33.63 -10.93 19.06
N TRP C 85 -32.53 -11.60 19.38
CA TRP C 85 -31.26 -10.97 19.53
C TRP C 85 -30.76 -10.47 18.19
N GLU C 86 -30.37 -9.20 18.16
CA GLU C 86 -29.81 -8.54 16.99
C GLU C 86 -28.33 -8.22 17.24
N ALA C 87 -27.45 -8.70 16.37
CA ALA C 87 -26.02 -8.46 16.50
C ALA C 87 -25.71 -7.08 15.91
N VAL C 88 -25.05 -6.24 16.69
CA VAL C 88 -24.86 -4.81 16.37
C VAL C 88 -23.40 -4.47 16.07
N THR C 89 -22.49 -4.98 16.89
CA THR C 89 -21.07 -4.69 16.72
C THR C 89 -20.22 -5.92 16.94
N LEU C 90 -19.02 -5.86 16.37
CA LEU C 90 -18.04 -6.90 16.44
C LEU C 90 -16.66 -6.31 16.68
N LYS C 91 -15.94 -6.89 17.62
CA LYS C 91 -14.49 -6.75 17.68
C LYS C 91 -13.88 -8.09 17.41
N THR C 92 -12.85 -8.11 16.58
CA THR C 92 -12.24 -9.36 16.21
C THR C 92 -10.74 -9.17 16.00
N GLU C 93 -10.01 -10.25 16.21
CA GLU C 93 -8.57 -10.21 16.22
C GLU C 93 -8.01 -11.60 16.01
N VAL C 94 -6.95 -11.72 15.21
CA VAL C 94 -6.17 -12.95 15.13
C VAL C 94 -5.31 -13.08 16.40
N ILE C 95 -5.28 -14.28 16.98
CA ILE C 95 -4.63 -14.53 18.25
C ILE C 95 -3.32 -15.30 18.04
N GLY C 96 -2.23 -14.76 18.59
CA GLY C 96 -0.94 -15.39 18.50
C GLY C 96 -0.11 -14.97 17.27
N VAL C 97 -0.28 -13.74 16.80
CA VAL C 97 0.47 -13.25 15.65
C VAL C 97 1.97 -13.30 15.85
N THR C 98 2.44 -13.17 17.09
CA THR C 98 3.88 -13.15 17.33
C THR C 98 4.56 -14.52 17.18
N THR C 99 3.77 -15.59 17.08
CA THR C 99 4.34 -16.93 16.90
C THR C 99 5.14 -17.01 15.59
N LEU C 100 4.79 -16.16 14.62
CA LEU C 100 5.49 -16.12 13.33
C LEU C 100 6.90 -15.53 13.43
N MET C 101 7.28 -15.07 14.62
CA MET C 101 8.66 -14.74 14.91
C MET C 101 9.53 -15.94 15.28
N ASN C 102 8.93 -17.11 15.50
CA ASN C 102 9.76 -18.30 15.71
C ASN C 102 10.41 -18.68 14.38
N VAL C 103 11.66 -18.25 14.17
CA VAL C 103 12.42 -18.59 12.95
C VAL C 103 13.61 -19.49 13.28
N HIS C 104 13.45 -20.32 14.30
CA HIS C 104 14.56 -21.16 14.77
C HIS C 104 14.19 -22.62 14.94
N SER C 105 13.04 -23.03 14.43
CA SER C 105 12.46 -24.34 14.71
C SER C 105 12.50 -25.29 13.50
N ASN C 106 13.71 -25.74 13.18
CA ASN C 106 13.96 -26.64 12.05
C ASN C 106 13.29 -26.22 10.75
N GLY C 107 13.34 -24.91 10.46
CA GLY C 107 12.89 -24.43 9.15
C GLY C 107 14.03 -24.49 8.15
N GLN C 108 13.83 -23.83 7.03
CA GLN C 108 14.81 -23.80 5.95
C GLN C 108 15.54 -22.48 5.99
N ALA C 109 16.85 -22.53 6.24
CA ALA C 109 17.67 -21.33 6.26
C ALA C 109 17.48 -20.56 4.95
N THR C 110 17.35 -19.25 5.04
CA THR C 110 17.16 -18.41 3.86
C THR C 110 18.43 -18.33 3.03
N HIS C 111 19.59 -18.46 3.67
CA HIS C 111 20.91 -18.51 3.01
C HIS C 111 21.85 -19.15 4.00
N ASP C 112 23.10 -19.39 3.59
CA ASP C 112 24.05 -20.04 4.48
C ASP C 112 24.19 -19.28 5.80
N ASN C 113 23.99 -19.99 6.91
CA ASN C 113 24.02 -19.43 8.27
C ASN C 113 22.85 -18.51 8.64
N GLY C 114 21.88 -18.35 7.74
CA GLY C 114 20.79 -17.43 7.98
C GLY C 114 19.76 -18.04 8.90
N ALA C 115 18.80 -17.21 9.33
CA ALA C 115 17.66 -17.70 10.09
C ALA C 115 16.73 -18.47 9.18
N ALA C 116 15.74 -19.14 9.78
CA ALA C 116 14.77 -19.88 9.00
C ALA C 116 13.82 -18.94 8.31
N LYS C 117 13.39 -19.35 7.13
CA LYS C 117 12.37 -18.65 6.37
C LYS C 117 11.11 -18.61 7.22
N PRO C 118 10.52 -17.42 7.39
CA PRO C 118 9.32 -17.34 8.22
C PRO C 118 8.08 -17.77 7.42
N VAL C 119 6.99 -17.98 8.13
CA VAL C 119 5.71 -18.33 7.51
C VAL C 119 5.36 -17.21 6.53
N GLN C 120 4.99 -17.60 5.33
CA GLN C 120 4.69 -16.61 4.31
C GLN C 120 3.95 -17.28 3.17
N GLY C 121 3.57 -16.51 2.16
CA GLY C 121 2.84 -17.08 1.04
C GLY C 121 1.33 -16.94 1.19
N THR C 122 0.63 -17.65 0.33
CA THR C 122 -0.81 -17.52 0.19
C THR C 122 -1.54 -17.51 1.53
N SER C 123 -2.38 -16.50 1.73
CA SER C 123 -3.16 -16.37 2.95
C SER C 123 -4.63 -16.17 2.63
N PHE C 124 -5.50 -16.65 3.52
CA PHE C 124 -6.93 -16.29 3.47
C PHE C 124 -7.38 -15.94 4.88
N HIS C 125 -7.84 -14.69 5.05
CA HIS C 125 -8.34 -14.20 6.33
C HIS C 125 -9.76 -13.79 6.14
N PHE C 126 -10.64 -14.43 6.90
CA PHE C 126 -12.07 -14.37 6.67
C PHE C 126 -12.79 -14.49 8.00
N PHE C 127 -13.85 -13.71 8.16
CA PHE C 127 -14.72 -13.87 9.31
C PHE C 127 -16.13 -13.45 8.98
N SER C 128 -17.10 -14.04 9.67
CA SER C 128 -18.51 -13.67 9.48
C SER C 128 -19.29 -13.79 10.78
N VAL C 129 -20.34 -12.98 10.89
CA VAL C 129 -21.27 -13.00 12.02
C VAL C 129 -22.67 -13.03 11.43
N GLY C 130 -23.49 -13.98 11.84
CA GLY C 130 -24.85 -14.10 11.29
C GLY C 130 -25.84 -14.69 12.27
N GLY C 131 -27.11 -14.54 11.94
CA GLY C 131 -28.20 -15.09 12.77
C GLY C 131 -28.63 -16.49 12.36
N GLU C 132 -27.79 -17.13 11.56
CA GLU C 132 -28.02 -18.46 11.01
C GLU C 132 -26.72 -18.86 10.31
N ALA C 133 -26.63 -20.10 9.86
CA ALA C 133 -25.42 -20.60 9.22
C ALA C 133 -25.04 -19.79 7.98
N LEU C 134 -23.74 -19.58 7.81
CA LEU C 134 -23.19 -18.95 6.61
C LEU C 134 -23.56 -19.81 5.42
N GLU C 135 -24.05 -19.18 4.37
CA GLU C 135 -24.44 -19.88 3.16
C GLU C 135 -23.28 -19.86 2.18
N LEU C 136 -22.98 -21.04 1.62
CA LEU C 136 -21.82 -21.25 0.79
C LEU C 136 -22.23 -21.58 -0.64
N GLN C 137 -21.39 -21.12 -1.57
CA GLN C 137 -21.44 -21.50 -2.96
C GLN C 137 -20.13 -22.21 -3.29
N GLY C 138 -20.23 -23.35 -3.98
CA GLY C 138 -19.05 -24.13 -4.33
C GLY C 138 -18.44 -23.71 -5.65
N VAL C 139 -17.12 -23.56 -5.67
CA VAL C 139 -16.36 -23.27 -6.89
C VAL C 139 -15.04 -23.99 -6.73
N VAL C 140 -14.62 -24.67 -7.78
CA VAL C 140 -13.42 -25.47 -7.76
C VAL C 140 -12.39 -24.97 -8.77
N PHE C 141 -11.13 -25.01 -8.39
CA PHE C 141 -10.05 -24.69 -9.30
C PHE C 141 -10.03 -25.64 -10.48
N ASN C 142 -10.27 -26.92 -10.19
CA ASN C 142 -10.12 -28.04 -11.10
C ASN C 142 -11.26 -29.01 -10.78
N TYR C 143 -12.21 -29.17 -11.71
CA TYR C 143 -13.41 -29.94 -11.44
C TYR C 143 -13.13 -31.44 -11.32
N ARG C 144 -11.98 -31.87 -11.81
CA ARG C 144 -11.56 -33.26 -11.72
C ARG C 144 -10.77 -33.53 -10.46
N THR C 145 -10.62 -32.53 -9.59
CA THR C 145 -10.11 -32.77 -8.25
C THR C 145 -11.04 -33.73 -7.47
N THR C 146 -10.48 -34.78 -6.88
CA THR C 146 -11.23 -35.69 -6.03
C THR C 146 -11.03 -35.23 -4.61
N TYR C 147 -12.06 -34.64 -4.01
CA TYR C 147 -11.99 -34.21 -2.61
C TYR C 147 -12.21 -35.44 -1.73
N PRO C 148 -11.56 -35.47 -0.55
CA PRO C 148 -11.46 -36.75 0.14
C PRO C 148 -12.62 -37.06 1.08
N ASP C 149 -12.79 -38.34 1.33
CA ASP C 149 -13.71 -38.80 2.35
C ASP C 149 -13.50 -38.02 3.64
N GLY C 150 -14.59 -37.64 4.29
CA GLY C 150 -14.52 -36.90 5.53
C GLY C 150 -14.64 -35.40 5.33
N THR C 151 -14.61 -34.94 4.07
CA THR C 151 -14.91 -33.55 3.77
C THR C 151 -16.25 -33.44 3.04
N ILE C 152 -16.83 -32.25 3.07
CA ILE C 152 -18.05 -31.96 2.35
C ILE C 152 -17.68 -31.00 1.23
N PHE C 153 -17.94 -31.42 0.00
CA PHE C 153 -17.42 -30.75 -1.19
C PHE C 153 -18.50 -30.68 -2.27
N PRO C 154 -18.26 -29.88 -3.32
CA PRO C 154 -19.22 -29.80 -4.40
C PRO C 154 -19.44 -31.18 -5.04
N LYS C 155 -20.69 -31.65 -5.02
CA LYS C 155 -21.03 -32.96 -5.60
C LYS C 155 -21.41 -32.80 -7.06
N ASN C 156 -21.16 -33.85 -7.85
CA ASN C 156 -21.43 -33.84 -9.28
C ASN C 156 -20.78 -32.65 -9.98
N ALA C 157 -19.51 -32.39 -9.66
CA ALA C 157 -18.81 -31.25 -10.26
C ALA C 157 -18.74 -31.44 -11.76
N THR C 158 -18.95 -30.37 -12.53
CA THR C 158 -18.77 -30.41 -13.97
C THR C 158 -17.70 -29.40 -14.32
N VAL C 159 -17.33 -29.34 -15.59
CA VAL C 159 -16.37 -28.33 -16.04
C VAL C 159 -16.88 -26.92 -15.71
N GLN C 160 -18.20 -26.72 -15.73
CA GLN C 160 -18.79 -25.44 -15.36
C GLN C 160 -18.58 -25.07 -13.90
N SER C 161 -18.35 -26.06 -13.06
CA SER C 161 -18.06 -25.83 -11.65
C SER C 161 -16.75 -25.07 -11.45
N GLN C 162 -15.89 -25.03 -12.48
CA GLN C 162 -14.66 -24.23 -12.44
C GLN C 162 -14.90 -22.71 -12.47
N VAL C 163 -16.11 -22.30 -12.85
CA VAL C 163 -16.47 -20.87 -12.88
C VAL C 163 -17.76 -20.53 -12.13
N MET C 164 -18.83 -21.31 -12.32
CA MET C 164 -20.08 -21.18 -11.55
C MET C 164 -21.06 -22.28 -11.91
N ASN C 165 -21.43 -23.07 -10.91
CA ASN C 165 -22.44 -24.10 -11.04
C ASN C 165 -23.35 -23.92 -9.82
N THR C 166 -24.56 -23.45 -10.10
CA THR C 166 -25.52 -23.09 -9.08
C THR C 166 -26.05 -24.29 -8.30
N GLU C 167 -25.74 -25.51 -8.73
CA GLU C 167 -26.09 -26.68 -7.93
C GLU C 167 -25.31 -26.75 -6.60
N HIS C 168 -24.10 -26.17 -6.56
CA HIS C 168 -23.22 -26.31 -5.37
C HIS C 168 -23.58 -25.34 -4.28
N LYS C 169 -24.67 -25.61 -3.58
CA LYS C 169 -25.10 -24.79 -2.44
C LYS C 169 -24.93 -25.58 -1.15
N ALA C 170 -24.56 -24.91 -0.07
CA ALA C 170 -24.39 -25.59 1.20
C ALA C 170 -24.44 -24.59 2.33
N TYR C 171 -24.57 -25.14 3.55
CA TYR C 171 -24.53 -24.36 4.78
C TYR C 171 -23.25 -24.73 5.52
N LEU C 172 -22.59 -23.72 6.07
CA LEU C 172 -21.45 -23.95 6.96
C LEU C 172 -22.01 -24.38 8.30
N ASP C 173 -22.30 -25.66 8.38
CA ASP C 173 -23.06 -26.23 9.50
C ASP C 173 -22.27 -27.29 10.28
N LYS C 174 -20.97 -27.35 10.02
CA LYS C 174 -20.10 -28.35 10.62
C LYS C 174 -18.63 -27.93 10.54
N ASN C 175 -17.92 -28.15 11.63
CA ASN C 175 -16.50 -27.84 11.74
CA ASN C 175 -16.52 -27.79 11.75
C ASN C 175 -15.62 -28.90 11.14
N LYS C 176 -14.41 -28.51 10.69
CA LYS C 176 -13.42 -29.46 10.14
C LYS C 176 -13.94 -30.22 8.95
N ALA C 177 -14.77 -29.58 8.13
CA ALA C 177 -15.50 -30.34 7.12
C ALA C 177 -15.50 -29.71 5.72
N TYR C 178 -15.70 -28.39 5.66
CA TYR C 178 -15.84 -27.68 4.41
C TYR C 178 -14.49 -27.10 4.01
N PRO C 179 -13.83 -27.69 3.00
CA PRO C 179 -12.53 -27.16 2.63
C PRO C 179 -12.59 -25.72 2.13
N VAL C 180 -11.60 -24.92 2.53
CA VAL C 180 -11.52 -23.52 2.12
C VAL C 180 -11.48 -23.39 0.58
N GLU C 181 -10.67 -24.22 -0.07
CA GLU C 181 -10.40 -24.04 -1.51
C GLU C 181 -11.59 -24.26 -2.46
N CYS C 182 -12.66 -24.91 -1.99
CA CYS C 182 -13.79 -25.25 -2.88
C CYS C 182 -15.13 -24.60 -2.46
N TRP C 183 -15.09 -23.74 -1.45
CA TRP C 183 -16.28 -23.01 -1.01
C TRP C 183 -16.01 -21.56 -0.75
N VAL C 184 -16.97 -20.72 -1.11
CA VAL C 184 -16.96 -19.32 -0.73
C VAL C 184 -18.33 -18.93 -0.19
N PRO C 185 -18.40 -17.80 0.54
CA PRO C 185 -19.70 -17.24 0.86
C PRO C 185 -20.52 -16.99 -0.40
N ASP C 186 -21.81 -17.36 -0.33
CA ASP C 186 -22.71 -17.27 -1.47
C ASP C 186 -23.27 -15.86 -1.49
N PRO C 187 -22.88 -15.05 -2.48
CA PRO C 187 -23.33 -13.67 -2.50
C PRO C 187 -24.81 -13.52 -2.93
N THR C 188 -25.42 -14.59 -3.44
CA THR C 188 -26.85 -14.54 -3.76
C THR C 188 -27.73 -14.76 -2.55
N ARG C 189 -27.14 -15.17 -1.43
CA ARG C 189 -27.88 -15.42 -0.21
CA ARG C 189 -27.89 -15.40 -0.21
C ARG C 189 -27.26 -14.57 0.92
C ARG C 189 -27.25 -14.57 0.92
N ASN C 190 -27.19 -15.10 2.14
CA ASN C 190 -26.53 -14.43 3.26
C ASN C 190 -27.08 -13.05 3.63
N GLU C 191 -28.39 -12.85 3.46
CA GLU C 191 -29.01 -11.58 3.85
C GLU C 191 -28.92 -11.34 5.36
N ASN C 192 -28.89 -12.42 6.14
CA ASN C 192 -28.87 -12.36 7.60
C ASN C 192 -27.49 -12.63 8.22
N THR C 193 -26.45 -12.40 7.40
CA THR C 193 -25.05 -12.58 7.82
C THR C 193 -24.23 -11.42 7.27
N ARG C 194 -23.18 -11.02 8.00
CA ARG C 194 -22.20 -10.05 7.48
C ARG C 194 -20.86 -10.76 7.37
N TYR C 195 -20.29 -10.79 6.17
CA TYR C 195 -19.01 -11.47 5.98
C TYR C 195 -17.93 -10.59 5.32
N PHE C 196 -16.69 -10.92 5.63
CA PHE C 196 -15.53 -10.16 5.21
C PHE C 196 -14.35 -11.09 5.01
N GLY C 197 -13.70 -11.01 3.85
CA GLY C 197 -12.55 -11.88 3.59
C GLY C 197 -11.56 -11.29 2.61
N THR C 198 -10.29 -11.65 2.80
CA THR C 198 -9.25 -11.33 1.85
C THR C 198 -8.35 -12.52 1.53
N LEU C 199 -8.25 -12.84 0.25
CA LEU C 199 -7.28 -13.80 -0.27
C LEU C 199 -6.08 -13.03 -0.81
N THR C 200 -4.91 -13.29 -0.26
CA THR C 200 -3.63 -12.76 -0.78
C THR C 200 -2.76 -13.89 -1.28
N GLY C 201 -2.58 -13.97 -2.59
CA GLY C 201 -1.96 -15.14 -3.25
C GLY C 201 -0.50 -14.90 -3.66
N GLY C 202 0.35 -15.91 -3.56
CA GLY C 202 1.76 -15.76 -3.98
C GLY C 202 2.67 -16.40 -2.96
N GLU C 203 3.67 -17.14 -3.41
CA GLU C 203 4.49 -17.94 -2.48
C GLU C 203 5.32 -17.11 -1.54
N ASN C 204 5.56 -15.85 -1.90
CA ASN C 204 6.41 -14.97 -1.09
C ASN C 204 5.67 -13.85 -0.39
N VAL C 205 4.33 -13.84 -0.41
CA VAL C 205 3.63 -12.71 0.18
C VAL C 205 3.85 -12.69 1.68
N PRO C 206 4.18 -11.53 2.22
CA PRO C 206 4.41 -11.38 3.65
C PRO C 206 3.12 -11.29 4.47
N PRO C 207 3.01 -12.06 5.56
CA PRO C 207 1.88 -11.78 6.43
C PRO C 207 1.96 -10.34 6.95
N VAL C 208 0.80 -9.67 6.99
CA VAL C 208 0.71 -8.38 7.66
C VAL C 208 -0.46 -8.51 8.60
N LEU C 209 -0.18 -8.56 9.90
CA LEU C 209 -1.22 -8.89 10.88
C LEU C 209 -1.28 -7.78 11.93
N HIS C 210 -2.42 -7.10 11.99
CA HIS C 210 -2.63 -6.00 12.93
C HIS C 210 -3.43 -6.47 14.10
N ILE C 211 -3.10 -6.00 15.29
CA ILE C 211 -3.91 -6.27 16.48
C ILE C 211 -4.17 -4.94 17.18
N THR C 212 -5.37 -4.82 17.73
CA THR C 212 -5.74 -3.71 18.59
C THR C 212 -7.08 -4.02 19.25
N ASN C 213 -7.30 -3.48 20.46
CA ASN C 213 -8.61 -3.61 21.11
C ASN C 213 -9.44 -2.34 20.98
N THR C 214 -9.11 -1.49 20.00
CA THR C 214 -9.78 -0.21 19.84
C THR C 214 -10.63 -0.13 18.56
N ALA C 215 -10.70 -1.21 17.79
CA ALA C 215 -11.40 -1.20 16.50
C ALA C 215 -12.70 -1.97 16.58
N THR C 216 -13.78 -1.38 16.10
CA THR C 216 -15.10 -2.00 16.12
C THR C 216 -15.71 -1.96 14.73
N THR C 217 -16.28 -3.08 14.30
CA THR C 217 -17.08 -3.13 13.08
C THR C 217 -18.58 -3.09 13.43
N VAL C 218 -19.31 -2.18 12.80
CA VAL C 218 -20.76 -2.09 12.98
C VAL C 218 -21.43 -3.08 12.01
N LEU C 219 -22.38 -3.87 12.50
CA LEU C 219 -22.98 -4.95 11.69
C LEU C 219 -24.34 -4.60 11.11
N LEU C 220 -24.78 -3.37 11.34
CA LEU C 220 -26.07 -2.92 10.88
C LEU C 220 -26.04 -2.72 9.39
N ASP C 221 -27.13 -3.09 8.73
CA ASP C 221 -27.24 -2.88 7.28
C ASP C 221 -27.66 -1.44 7.00
N GLU C 222 -28.03 -1.12 5.74
CA GLU C 222 -28.36 0.26 5.37
C GLU C 222 -29.69 0.74 5.94
N PHE C 223 -30.48 -0.18 6.49
CA PHE C 223 -31.70 0.16 7.20
C PHE C 223 -31.53 0.16 8.72
N GLY C 224 -30.31 0.02 9.19
CA GLY C 224 -30.02 0.01 10.63
C GLY C 224 -30.32 -1.32 11.33
N VAL C 225 -30.35 -2.42 10.60
CA VAL C 225 -30.72 -3.70 11.18
C VAL C 225 -29.56 -4.66 11.07
N GLY C 226 -29.19 -5.25 12.21
CA GLY C 226 -28.13 -6.25 12.27
C GLY C 226 -28.66 -7.65 12.03
N PRO C 227 -27.74 -8.64 12.00
CA PRO C 227 -28.18 -10.04 11.93
C PRO C 227 -29.12 -10.38 13.08
N LEU C 228 -30.25 -11.00 12.76
CA LEU C 228 -31.24 -11.41 13.75
C LEU C 228 -31.10 -12.91 14.01
N CYS C 229 -30.95 -13.28 15.28
CA CYS C 229 -30.52 -14.64 15.66
C CYS C 229 -31.69 -15.62 15.79
N LYS C 230 -31.93 -16.38 14.74
CA LYS C 230 -32.99 -17.40 14.74
C LYS C 230 -32.71 -18.47 15.78
N GLY C 231 -33.71 -18.80 16.59
CA GLY C 231 -33.54 -19.83 17.62
C GLY C 231 -32.57 -19.44 18.72
N ASP C 232 -32.36 -18.14 18.90
CA ASP C 232 -31.44 -17.65 19.93
C ASP C 232 -30.03 -18.26 19.79
N ASN C 233 -29.58 -18.39 18.54
CA ASN C 233 -28.22 -18.83 18.25
C ASN C 233 -27.51 -17.80 17.39
N LEU C 234 -26.24 -17.55 17.74
CA LEU C 234 -25.34 -16.71 16.96
C LEU C 234 -24.30 -17.58 16.22
N TYR C 235 -24.13 -17.33 14.93
CA TYR C 235 -23.18 -18.08 14.12
C TYR C 235 -21.94 -17.26 13.83
N LEU C 236 -20.79 -17.77 14.27
CA LEU C 236 -19.51 -17.16 13.98
C LEU C 236 -18.71 -18.10 13.10
N SER C 237 -18.11 -17.58 12.04
CA SER C 237 -17.32 -18.37 11.11
C SER C 237 -15.99 -17.68 10.83
N ALA C 238 -14.96 -18.44 10.56
CA ALA C 238 -13.67 -17.86 10.26
C ALA C 238 -12.76 -18.77 9.47
N VAL C 239 -11.81 -18.13 8.78
CA VAL C 239 -10.63 -18.79 8.27
C VAL C 239 -9.46 -17.85 8.47
N ASP C 240 -8.36 -18.35 9.02
CA ASP C 240 -7.13 -17.57 9.14
C ASP C 240 -5.90 -18.38 8.76
N VAL C 241 -5.79 -18.68 7.47
CA VAL C 241 -4.63 -19.33 6.91
C VAL C 241 -3.61 -18.23 6.74
N CYS C 242 -2.55 -18.26 7.53
CA CYS C 242 -1.61 -17.14 7.56
C CYS C 242 -0.55 -17.22 6.46
N GLY C 243 -0.35 -18.43 5.94
CA GLY C 243 0.68 -18.70 4.94
C GLY C 243 1.16 -20.13 5.15
N MET C 244 2.37 -20.42 4.66
CA MET C 244 2.95 -21.74 4.76
C MET C 244 4.26 -21.70 5.56
N PHE C 245 4.44 -22.71 6.41
CA PHE C 245 5.73 -22.95 7.06
C PHE C 245 6.51 -23.89 6.15
N THR C 246 7.78 -23.53 5.90
CA THR C 246 8.67 -24.35 5.13
C THR C 246 9.64 -25.07 6.05
N ASN C 247 9.66 -26.39 5.95
CA ASN C 247 10.57 -27.21 6.74
C ASN C 247 11.98 -27.21 6.16
N ARG C 248 12.95 -27.64 6.98
CA ARG C 248 14.33 -27.80 6.54
C ARG C 248 14.37 -28.49 5.16
N SER C 249 13.58 -29.54 4.98
CA SER C 249 13.59 -30.31 3.71
C SER C 249 13.03 -29.56 2.50
N GLY C 250 12.33 -28.44 2.73
CA GLY C 250 11.62 -27.74 1.66
C GLY C 250 10.12 -28.04 1.62
N SER C 251 9.68 -29.07 2.36
CA SER C 251 8.24 -29.39 2.39
C SER C 251 7.51 -28.25 3.09
N GLN C 252 6.27 -28.01 2.67
CA GLN C 252 5.52 -26.88 3.20
C GLN C 252 4.17 -27.26 3.79
N GLN C 253 3.80 -26.60 4.88
CA GLN C 253 2.55 -26.85 5.58
C GLN C 253 1.82 -25.54 5.83
N TRP C 254 0.52 -25.54 5.57
CA TRP C 254 -0.30 -24.41 5.98
C TRP C 254 -0.19 -24.21 7.48
N ARG C 255 -0.16 -22.94 7.91
CA ARG C 255 -0.21 -22.60 9.34
C ARG C 255 -1.36 -21.64 9.54
N GLY C 256 -2.23 -21.93 10.51
CA GLY C 256 -3.36 -21.07 10.83
C GLY C 256 -3.29 -20.61 12.26
N LEU C 257 -4.06 -19.57 12.59
CA LEU C 257 -4.20 -19.07 13.96
C LEU C 257 -5.68 -18.90 14.33
N SER C 258 -5.95 -18.85 15.63
CA SER C 258 -7.28 -18.66 16.16
C SER C 258 -7.73 -17.23 15.95
N ARG C 259 -9.04 -17.03 15.98
CA ARG C 259 -9.63 -15.71 15.86
C ARG C 259 -10.57 -15.45 17.04
N TYR C 260 -10.35 -14.29 17.70
CA TYR C 260 -11.20 -13.77 18.76
C TYR C 260 -12.40 -13.06 18.17
N PHE C 261 -13.57 -13.26 18.77
CA PHE C 261 -14.79 -12.52 18.45
C PHE C 261 -15.37 -11.93 19.73
N LYS C 262 -15.78 -10.66 19.69
CA LYS C 262 -16.67 -10.11 20.70
C LYS C 262 -17.82 -9.42 20.00
N VAL C 263 -19.03 -9.89 20.26
CA VAL C 263 -20.21 -9.39 19.58
C VAL C 263 -21.17 -8.85 20.63
N GLN C 264 -21.66 -7.62 20.41
CA GLN C 264 -22.70 -7.05 21.26
C GLN C 264 -24.03 -7.21 20.55
N LEU C 265 -25.04 -7.62 21.30
CA LEU C 265 -26.37 -7.86 20.79
C LEU C 265 -27.40 -7.10 21.60
N ARG C 266 -28.53 -6.79 20.96
CA ARG C 266 -29.64 -6.15 21.63
C ARG C 266 -30.95 -6.85 21.26
N LYS C 267 -31.98 -6.73 22.10
CA LYS C 267 -33.25 -7.35 21.81
C LYS C 267 -34.06 -6.48 20.87
N ARG C 268 -34.58 -7.12 19.82
CA ARG C 268 -35.37 -6.46 18.80
C ARG C 268 -36.72 -7.18 18.65
N ARG C 269 -37.80 -6.42 18.70
CA ARG C 269 -39.13 -6.99 18.45
C ARG C 269 -39.38 -7.17 16.95
N VAL C 270 -39.99 -8.29 16.59
CA VAL C 270 -40.37 -8.58 15.19
C VAL C 270 -41.80 -9.14 15.15
N LYS C 271 -42.48 -8.94 14.02
CA LYS C 271 -43.91 -9.32 13.86
C LYS C 271 -44.07 -10.58 13.02
N GLU D 8 -18.25 3.03 38.52
CA GLU D 8 -19.02 4.31 38.42
C GLU D 8 -18.04 5.45 38.14
N VAL D 9 -17.90 5.80 36.87
CA VAL D 9 -17.07 6.90 36.44
C VAL D 9 -17.91 8.18 36.41
N LEU D 10 -17.50 9.19 37.17
CA LEU D 10 -18.26 10.44 37.26
C LEU D 10 -17.51 11.54 36.51
N GLU D 11 -17.51 12.77 37.01
CA GLU D 11 -16.99 13.91 36.22
C GLU D 11 -15.47 14.08 36.28
N VAL D 12 -14.95 14.70 35.23
CA VAL D 12 -13.56 15.14 35.15
C VAL D 12 -13.38 16.38 36.02
N LYS D 13 -12.27 16.47 36.75
CA LYS D 13 -11.92 17.71 37.46
C LYS D 13 -11.32 18.66 36.48
N THR D 14 -11.61 19.95 36.64
CA THR D 14 -10.96 20.99 35.83
C THR D 14 -10.09 21.86 36.73
N GLY D 15 -9.42 22.84 36.14
CA GLY D 15 -8.62 23.81 36.92
C GLY D 15 -7.17 23.42 37.14
N VAL D 16 -6.54 24.10 38.10
CA VAL D 16 -5.10 24.00 38.33
C VAL D 16 -4.71 22.67 38.96
N ASP D 17 -3.68 22.06 38.40
CA ASP D 17 -3.18 20.78 38.87
C ASP D 17 -4.15 19.64 38.53
N SER D 18 -5.12 19.86 37.65
CA SER D 18 -6.05 18.81 37.25
C SER D 18 -5.58 17.99 36.06
N ILE D 19 -4.45 18.39 35.45
CA ILE D 19 -3.83 17.66 34.35
C ILE D 19 -2.37 17.39 34.66
N THR D 20 -1.86 16.32 34.08
CA THR D 20 -0.43 16.07 34.17
C THR D 20 0.04 15.35 32.92
N GLU D 21 1.35 15.27 32.79
CA GLU D 21 1.99 14.75 31.60
C GLU D 21 3.07 13.75 31.97
N VAL D 22 3.16 12.65 31.22
CA VAL D 22 4.23 11.66 31.38
C VAL D 22 5.01 11.56 30.07
N GLU D 23 6.32 11.68 30.17
CA GLU D 23 7.23 11.54 29.05
C GLU D 23 8.30 10.55 29.43
N CYS D 24 8.52 9.56 28.58
CA CYS D 24 9.61 8.63 28.79
C CYS D 24 9.93 7.88 27.51
N PHE D 25 10.97 7.07 27.59
CA PHE D 25 11.30 6.14 26.51
C PHE D 25 11.51 4.76 27.09
N LEU D 26 11.15 3.76 26.32
CA LEU D 26 11.40 2.36 26.65
C LEU D 26 12.49 1.83 25.74
N THR D 27 13.56 1.28 26.32
CA THR D 27 14.60 0.67 25.52
C THR D 27 14.15 -0.70 25.04
N PRO D 28 14.65 -1.12 23.88
CA PRO D 28 14.29 -2.44 23.40
C PRO D 28 15.07 -3.51 24.17
N GLU D 29 14.48 -4.70 24.26
CA GLU D 29 15.12 -5.85 24.89
C GLU D 29 15.19 -7.04 23.92
N MET D 30 16.23 -7.02 23.08
CA MET D 30 16.39 -7.96 21.97
C MET D 30 17.20 -9.19 22.34
N GLY D 31 17.86 -9.13 23.50
CA GLY D 31 18.65 -10.24 24.01
C GLY D 31 20.04 -9.84 24.48
N ASP D 32 20.65 -8.82 23.86
CA ASP D 32 21.94 -8.26 24.30
C ASP D 32 22.99 -9.33 24.59
N PRO D 33 23.47 -9.99 23.54
CA PRO D 33 24.30 -11.19 23.72
C PRO D 33 25.71 -10.92 24.23
N ASP D 34 26.20 -9.70 24.12
CA ASP D 34 27.46 -9.33 24.77
C ASP D 34 27.50 -7.82 25.07
N GLU D 35 28.63 -7.36 25.63
CA GLU D 35 28.79 -5.98 26.11
C GLU D 35 28.80 -4.92 25.00
N HIS D 36 28.90 -5.33 23.74
CA HIS D 36 28.93 -4.41 22.61
C HIS D 36 27.66 -4.42 21.80
N LEU D 37 26.70 -5.27 22.16
CA LEU D 37 25.58 -5.56 21.28
C LEU D 37 24.20 -5.21 21.88
N ARG D 38 24.16 -4.23 22.77
CA ARG D 38 22.88 -3.69 23.21
C ARG D 38 22.01 -3.31 22.01
N GLY D 39 20.77 -3.80 21.98
CA GLY D 39 19.84 -3.52 20.89
C GLY D 39 19.78 -4.62 19.84
N PHE D 40 20.66 -5.61 19.96
CA PHE D 40 20.71 -6.75 19.06
C PHE D 40 20.43 -8.02 19.85
N SER D 41 19.98 -9.06 19.15
CA SER D 41 19.93 -10.40 19.69
C SER D 41 21.21 -11.12 19.36
N LYS D 42 21.37 -12.30 19.97
CA LYS D 42 22.37 -13.25 19.53
C LYS D 42 22.01 -13.71 18.12
N SER D 43 23.02 -14.12 17.37
CA SER D 43 22.80 -14.74 16.06
CA SER D 43 22.76 -14.69 16.04
C SER D 43 21.74 -15.83 16.17
N ILE D 44 20.88 -15.93 15.17
CA ILE D 44 19.82 -16.92 15.19
C ILE D 44 20.33 -18.29 14.72
N SER D 45 20.10 -19.33 15.52
CA SER D 45 20.39 -20.70 15.15
C SER D 45 19.12 -21.50 14.92
N ILE D 46 19.17 -22.45 14.00
CA ILE D 46 18.02 -23.29 13.70
C ILE D 46 18.19 -24.65 14.37
N SER D 47 17.17 -25.10 15.07
CA SER D 47 17.23 -26.40 15.73
C SER D 47 17.38 -27.54 14.71
N ASP D 48 18.02 -28.62 15.17
CA ASP D 48 18.27 -29.81 14.36
C ASP D 48 17.00 -30.56 13.95
N THR D 49 15.98 -30.52 14.80
CA THR D 49 14.70 -31.16 14.54
C THR D 49 13.60 -30.25 15.08
N PHE D 50 12.35 -30.50 14.70
CA PHE D 50 11.25 -29.64 15.13
C PHE D 50 11.09 -29.74 16.65
N GLU D 51 11.12 -30.98 17.13
CA GLU D 51 10.99 -31.32 18.55
C GLU D 51 12.08 -30.69 19.43
N SER D 52 13.28 -30.49 18.89
CA SER D 52 14.43 -30.05 19.70
C SER D 52 14.57 -28.53 19.78
N ASP D 53 13.60 -27.80 19.25
CA ASP D 53 13.63 -26.34 19.31
C ASP D 53 13.88 -25.90 20.75
N SER D 54 14.98 -25.14 20.94
CA SER D 54 15.41 -24.75 22.27
CA SER D 54 15.40 -24.75 22.28
C SER D 54 16.18 -23.42 22.23
N PRO D 55 15.47 -22.30 21.98
CA PRO D 55 16.17 -21.02 21.84
C PRO D 55 16.84 -20.54 23.14
N ASN D 56 18.08 -20.08 23.03
CA ASN D 56 18.75 -19.43 24.13
C ASN D 56 18.12 -18.08 24.43
N LYS D 57 18.19 -17.69 25.69
CA LYS D 57 17.59 -16.43 26.15
C LYS D 57 18.07 -15.20 25.35
N ASP D 58 19.38 -15.13 25.07
CA ASP D 58 19.96 -13.98 24.37
CA ASP D 58 19.92 -13.95 24.41
C ASP D 58 19.53 -13.89 22.91
N MET D 59 18.83 -14.93 22.43
CA MET D 59 18.34 -14.98 21.06
C MET D 59 16.87 -14.56 20.98
N LEU D 60 16.24 -14.29 22.13
CA LEU D 60 14.79 -14.03 22.18
C LEU D 60 14.42 -12.59 22.53
N PRO D 61 13.95 -11.81 21.54
CA PRO D 61 13.39 -10.51 21.92
C PRO D 61 12.25 -10.69 22.93
N CYS D 62 12.17 -9.75 23.88
CA CYS D 62 11.14 -9.74 24.91
C CYS D 62 10.35 -8.44 24.83
N TYR D 63 9.15 -8.45 25.44
CA TYR D 63 8.37 -7.24 25.61
C TYR D 63 9.07 -6.29 26.57
N SER D 64 8.97 -5.00 26.28
CA SER D 64 9.42 -3.96 27.18
C SER D 64 8.23 -3.43 27.96
N VAL D 65 8.47 -3.02 29.21
CA VAL D 65 7.43 -2.42 30.02
C VAL D 65 8.03 -1.43 30.99
N ALA D 66 7.31 -0.35 31.23
CA ALA D 66 7.63 0.57 32.30
C ALA D 66 6.35 0.93 33.06
N ARG D 67 6.48 0.95 34.38
CA ARG D 67 5.46 1.44 35.27
C ARG D 67 5.90 2.81 35.77
N ILE D 68 5.09 3.83 35.50
CA ILE D 68 5.43 5.21 35.80
C ILE D 68 4.55 5.72 36.93
N PRO D 69 5.15 6.09 38.07
CA PRO D 69 4.34 6.65 39.17
C PRO D 69 3.81 8.04 38.82
N LEU D 70 2.56 8.31 39.17
CA LEU D 70 1.92 9.59 38.86
C LEU D 70 1.76 10.42 40.14
N PRO D 71 1.47 11.72 40.02
CA PRO D 71 1.25 12.48 41.24
C PRO D 71 0.22 11.81 42.16
N ASN D 72 0.60 11.65 43.43
CA ASN D 72 -0.19 10.92 44.41
C ASN D 72 -1.56 11.59 44.61
N LEU D 73 -2.63 10.82 44.46
CA LEU D 73 -3.99 11.32 44.67
C LEU D 73 -4.54 10.75 45.98
N ILE D 82 -12.86 9.44 45.72
CA ILE D 82 -11.75 8.90 44.91
C ILE D 82 -11.55 9.62 43.57
N LEU D 83 -10.34 10.13 43.37
CA LEU D 83 -9.89 10.58 42.06
C LEU D 83 -8.87 9.60 41.48
N MET D 84 -8.91 9.43 40.16
CA MET D 84 -7.94 8.66 39.44
C MET D 84 -7.46 9.47 38.24
N TRP D 85 -6.18 9.29 37.91
CA TRP D 85 -5.63 9.77 36.68
C TRP D 85 -6.15 8.95 35.51
N GLU D 86 -6.65 9.67 34.50
CA GLU D 86 -7.22 9.11 33.30
C GLU D 86 -6.33 9.48 32.13
N ALA D 87 -5.80 8.50 31.42
CA ALA D 87 -4.97 8.75 30.24
C ALA D 87 -5.86 9.09 29.03
N VAL D 88 -5.60 10.24 28.43
CA VAL D 88 -6.49 10.80 27.40
C VAL D 88 -5.84 10.76 26.02
N THR D 89 -4.57 11.14 25.92
CA THR D 89 -3.86 11.12 24.65
C THR D 89 -2.47 10.51 24.74
N LEU D 90 -2.01 10.02 23.59
CA LEU D 90 -0.65 9.51 23.44
C LEU D 90 0.00 10.09 22.18
N LYS D 91 1.25 10.50 22.31
CA LYS D 91 2.15 10.64 21.16
C LYS D 91 3.29 9.66 21.36
N THR D 92 3.66 8.97 20.29
CA THR D 92 4.70 7.94 20.36
C THR D 92 5.50 7.91 19.09
N GLU D 93 6.74 7.49 19.23
CA GLU D 93 7.69 7.55 18.13
C GLU D 93 8.82 6.55 18.34
N VAL D 94 9.21 5.86 17.27
CA VAL D 94 10.39 5.01 17.31
C VAL D 94 11.63 5.91 17.21
N ILE D 95 12.61 5.68 18.11
CA ILE D 95 13.77 6.55 18.25
C ILE D 95 15.00 5.94 17.58
N GLY D 96 15.57 6.69 16.65
CA GLY D 96 16.82 6.33 15.97
C GLY D 96 16.63 5.62 14.65
N VAL D 97 15.57 5.99 13.93
CA VAL D 97 15.22 5.31 12.68
C VAL D 97 16.35 5.40 11.66
N THR D 98 17.14 6.46 11.69
CA THR D 98 18.19 6.65 10.70
C THR D 98 19.43 5.76 10.90
N THR D 99 19.53 5.10 12.07
CA THR D 99 20.61 4.13 12.31
C THR D 99 20.61 3.04 11.24
N LEU D 100 19.43 2.73 10.68
CA LEU D 100 19.36 1.74 9.61
C LEU D 100 20.02 2.16 8.29
N MET D 101 20.50 3.39 8.20
CA MET D 101 21.34 3.80 7.08
C MET D 101 22.81 3.41 7.23
N ASN D 102 23.20 2.84 8.36
CA ASN D 102 24.56 2.32 8.46
C ASN D 102 24.65 0.98 7.71
N VAL D 103 25.04 1.05 6.44
CA VAL D 103 25.20 -0.13 5.60
C VAL D 103 26.70 -0.32 5.25
N HIS D 104 27.56 0.10 6.16
CA HIS D 104 29.00 0.04 5.92
C HIS D 104 29.77 -0.64 7.03
N SER D 105 29.12 -1.46 7.84
CA SER D 105 29.85 -2.13 8.91
C SER D 105 29.48 -3.55 9.17
N ASN D 106 30.39 -4.45 8.79
CA ASN D 106 30.34 -5.83 9.22
C ASN D 106 29.16 -6.56 8.62
N GLY D 107 28.69 -6.09 7.47
CA GLY D 107 27.51 -6.63 6.82
C GLY D 107 27.86 -7.48 5.62
N GLN D 108 26.84 -7.92 4.88
CA GLN D 108 27.01 -8.79 3.72
C GLN D 108 26.60 -8.00 2.51
N ALA D 109 27.52 -7.80 1.60
CA ALA D 109 27.25 -7.07 0.37
C ALA D 109 26.09 -7.74 -0.39
N THR D 110 25.22 -6.91 -0.91
CA THR D 110 24.04 -7.37 -1.63
C THR D 110 24.44 -7.95 -3.00
N HIS D 111 25.56 -7.50 -3.54
CA HIS D 111 26.18 -8.08 -4.74
C HIS D 111 27.62 -7.69 -4.72
N ASP D 112 28.43 -8.17 -5.66
CA ASP D 112 29.85 -7.83 -5.67
C ASP D 112 30.06 -6.32 -5.67
N ASN D 113 30.80 -5.81 -4.68
CA ASN D 113 31.12 -4.38 -4.53
C ASN D 113 29.98 -3.49 -4.05
N GLY D 114 28.86 -4.11 -3.71
CA GLY D 114 27.70 -3.39 -3.20
C GLY D 114 27.84 -2.98 -1.74
N ALA D 115 26.91 -2.15 -1.29
CA ALA D 115 26.77 -1.81 0.11
C ALA D 115 26.24 -3.01 0.86
N ALA D 116 26.28 -2.95 2.19
CA ALA D 116 25.74 -4.05 2.99
C ALA D 116 24.22 -4.10 2.93
N LYS D 117 23.69 -5.32 2.93
CA LYS D 117 22.28 -5.57 3.06
C LYS D 117 21.81 -4.87 4.33
N PRO D 118 20.79 -4.01 4.21
CA PRO D 118 20.28 -3.33 5.40
C PRO D 118 19.41 -4.23 6.28
N VAL D 119 19.08 -3.72 7.45
CA VAL D 119 18.17 -4.39 8.35
C VAL D 119 16.84 -4.56 7.63
N GLN D 120 16.32 -5.78 7.62
CA GLN D 120 15.06 -6.09 6.97
C GLN D 120 14.55 -7.43 7.45
N GLY D 121 13.36 -7.80 6.97
CA GLY D 121 12.74 -9.05 7.36
C GLY D 121 11.75 -8.83 8.50
N THR D 122 11.27 -9.93 9.06
CA THR D 122 10.22 -9.89 10.07
C THR D 122 10.35 -8.77 11.09
N SER D 123 9.27 -8.00 11.26
CA SER D 123 9.20 -6.93 12.25
C SER D 123 7.95 -7.07 13.13
N PHE D 124 8.04 -6.59 14.38
CA PHE D 124 6.87 -6.43 15.24
C PHE D 124 6.96 -5.09 15.92
N HIS D 125 6.00 -4.22 15.63
CA HIS D 125 5.93 -2.91 16.26
C HIS D 125 4.64 -2.84 17.05
N PHE D 126 4.79 -2.56 18.34
CA PHE D 126 3.69 -2.69 19.27
C PHE D 126 3.85 -1.68 20.38
N PHE D 127 2.74 -1.12 20.84
CA PHE D 127 2.76 -0.26 22.01
C PHE D 127 1.38 -0.30 22.69
N SER D 128 1.38 -0.09 24.00
CA SER D 128 0.15 -0.07 24.78
C SER D 128 0.28 0.94 25.92
N VAL D 129 -0.85 1.50 26.31
CA VAL D 129 -0.97 2.38 27.44
C VAL D 129 -2.12 1.88 28.29
N GLY D 130 -1.89 1.71 29.58
CA GLY D 130 -2.93 1.25 30.47
C GLY D 130 -2.79 1.71 31.89
N GLY D 131 -3.87 1.57 32.65
CA GLY D 131 -3.86 1.94 34.05
C GLY D 131 -3.58 0.76 34.97
N GLU D 132 -3.06 -0.31 34.36
CA GLU D 132 -2.59 -1.52 35.01
C GLU D 132 -1.75 -2.32 34.02
N ALA D 133 -1.13 -3.40 34.47
CA ALA D 133 -0.25 -4.20 33.62
C ALA D 133 -0.99 -4.76 32.42
N LEU D 134 -0.31 -4.78 31.27
CA LEU D 134 -0.86 -5.41 30.06
C LEU D 134 -1.10 -6.89 30.35
N GLU D 135 -2.26 -7.39 29.94
CA GLU D 135 -2.62 -8.77 30.16
C GLU D 135 -2.29 -9.54 28.90
N LEU D 136 -1.65 -10.69 29.09
CA LEU D 136 -1.11 -11.49 28.01
C LEU D 136 -1.79 -12.86 27.92
N GLN D 137 -1.85 -13.38 26.70
CA GLN D 137 -2.31 -14.74 26.40
C GLN D 137 -1.15 -15.42 25.70
N GLY D 138 -0.78 -16.61 26.16
CA GLY D 138 0.31 -17.35 25.55
C GLY D 138 -0.15 -18.15 24.35
N VAL D 139 0.63 -18.08 23.28
CA VAL D 139 0.41 -18.91 22.09
C VAL D 139 1.80 -19.23 21.56
N VAL D 140 2.04 -20.49 21.22
CA VAL D 140 3.35 -20.91 20.76
C VAL D 140 3.29 -21.46 19.34
N PHE D 141 4.36 -21.23 18.59
CA PHE D 141 4.45 -21.77 17.25
C PHE D 141 4.54 -23.30 17.31
N ASN D 142 5.30 -23.79 18.29
CA ASN D 142 5.65 -25.18 18.44
C ASN D 142 5.62 -25.46 19.94
N TYR D 143 4.68 -26.32 20.37
CA TYR D 143 4.46 -26.55 21.80
C TYR D 143 5.62 -27.29 22.45
N ARG D 144 6.46 -27.94 21.65
CA ARG D 144 7.63 -28.66 22.17
C ARG D 144 8.88 -27.81 22.19
N THR D 145 8.78 -26.55 21.76
CA THR D 145 9.82 -25.56 22.02
C THR D 145 10.10 -25.49 23.51
N THR D 146 11.38 -25.61 23.88
CA THR D 146 11.81 -25.42 25.25
C THR D 146 12.27 -23.97 25.41
N TYR D 147 11.48 -23.16 26.09
CA TYR D 147 11.87 -21.78 26.37
C TYR D 147 12.89 -21.79 27.50
N PRO D 148 13.81 -20.81 27.51
CA PRO D 148 14.97 -20.97 28.37
C PRO D 148 14.74 -20.43 29.76
N ASP D 149 15.49 -20.96 30.69
CA ASP D 149 15.60 -20.40 32.01
C ASP D 149 15.84 -18.90 31.95
N GLY D 150 15.16 -18.18 32.82
CA GLY D 150 15.29 -16.74 32.88
C GLY D 150 14.21 -16.07 32.07
N THR D 151 13.40 -16.84 31.34
CA THR D 151 12.25 -16.21 30.67
C THR D 151 11.00 -16.72 31.31
N ILE D 152 9.92 -15.97 31.12
CA ILE D 152 8.59 -16.37 31.59
C ILE D 152 7.81 -16.73 30.34
N PHE D 153 7.34 -17.98 30.30
CA PHE D 153 6.77 -18.56 29.08
C PHE D 153 5.55 -19.40 29.42
N PRO D 154 4.76 -19.78 28.42
CA PRO D 154 3.60 -20.62 28.71
C PRO D 154 3.99 -21.96 29.34
N LYS D 155 3.54 -22.21 30.58
CA LYS D 155 3.84 -23.45 31.31
C LYS D 155 2.85 -24.57 30.98
N ASN D 156 3.32 -25.82 31.11
CA ASN D 156 2.52 -26.99 30.78
C ASN D 156 1.89 -26.87 29.38
N ALA D 157 2.68 -26.49 28.41
CA ALA D 157 2.20 -26.30 27.04
C ALA D 157 1.76 -27.65 26.50
N THR D 158 0.66 -27.67 25.76
CA THR D 158 0.18 -28.88 25.11
C THR D 158 0.05 -28.57 23.63
N VAL D 159 -0.36 -29.56 22.84
CA VAL D 159 -0.49 -29.31 21.40
C VAL D 159 -1.53 -28.21 21.15
N GLN D 160 -2.60 -28.17 21.96
CA GLN D 160 -3.58 -27.08 21.87
C GLN D 160 -2.99 -25.69 22.04
N SER D 161 -1.86 -25.58 22.74
CA SER D 161 -1.20 -24.30 22.94
C SER D 161 -0.70 -23.70 21.63
N GLN D 162 -0.57 -24.53 20.58
CA GLN D 162 -0.25 -24.03 19.23
C GLN D 162 -1.35 -23.18 18.60
N VAL D 163 -2.57 -23.25 19.13
CA VAL D 163 -3.71 -22.47 18.63
C VAL D 163 -4.46 -21.65 19.70
N MET D 164 -4.81 -22.28 20.81
CA MET D 164 -5.35 -21.54 21.97
C MET D 164 -5.51 -22.43 23.18
N ASN D 165 -4.74 -22.15 24.22
CA ASN D 165 -4.88 -22.84 25.49
C ASN D 165 -5.11 -21.75 26.50
N THR D 166 -6.32 -21.67 27.04
CA THR D 166 -6.70 -20.59 27.97
C THR D 166 -5.99 -20.64 29.34
N GLU D 167 -5.24 -21.71 29.64
CA GLU D 167 -4.37 -21.74 30.82
C GLU D 167 -3.25 -20.68 30.78
N HIS D 168 -2.78 -20.31 29.58
CA HIS D 168 -1.63 -19.40 29.46
C HIS D 168 -1.98 -17.93 29.59
N LYS D 169 -2.22 -17.50 30.82
CA LYS D 169 -2.51 -16.10 31.13
C LYS D 169 -1.35 -15.52 31.94
N ALA D 170 -0.96 -14.29 31.66
CA ALA D 170 0.08 -13.63 32.43
C ALA D 170 -0.11 -12.12 32.38
N TYR D 171 0.62 -11.44 33.27
CA TYR D 171 0.71 -9.98 33.26
C TYR D 171 2.10 -9.62 32.78
N LEU D 172 2.20 -8.59 31.96
CA LEU D 172 3.48 -8.06 31.57
C LEU D 172 3.94 -7.17 32.72
N ASP D 173 4.58 -7.79 33.69
CA ASP D 173 4.93 -7.17 34.97
C ASP D 173 6.44 -7.20 35.21
N LYS D 174 7.20 -7.50 34.17
CA LYS D 174 8.64 -7.61 34.29
C LYS D 174 9.31 -7.35 32.94
N ASN D 175 10.44 -6.63 32.99
CA ASN D 175 11.22 -6.33 31.79
CA ASN D 175 11.23 -6.36 31.79
C ASN D 175 12.20 -7.49 31.51
N LYS D 176 12.60 -7.64 30.25
CA LYS D 176 13.55 -8.70 29.83
C LYS D 176 13.12 -10.09 30.18
N ALA D 177 11.82 -10.37 30.17
CA ALA D 177 11.36 -11.67 30.72
C ALA D 177 10.37 -12.42 29.86
N TYR D 178 9.45 -11.69 29.23
CA TYR D 178 8.38 -12.27 28.40
C TYR D 178 8.76 -12.26 26.93
N PRO D 179 9.13 -13.43 26.36
CA PRO D 179 9.50 -13.41 24.94
C PRO D 179 8.36 -13.02 24.03
N VAL D 180 8.68 -12.22 23.02
CA VAL D 180 7.70 -11.73 22.07
C VAL D 180 7.00 -12.89 21.38
N GLU D 181 7.77 -13.92 21.00
CA GLU D 181 7.20 -14.96 20.14
C GLU D 181 6.14 -15.88 20.75
N CYS D 182 6.05 -15.92 22.09
CA CYS D 182 5.08 -16.78 22.77
C CYS D 182 3.97 -16.08 23.58
N TRP D 183 3.91 -14.75 23.46
CA TRP D 183 2.88 -13.95 24.12
C TRP D 183 2.31 -12.89 23.22
N VAL D 184 1.00 -12.69 23.36
CA VAL D 184 0.29 -11.59 22.73
C VAL D 184 -0.64 -10.93 23.75
N PRO D 185 -1.02 -9.68 23.52
CA PRO D 185 -2.08 -9.11 24.33
C PRO D 185 -3.33 -9.99 24.31
N ASP D 186 -3.92 -10.19 25.49
CA ASP D 186 -5.10 -11.03 25.64
C ASP D 186 -6.35 -10.25 25.27
N PRO D 187 -6.98 -10.60 24.14
CA PRO D 187 -8.15 -9.82 23.71
C PRO D 187 -9.40 -10.03 24.59
N THR D 188 -9.40 -11.06 25.44
CA THR D 188 -10.49 -11.30 26.39
C THR D 188 -10.40 -10.46 27.65
N ARG D 189 -9.29 -9.75 27.84
CA ARG D 189 -9.13 -8.91 29.02
CA ARG D 189 -9.12 -8.90 29.02
C ARG D 189 -8.71 -7.51 28.54
N ASN D 190 -7.80 -6.84 29.25
CA ASN D 190 -7.31 -5.53 28.82
C ASN D 190 -8.38 -4.44 28.60
N GLU D 191 -9.47 -4.48 29.35
CA GLU D 191 -10.47 -3.42 29.25
C GLU D 191 -9.93 -2.04 29.69
N ASN D 192 -8.86 -2.03 30.49
CA ASN D 192 -8.28 -0.80 31.04
C ASN D 192 -6.93 -0.48 30.41
N THR D 193 -6.72 -0.98 29.19
CA THR D 193 -5.51 -0.70 28.42
C THR D 193 -5.95 -0.47 26.97
N ARG D 194 -5.16 0.30 26.23
CA ARG D 194 -5.34 0.45 24.78
C ARG D 194 -4.07 -0.07 24.16
N TYR D 195 -4.18 -1.04 23.23
CA TYR D 195 -2.97 -1.63 22.63
C TYR D 195 -3.07 -1.63 21.11
N PHE D 196 -1.90 -1.57 20.48
CA PHE D 196 -1.80 -1.45 19.03
C PHE D 196 -0.56 -2.18 18.56
N GLY D 197 -0.71 -3.08 17.59
CA GLY D 197 0.46 -3.81 17.08
C GLY D 197 0.35 -4.26 15.65
N THR D 198 1.50 -4.36 14.98
CA THR D 198 1.57 -4.92 13.64
C THR D 198 2.76 -5.86 13.52
N LEU D 199 2.47 -7.09 13.10
CA LEU D 199 3.45 -8.07 12.71
C LEU D 199 3.55 -8.05 11.18
N THR D 200 4.74 -7.78 10.65
CA THR D 200 5.01 -7.84 9.22
C THR D 200 6.06 -8.92 9.00
N GLY D 201 5.66 -10.04 8.40
CA GLY D 201 6.52 -11.24 8.28
C GLY D 201 7.17 -11.36 6.90
N GLY D 202 8.19 -12.19 6.78
CA GLY D 202 8.90 -12.36 5.50
C GLY D 202 10.32 -11.90 5.64
N GLU D 203 11.28 -12.65 5.08
CA GLU D 203 12.70 -12.36 5.35
C GLU D 203 13.20 -11.12 4.66
N ASN D 204 12.48 -10.66 3.63
CA ASN D 204 12.94 -9.50 2.89
C ASN D 204 12.08 -8.28 3.06
N VAL D 205 11.13 -8.28 3.99
CA VAL D 205 10.24 -7.13 4.09
C VAL D 205 11.04 -5.89 4.49
N PRO D 206 10.83 -4.78 3.77
CA PRO D 206 11.53 -3.53 4.05
C PRO D 206 10.96 -2.83 5.28
N PRO D 207 11.82 -2.40 6.22
CA PRO D 207 11.27 -1.53 7.26
C PRO D 207 10.68 -0.23 6.65
N VAL D 208 9.52 0.18 7.16
CA VAL D 208 8.94 1.48 6.80
C VAL D 208 8.66 2.19 8.12
N LEU D 209 9.50 3.17 8.46
CA LEU D 209 9.46 3.81 9.78
C LEU D 209 9.18 5.30 9.65
N HIS D 210 8.03 5.73 10.16
CA HIS D 210 7.61 7.11 10.06
C HIS D 210 7.87 7.78 11.36
N ILE D 211 8.31 9.03 11.31
CA ILE D 211 8.46 9.86 12.49
C ILE D 211 7.78 11.21 12.24
N THR D 212 7.14 11.73 13.27
CA THR D 212 6.61 13.07 13.29
C THR D 212 6.23 13.43 14.74
N ASN D 213 6.24 14.72 15.08
CA ASN D 213 5.72 15.16 16.36
C ASN D 213 4.33 15.80 16.25
N THR D 214 3.62 15.50 15.17
CA THR D 214 2.32 16.10 14.90
C THR D 214 1.14 15.11 15.02
N ALA D 215 1.41 13.84 15.33
CA ALA D 215 0.36 12.80 15.38
C ALA D 215 0.01 12.45 16.83
N THR D 216 -1.27 12.41 17.12
CA THR D 216 -1.75 12.10 18.47
C THR D 216 -2.78 11.00 18.37
N THR D 217 -2.64 9.98 19.21
CA THR D 217 -3.68 8.96 19.37
C THR D 217 -4.55 9.24 20.59
N VAL D 218 -5.87 9.21 20.42
CA VAL D 218 -6.80 9.48 21.50
C VAL D 218 -7.08 8.15 22.19
N LEU D 219 -7.06 8.13 23.51
CA LEU D 219 -7.14 6.86 24.27
C LEU D 219 -8.53 6.58 24.88
N LEU D 220 -9.48 7.47 24.63
CA LEU D 220 -10.81 7.36 25.18
C LEU D 220 -11.55 6.22 24.48
N ASP D 221 -12.34 5.47 25.24
CA ASP D 221 -13.18 4.45 24.65
C ASP D 221 -14.45 5.06 24.08
N GLU D 222 -15.35 4.19 23.60
CA GLU D 222 -16.61 4.62 22.99
C GLU D 222 -17.49 5.44 23.95
N PHE D 223 -17.22 5.35 25.26
CA PHE D 223 -17.96 6.13 26.25
C PHE D 223 -17.24 7.40 26.70
N GLY D 224 -16.10 7.72 26.11
CA GLY D 224 -15.35 8.93 26.50
C GLY D 224 -14.43 8.72 27.70
N VAL D 225 -14.12 7.47 28.04
CA VAL D 225 -13.28 7.14 29.19
C VAL D 225 -11.96 6.51 28.76
N GLY D 226 -10.86 7.09 29.21
CA GLY D 226 -9.54 6.53 28.96
C GLY D 226 -9.13 5.58 30.06
N PRO D 227 -7.96 4.95 29.91
CA PRO D 227 -7.41 4.08 30.97
C PRO D 227 -7.34 4.81 32.30
N LEU D 228 -7.79 4.15 33.35
CA LEU D 228 -7.84 4.73 34.68
C LEU D 228 -6.74 4.09 35.53
N CYS D 229 -5.89 4.92 36.11
CA CYS D 229 -4.60 4.45 36.62
C CYS D 229 -4.71 3.99 38.07
N LYS D 230 -4.79 2.67 38.26
CA LYS D 230 -4.93 2.10 39.60
C LYS D 230 -3.65 2.32 40.38
N GLY D 231 -3.77 2.78 41.61
CA GLY D 231 -2.61 3.04 42.48
C GLY D 231 -1.75 4.21 42.02
N ASP D 232 -2.29 5.05 41.13
CA ASP D 232 -1.52 6.19 40.56
C ASP D 232 -0.29 5.73 39.80
N ASN D 233 -0.44 4.65 39.04
CA ASN D 233 0.60 4.15 38.14
C ASN D 233 0.10 4.04 36.74
N LEU D 234 0.95 4.46 35.81
CA LEU D 234 0.70 4.35 34.39
C LEU D 234 1.60 3.26 33.83
N TYR D 235 1.04 2.39 33.01
CA TYR D 235 1.79 1.29 32.44
C TYR D 235 1.98 1.47 30.94
N LEU D 236 3.23 1.54 30.52
CA LEU D 236 3.58 1.62 29.10
C LEU D 236 4.33 0.36 28.69
N SER D 237 3.96 -0.19 27.54
CA SER D 237 4.58 -1.40 27.03
C SER D 237 4.88 -1.23 25.55
N ALA D 238 5.93 -1.90 25.09
CA ALA D 238 6.40 -1.75 23.72
C ALA D 238 7.20 -2.96 23.21
N VAL D 239 7.14 -3.16 21.91
CA VAL D 239 8.10 -3.96 21.18
C VAL D 239 8.34 -3.26 19.84
N ASP D 240 9.60 -3.13 19.46
CA ASP D 240 9.97 -2.56 18.14
C ASP D 240 11.15 -3.33 17.59
N VAL D 241 10.84 -4.57 17.24
CA VAL D 241 11.74 -5.42 16.48
C VAL D 241 11.66 -4.90 15.04
N CYS D 242 12.75 -4.30 14.56
CA CYS D 242 12.72 -3.63 13.25
C CYS D 242 12.98 -4.57 12.09
N GLY D 243 13.58 -5.72 12.38
CA GLY D 243 14.01 -6.67 11.38
C GLY D 243 15.30 -7.35 11.85
N MET D 244 16.01 -7.93 10.91
CA MET D 244 17.28 -8.61 11.19
C MET D 244 18.42 -7.95 10.47
N PHE D 245 19.55 -7.86 11.18
CA PHE D 245 20.82 -7.49 10.60
C PHE D 245 21.55 -8.75 10.18
N THR D 246 22.07 -8.74 8.97
CA THR D 246 22.86 -9.84 8.44
C THR D 246 24.34 -9.47 8.44
N ASN D 247 25.14 -10.33 9.10
CA ASN D 247 26.60 -10.18 9.15
C ASN D 247 27.23 -10.70 7.88
N ARG D 248 28.53 -10.46 7.71
CA ARG D 248 29.26 -10.94 6.54
C ARG D 248 29.11 -12.43 6.35
N SER D 249 29.14 -13.18 7.46
CA SER D 249 28.99 -14.63 7.41
C SER D 249 27.59 -15.09 6.94
N GLY D 250 26.60 -14.21 7.01
CA GLY D 250 25.22 -14.61 6.71
C GLY D 250 24.40 -14.81 7.97
N SER D 251 25.06 -14.88 9.13
CA SER D 251 24.32 -15.06 10.38
C SER D 251 23.50 -13.79 10.66
N GLN D 252 22.35 -13.96 11.27
CA GLN D 252 21.39 -12.89 11.42
C GLN D 252 21.04 -12.64 12.87
N GLN D 253 20.86 -11.36 13.20
CA GLN D 253 20.48 -10.92 14.55
C GLN D 253 19.30 -9.96 14.47
N TRP D 254 18.35 -10.12 15.38
CA TRP D 254 17.31 -9.14 15.55
C TRP D 254 17.91 -7.81 15.94
N ARG D 255 17.34 -6.73 15.40
CA ARG D 255 17.70 -5.36 15.80
C ARG D 255 16.45 -4.61 16.22
N GLY D 256 16.51 -3.99 17.40
CA GLY D 256 15.38 -3.23 17.93
C GLY D 256 15.76 -1.79 18.18
N LEU D 257 14.74 -0.94 18.31
CA LEU D 257 14.93 0.46 18.68
C LEU D 257 14.03 0.86 19.86
N SER D 258 14.41 1.93 20.54
CA SER D 258 13.62 2.49 21.63
C SER D 258 12.35 3.19 21.14
N ARG D 259 11.37 3.33 22.04
CA ARG D 259 10.12 4.00 21.73
C ARG D 259 9.85 5.09 22.74
N TYR D 260 9.57 6.27 22.21
CA TYR D 260 9.16 7.43 23.00
C TYR D 260 7.65 7.38 23.27
N PHE D 261 7.25 7.76 24.49
CA PHE D 261 5.84 7.92 24.86
C PHE D 261 5.69 9.31 25.49
N LYS D 262 4.63 10.03 25.09
CA LYS D 262 4.15 11.20 25.83
C LYS D 262 2.65 11.01 26.02
N VAL D 263 2.23 10.95 27.28
CA VAL D 263 0.82 10.73 27.61
C VAL D 263 0.28 11.90 28.40
N GLN D 264 -0.88 12.42 27.99
CA GLN D 264 -1.60 13.44 28.78
CA GLN D 264 -1.61 13.43 28.77
C GLN D 264 -2.68 12.76 29.60
N LEU D 265 -2.76 13.15 30.87
CA LEU D 265 -3.72 12.61 31.80
C LEU D 265 -4.51 13.70 32.49
N ARG D 266 -5.73 13.37 32.89
CA ARG D 266 -6.57 14.25 33.68
C ARG D 266 -7.15 13.50 34.86
N LYS D 267 -7.52 14.24 35.89
CA LYS D 267 -8.15 13.67 37.06
C LYS D 267 -9.62 13.46 36.83
N ARG D 268 -10.07 12.27 37.18
CA ARG D 268 -11.43 11.85 37.01
C ARG D 268 -11.95 11.36 38.35
N ARG D 269 -13.17 11.77 38.71
CA ARG D 269 -13.78 11.26 39.94
C ARG D 269 -14.50 9.94 39.65
N VAL D 270 -14.39 9.01 40.59
CA VAL D 270 -15.06 7.70 40.48
C VAL D 270 -15.68 7.31 41.85
N LYS D 271 -16.68 6.43 41.83
CA LYS D 271 -17.34 5.95 43.06
C LYS D 271 -16.95 4.51 43.35
N VAL E 7 6.30 32.18 27.10
CA VAL E 7 5.42 32.98 26.21
C VAL E 7 3.96 32.73 26.55
N GLU E 8 3.17 33.80 26.59
CA GLU E 8 1.72 33.70 26.55
C GLU E 8 1.31 34.13 25.14
N VAL E 9 0.57 33.29 24.44
CA VAL E 9 0.18 33.56 23.07
C VAL E 9 -1.14 34.30 23.06
N LEU E 10 -1.18 35.44 22.37
CA LEU E 10 -2.37 36.28 22.32
C LEU E 10 -2.91 36.34 20.89
N GLU E 11 -3.45 37.47 20.46
CA GLU E 11 -4.15 37.52 19.19
C GLU E 11 -3.22 37.69 18.00
N VAL E 12 -3.73 37.24 16.86
CA VAL E 12 -3.14 37.43 15.55
C VAL E 12 -3.42 38.85 15.04
N LYS E 13 -2.43 39.46 14.40
CA LYS E 13 -2.60 40.76 13.74
C LYS E 13 -3.26 40.56 12.40
N THR E 14 -4.06 41.52 11.99
CA THR E 14 -4.64 41.51 10.67
C THR E 14 -4.18 42.76 9.94
N GLY E 15 -4.61 42.92 8.69
CA GLY E 15 -4.20 44.07 7.89
C GLY E 15 -3.15 43.60 6.91
N VAL E 16 -2.97 44.36 5.84
CA VAL E 16 -2.10 43.96 4.73
C VAL E 16 -0.69 43.59 5.22
N ASP E 17 -0.18 44.34 6.18
CA ASP E 17 1.18 44.16 6.68
C ASP E 17 1.38 42.89 7.53
N SER E 18 0.31 42.15 7.80
CA SER E 18 0.35 41.10 8.83
C SER E 18 0.82 39.72 8.37
N ILE E 19 1.06 39.53 7.08
CA ILE E 19 1.51 38.26 6.51
C ILE E 19 2.83 38.40 5.77
N THR E 20 3.60 37.32 5.73
CA THR E 20 4.74 37.22 4.86
C THR E 20 4.94 35.75 4.42
N GLU E 21 5.75 35.58 3.38
CA GLU E 21 6.00 34.31 2.74
C GLU E 21 7.48 34.03 2.67
N VAL E 22 7.87 32.77 2.86
CA VAL E 22 9.24 32.37 2.63
C VAL E 22 9.23 31.29 1.56
N GLU E 23 10.11 31.44 0.58
CA GLU E 23 10.26 30.48 -0.49
C GLU E 23 11.74 30.22 -0.73
N CYS E 24 12.14 28.96 -0.66
CA CYS E 24 13.51 28.62 -0.96
C CYS E 24 13.63 27.14 -1.26
N PHE E 25 14.86 26.70 -1.54
CA PHE E 25 15.14 25.29 -1.69
C PHE E 25 16.40 24.96 -0.90
N LEU E 26 16.46 23.74 -0.39
CA LEU E 26 17.64 23.23 0.29
C LEU E 26 18.28 22.19 -0.58
N THR E 27 19.57 22.33 -0.85
CA THR E 27 20.30 21.35 -1.63
C THR E 27 20.66 20.16 -0.76
N PRO E 28 20.74 18.95 -1.34
CA PRO E 28 21.09 17.78 -0.55
C PRO E 28 22.59 17.78 -0.29
N GLU E 29 22.98 17.17 0.83
CA GLU E 29 24.37 17.06 1.19
C GLU E 29 24.71 15.61 1.40
N MET E 30 25.04 14.95 0.30
CA MET E 30 25.28 13.51 0.26
C MET E 30 26.73 13.08 0.46
N GLY E 31 27.68 14.01 0.41
CA GLY E 31 29.10 13.68 0.51
C GLY E 31 29.98 14.41 -0.51
N ASP E 32 29.52 14.46 -1.75
CA ASP E 32 30.20 15.18 -2.83
C ASP E 32 31.66 14.80 -2.96
N PRO E 33 31.93 13.54 -3.34
CA PRO E 33 33.29 13.01 -3.30
C PRO E 33 34.25 13.63 -4.31
N ASP E 34 33.75 14.23 -5.38
CA ASP E 34 34.63 14.99 -6.26
C ASP E 34 33.88 16.14 -6.92
N GLU E 35 34.58 16.87 -7.78
CA GLU E 35 34.03 18.07 -8.44
C GLU E 35 32.89 17.78 -9.42
N HIS E 36 32.66 16.51 -9.75
CA HIS E 36 31.60 16.12 -10.69
C HIS E 36 30.41 15.45 -10.03
N LEU E 37 30.42 15.30 -8.71
CA LEU E 37 29.46 14.41 -8.05
C LEU E 37 28.63 15.06 -6.96
N ARG E 38 28.32 16.34 -7.15
CA ARG E 38 27.34 17.01 -6.32
C ARG E 38 26.04 16.19 -6.36
N GLY E 39 25.51 15.88 -5.18
CA GLY E 39 24.26 15.14 -5.04
C GLY E 39 24.48 13.64 -4.82
N PHE E 40 25.72 13.20 -4.88
CA PHE E 40 26.08 11.80 -4.68
C PHE E 40 27.04 11.69 -3.50
N SER E 41 27.07 10.52 -2.88
CA SER E 41 28.10 10.18 -1.91
C SER E 41 29.26 9.50 -2.62
N LYS E 42 30.34 9.31 -1.87
CA LYS E 42 31.37 8.38 -2.24
C LYS E 42 30.82 6.96 -2.30
N SER E 43 31.41 6.11 -3.12
CA SER E 43 31.07 4.70 -3.09
C SER E 43 31.12 4.15 -1.67
N ILE E 44 30.18 3.25 -1.37
CA ILE E 44 29.99 2.73 -0.03
C ILE E 44 30.80 1.46 0.14
N SER E 45 31.65 1.42 1.15
CA SER E 45 32.44 0.23 1.46
C SER E 45 31.97 -0.37 2.80
N ILE E 46 32.44 -1.57 3.12
CA ILE E 46 31.96 -2.27 4.32
C ILE E 46 33.16 -2.65 5.15
N SER E 47 33.21 -2.19 6.39
CA SER E 47 34.27 -2.56 7.32
C SER E 47 34.20 -4.07 7.64
N ASP E 48 35.34 -4.66 8.01
CA ASP E 48 35.42 -6.09 8.37
C ASP E 48 34.79 -6.41 9.71
N THR E 49 34.78 -5.46 10.64
CA THR E 49 34.17 -5.69 11.95
C THR E 49 33.47 -4.44 12.38
N PHE E 50 32.60 -4.56 13.37
CA PHE E 50 31.95 -3.39 13.96
C PHE E 50 33.02 -2.50 14.53
N GLU E 51 33.99 -3.10 15.21
CA GLU E 51 35.05 -2.34 15.82
C GLU E 51 35.76 -1.48 14.76
N SER E 52 35.94 -1.99 13.55
CA SER E 52 36.73 -1.28 12.55
C SER E 52 35.92 -0.29 11.69
N ASP E 53 34.63 -0.11 11.98
CA ASP E 53 33.77 0.82 11.21
C ASP E 53 34.31 2.26 11.29
N SER E 54 34.64 2.84 10.14
CA SER E 54 35.26 4.16 10.11
C SER E 54 34.94 4.93 8.81
N PRO E 55 33.68 5.38 8.67
CA PRO E 55 33.29 5.99 7.40
C PRO E 55 34.00 7.31 7.05
N ASN E 56 34.42 7.43 5.80
CA ASN E 56 34.87 8.70 5.24
C ASN E 56 33.75 9.71 5.33
N LYS E 57 34.12 10.96 5.57
CA LYS E 57 33.15 12.06 5.53
C LYS E 57 32.32 12.08 4.25
N ASP E 58 32.96 11.92 3.10
CA ASP E 58 32.21 12.08 1.85
C ASP E 58 31.35 10.84 1.49
N MET E 59 31.37 9.84 2.39
CA MET E 59 30.51 8.66 2.27
C MET E 59 29.24 8.78 3.14
N LEU E 60 29.15 9.86 3.91
CA LEU E 60 28.06 10.08 4.85
C LEU E 60 27.10 11.21 4.45
N PRO E 61 25.87 10.85 4.05
CA PRO E 61 24.90 11.93 3.91
C PRO E 61 24.65 12.66 5.23
N CYS E 62 24.41 13.98 5.14
CA CYS E 62 24.15 14.85 6.28
C CYS E 62 22.81 15.58 6.15
N TYR E 63 22.29 16.01 7.29
CA TYR E 63 21.10 16.85 7.32
C TYR E 63 21.41 18.18 6.66
N SER E 64 20.41 18.69 5.93
CA SER E 64 20.45 20.06 5.40
C SER E 64 19.66 21.00 6.31
N VAL E 65 20.14 22.23 6.44
CA VAL E 65 19.43 23.24 7.23
C VAL E 65 19.62 24.61 6.61
N ALA E 66 18.57 25.42 6.65
CA ALA E 66 18.67 26.85 6.33
C ALA E 66 17.99 27.64 7.43
N ARG E 67 18.66 28.69 7.89
CA ARG E 67 18.09 29.66 8.82
C ARG E 67 17.72 30.87 7.97
N ILE E 68 16.43 31.19 7.91
CA ILE E 68 15.93 32.25 7.03
C ILE E 68 15.55 33.49 7.86
N PRO E 69 16.25 34.62 7.68
CA PRO E 69 15.83 35.80 8.41
C PRO E 69 14.50 36.34 7.87
N LEU E 70 13.64 36.78 8.78
CA LEU E 70 12.30 37.26 8.45
C LEU E 70 12.28 38.76 8.71
N PRO E 71 11.26 39.48 8.21
CA PRO E 71 11.18 40.91 8.46
C PRO E 71 11.18 41.23 9.95
N ASN E 72 12.00 42.20 10.33
CA ASN E 72 12.24 42.51 11.73
C ASN E 72 10.94 42.98 12.40
N LEU E 73 10.70 42.51 13.61
CA LEU E 73 9.45 42.84 14.31
C LEU E 73 9.57 43.78 15.53
N ASN E 74 10.50 43.51 16.45
CA ASN E 74 10.56 44.31 17.69
C ASN E 74 11.85 45.12 17.83
N ILE E 82 5.11 42.95 21.97
CA ILE E 82 5.96 41.92 21.36
C ILE E 82 5.22 41.06 20.33
N LEU E 83 5.72 41.13 19.11
CA LEU E 83 5.20 40.36 17.99
C LEU E 83 6.22 39.33 17.53
N MET E 84 5.71 38.20 17.08
CA MET E 84 6.51 37.11 16.54
C MET E 84 5.84 36.62 15.27
N TRP E 85 6.65 36.18 14.32
CA TRP E 85 6.13 35.51 13.14
C TRP E 85 5.74 34.10 13.51
N GLU E 86 4.53 33.73 13.09
CA GLU E 86 3.99 32.40 13.34
C GLU E 86 3.85 31.67 12.00
N ALA E 87 4.48 30.51 11.88
CA ALA E 87 4.39 29.73 10.65
C ALA E 87 3.09 28.96 10.63
N VAL E 88 2.31 29.12 9.58
CA VAL E 88 0.94 28.58 9.49
C VAL E 88 0.81 27.42 8.49
N THR E 89 1.41 27.56 7.31
CA THR E 89 1.32 26.54 6.29
C THR E 89 2.63 26.30 5.58
N LEU E 90 2.74 25.10 5.02
CA LEU E 90 3.90 24.65 4.26
C LEU E 90 3.46 23.98 2.96
N LYS E 91 4.08 24.38 1.85
CA LYS E 91 4.11 23.53 0.65
C LYS E 91 5.55 23.10 0.44
N THR E 92 5.74 21.84 0.10
CA THR E 92 7.06 21.31 -0.08
C THR E 92 7.06 20.28 -1.20
N GLU E 93 8.20 20.18 -1.86
CA GLU E 93 8.33 19.29 -3.01
C GLU E 93 9.80 18.90 -3.19
N VAL E 94 10.05 17.62 -3.45
CA VAL E 94 11.34 17.16 -3.91
C VAL E 94 11.55 17.58 -5.37
N ILE E 95 12.72 18.16 -5.67
CA ILE E 95 13.00 18.78 -6.97
C ILE E 95 13.88 17.88 -7.84
N GLY E 96 13.38 17.54 -9.02
CA GLY E 96 14.16 16.74 -9.97
C GLY E 96 13.90 15.23 -9.92
N VAL E 97 12.67 14.85 -9.60
CA VAL E 97 12.33 13.41 -9.48
C VAL E 97 12.57 12.62 -10.77
N THR E 98 12.43 13.28 -11.92
CA THR E 98 12.58 12.61 -13.22
C THR E 98 14.03 12.26 -13.59
N THR E 99 15.00 12.80 -12.87
CA THR E 99 16.41 12.43 -13.08
C THR E 99 16.61 10.91 -12.94
N LEU E 100 15.73 10.27 -12.15
CA LEU E 100 15.83 8.84 -11.91
C LEU E 100 15.47 8.02 -13.14
N MET E 101 15.00 8.67 -14.19
CA MET E 101 14.79 8.01 -15.48
C MET E 101 16.02 7.94 -16.36
N ASN E 102 17.13 8.50 -15.87
CA ASN E 102 18.40 8.30 -16.57
C ASN E 102 18.92 6.92 -16.20
N VAL E 103 18.62 5.94 -17.04
CA VAL E 103 19.07 4.56 -16.87
C VAL E 103 20.03 4.16 -17.99
N HIS E 104 20.75 5.15 -18.52
CA HIS E 104 21.71 4.95 -19.61
C HIS E 104 23.10 5.50 -19.31
N SER E 105 23.36 5.91 -18.06
CA SER E 105 24.59 6.65 -17.70
C SER E 105 25.52 5.80 -16.85
N ASN E 106 26.21 4.90 -17.53
CA ASN E 106 27.22 4.04 -16.98
C ASN E 106 26.82 3.30 -15.71
N GLY E 107 25.61 2.76 -15.72
CA GLY E 107 25.11 1.99 -14.60
C GLY E 107 25.37 0.52 -14.86
N GLN E 108 24.75 -0.34 -14.07
CA GLN E 108 24.90 -1.79 -14.22
C GLN E 108 23.64 -2.38 -14.87
N ALA E 109 23.80 -2.95 -16.06
CA ALA E 109 22.72 -3.64 -16.76
C ALA E 109 22.07 -4.62 -15.80
N THR E 110 20.74 -4.58 -15.74
CA THR E 110 19.98 -5.51 -14.89
C THR E 110 20.14 -6.97 -15.34
N HIS E 111 20.40 -7.17 -16.63
CA HIS E 111 20.57 -8.48 -17.27
C HIS E 111 21.16 -8.23 -18.65
N ASP E 112 21.56 -9.27 -19.36
CA ASP E 112 22.18 -9.10 -20.66
C ASP E 112 21.35 -8.23 -21.60
N ASN E 113 21.97 -7.18 -22.12
CA ASN E 113 21.35 -6.23 -23.06
C ASN E 113 20.34 -5.28 -22.42
N GLY E 114 20.18 -5.37 -21.10
CA GLY E 114 19.19 -4.58 -20.38
C GLY E 114 19.64 -3.17 -20.11
N ALA E 115 18.71 -2.36 -19.64
CA ALA E 115 18.98 -0.99 -19.21
C ALA E 115 19.66 -1.03 -17.84
N ALA E 116 20.20 0.10 -17.41
CA ALA E 116 20.88 0.15 -16.13
C ALA E 116 19.88 0.05 -14.98
N LYS E 117 20.28 -0.65 -13.93
CA LYS E 117 19.55 -0.65 -12.67
C LYS E 117 19.31 0.81 -12.22
N PRO E 118 18.05 1.16 -11.89
CA PRO E 118 17.77 2.52 -11.45
C PRO E 118 18.10 2.72 -9.99
N VAL E 119 18.11 3.98 -9.57
CA VAL E 119 18.36 4.33 -8.18
C VAL E 119 17.29 3.64 -7.35
N GLN E 120 17.72 2.93 -6.32
CA GLN E 120 16.79 2.24 -5.45
C GLN E 120 17.45 1.87 -4.15
N GLY E 121 16.67 1.26 -3.29
CA GLY E 121 17.17 0.89 -1.97
C GLY E 121 16.88 1.94 -0.92
N THR E 122 17.52 1.80 0.24
CA THR E 122 17.19 2.59 1.43
C THR E 122 17.03 4.08 1.12
N SER E 123 15.91 4.65 1.56
CA SER E 123 15.67 6.09 1.42
C SER E 123 15.25 6.74 2.76
N PHE E 124 15.58 8.01 2.91
CA PHE E 124 15.09 8.79 4.02
C PHE E 124 14.66 10.15 3.50
N HIS E 125 13.37 10.43 3.65
CA HIS E 125 12.76 11.67 3.24
C HIS E 125 12.24 12.35 4.45
N PHE E 126 12.75 13.53 4.73
CA PHE E 126 12.50 14.22 5.97
C PHE E 126 12.44 15.73 5.74
N PHE E 127 11.53 16.41 6.42
CA PHE E 127 11.53 17.87 6.40
C PHE E 127 10.99 18.41 7.70
N SER E 128 11.45 19.59 8.07
CA SER E 128 10.93 20.26 9.24
C SER E 128 10.91 21.78 9.08
N VAL E 129 9.99 22.41 9.82
CA VAL E 129 9.80 23.86 9.85
C VAL E 129 9.68 24.24 11.33
N GLY E 130 10.52 25.16 11.79
CA GLY E 130 10.47 25.59 13.19
C GLY E 130 10.89 27.02 13.42
N GLY E 131 10.58 27.51 14.62
CA GLY E 131 10.92 28.88 15.02
C GLY E 131 12.24 28.95 15.77
N GLU E 132 12.98 27.85 15.74
CA GLU E 132 14.33 27.73 16.28
C GLU E 132 14.95 26.49 15.68
N ALA E 133 16.23 26.25 15.94
CA ALA E 133 16.91 25.08 15.37
C ALA E 133 16.25 23.77 15.75
N LEU E 134 16.22 22.84 14.80
CA LEU E 134 15.77 21.47 15.06
C LEU E 134 16.65 20.85 16.14
N GLU E 135 16.03 20.23 17.11
CA GLU E 135 16.75 19.60 18.21
C GLU E 135 16.94 18.12 17.90
N LEU E 136 18.17 17.66 18.10
CA LEU E 136 18.57 16.31 17.70
C LEU E 136 18.93 15.48 18.89
N GLN E 137 18.68 14.18 18.74
CA GLN E 137 19.05 13.13 19.67
C GLN E 137 19.93 12.16 18.89
N GLY E 138 21.07 11.85 19.48
CA GLY E 138 21.99 10.93 18.85
C GLY E 138 21.65 9.49 19.16
N VAL E 139 21.65 8.66 18.12
CA VAL E 139 21.49 7.21 18.25
C VAL E 139 22.37 6.60 17.16
N VAL E 140 23.12 5.56 17.52
CA VAL E 140 24.06 4.97 16.59
C VAL E 140 23.73 3.50 16.38
N PHE E 141 23.92 3.04 15.15
CA PHE E 141 23.80 1.64 14.86
C PHE E 141 24.82 0.80 15.63
N ASN E 142 26.04 1.33 15.71
CA ASN E 142 27.21 0.64 16.23
C ASN E 142 28.03 1.68 16.97
N TYR E 143 28.08 1.57 18.29
CA TYR E 143 28.72 2.60 19.13
C TYR E 143 30.23 2.70 18.88
N ARG E 144 30.81 1.68 18.26
CA ARG E 144 32.24 1.68 17.99
C ARG E 144 32.57 2.26 16.62
N THR E 145 31.54 2.71 15.90
CA THR E 145 31.78 3.49 14.68
C THR E 145 32.63 4.72 14.99
N THR E 146 33.72 4.92 14.23
CA THR E 146 34.52 6.14 14.34
C THR E 146 34.00 7.11 13.27
N TYR E 147 33.34 8.18 13.71
CA TYR E 147 32.83 9.20 12.80
C TYR E 147 33.98 10.16 12.45
N PRO E 148 33.98 10.70 11.22
CA PRO E 148 35.19 11.39 10.76
C PRO E 148 35.29 12.85 11.14
N ASP E 149 36.52 13.36 11.03
CA ASP E 149 36.83 14.78 11.12
C ASP E 149 35.97 15.58 10.20
N GLY E 150 35.44 16.69 10.69
CA GLY E 150 34.57 17.54 9.88
C GLY E 150 33.10 17.18 10.00
N THR E 151 32.78 16.14 10.79
CA THR E 151 31.37 15.88 11.13
C THR E 151 31.16 16.12 12.62
N ILE E 152 29.91 16.35 12.99
CA ILE E 152 29.52 16.51 14.39
C ILE E 152 28.66 15.29 14.69
N PHE E 153 29.06 14.54 15.70
CA PHE E 153 28.55 13.20 15.93
C PHE E 153 28.40 12.98 17.44
N PRO E 154 27.71 11.90 17.84
CA PRO E 154 27.55 11.68 19.27
C PRO E 154 28.90 11.43 19.93
N LYS E 155 29.24 12.23 20.94
CA LYS E 155 30.51 12.12 21.64
C LYS E 155 30.39 11.23 22.89
N ASN E 156 31.49 10.57 23.24
CA ASN E 156 31.50 9.62 24.36
C ASN E 156 30.43 8.51 24.17
N ALA E 157 30.28 7.99 22.96
CA ALA E 157 29.31 6.93 22.72
C ALA E 157 29.65 5.72 23.58
N THR E 158 28.63 5.09 24.16
CA THR E 158 28.79 3.83 24.85
C THR E 158 27.85 2.85 24.16
N VAL E 159 27.86 1.60 24.62
CA VAL E 159 26.96 0.60 24.08
C VAL E 159 25.49 1.00 24.24
N GLN E 160 25.17 1.80 25.27
CA GLN E 160 23.81 2.29 25.44
C GLN E 160 23.39 3.27 24.35
N SER E 161 24.36 3.92 23.71
CA SER E 161 24.10 4.82 22.59
C SER E 161 23.47 4.08 21.39
N GLN E 162 23.61 2.76 21.36
CA GLN E 162 22.95 1.93 20.34
C GLN E 162 21.42 1.89 20.48
N VAL E 163 20.91 2.27 21.66
CA VAL E 163 19.46 2.34 21.89
C VAL E 163 18.95 3.67 22.40
N MET E 164 19.63 4.26 23.38
CA MET E 164 19.29 5.60 23.86
C MET E 164 20.26 6.04 24.95
N ASN E 165 21.02 7.07 24.66
CA ASN E 165 21.92 7.68 25.62
C ASN E 165 21.56 9.16 25.59
N THR E 166 20.97 9.66 26.68
CA THR E 166 20.48 11.02 26.74
C THR E 166 21.60 12.10 26.73
N GLU E 167 22.86 11.68 26.83
CA GLU E 167 23.95 12.64 26.67
C GLU E 167 23.99 13.27 25.24
N HIS E 168 23.54 12.54 24.21
CA HIS E 168 23.71 12.99 22.83
C HIS E 168 22.61 13.92 22.40
N LYS E 169 22.69 15.17 22.85
CA LYS E 169 21.75 16.23 22.46
C LYS E 169 22.48 17.22 21.59
N ALA E 170 21.84 17.69 20.53
CA ALA E 170 22.45 18.72 19.72
C ALA E 170 21.38 19.53 19.00
N TYR E 171 21.83 20.61 18.37
CA TYR E 171 21.03 21.45 17.52
C TYR E 171 21.54 21.29 16.09
N LEU E 172 20.62 21.19 15.16
CA LEU E 172 20.95 21.21 13.75
C LEU E 172 21.24 22.66 13.37
N ASP E 173 22.48 23.05 13.61
CA ASP E 173 22.92 24.45 13.51
C ASP E 173 24.00 24.67 12.45
N LYS E 174 24.30 23.66 11.65
CA LYS E 174 25.37 23.75 10.67
C LYS E 174 25.09 22.80 9.51
N ASN E 175 25.35 23.26 8.28
N ASN E 175 25.39 23.27 8.30
CA ASN E 175 25.13 22.45 7.08
CA ASN E 175 25.23 22.46 7.09
C ASN E 175 26.36 21.55 6.86
C ASN E 175 26.42 21.55 6.87
N LYS E 176 26.21 20.49 6.09
CA LYS E 176 27.28 19.53 5.77
C LYS E 176 27.98 19.04 7.00
N ALA E 177 27.28 18.76 8.08
CA ALA E 177 27.98 18.45 9.32
C ALA E 177 27.40 17.34 10.17
N TYR E 178 26.08 17.22 10.21
CA TYR E 178 25.43 16.25 11.08
C TYR E 178 25.04 15.04 10.23
N PRO E 179 25.74 13.91 10.41
CA PRO E 179 25.37 12.78 9.57
C PRO E 179 23.97 12.27 9.88
N VAL E 180 23.26 11.91 8.82
CA VAL E 180 21.91 11.42 8.91
C VAL E 180 21.80 10.18 9.80
N GLU E 181 22.76 9.25 9.67
CA GLU E 181 22.65 7.94 10.31
C GLU E 181 22.81 7.97 11.82
N CYS E 182 23.39 9.03 12.39
CA CYS E 182 23.65 9.03 13.84
C CYS E 182 22.86 10.09 14.61
N TRP E 183 21.92 10.76 13.92
CA TRP E 183 21.04 11.73 14.55
C TRP E 183 19.61 11.63 14.06
N VAL E 184 18.68 11.88 14.97
CA VAL E 184 17.26 12.02 14.67
C VAL E 184 16.65 13.23 15.42
N PRO E 185 15.50 13.72 14.94
CA PRO E 185 14.78 14.69 15.74
C PRO E 185 14.53 14.15 17.14
N ASP E 186 14.79 14.97 18.15
CA ASP E 186 14.59 14.59 19.53
C ASP E 186 13.11 14.72 19.89
N PRO E 187 12.39 13.60 20.05
CA PRO E 187 10.97 13.73 20.34
C PRO E 187 10.68 14.28 21.73
N THR E 188 11.71 14.37 22.59
CA THR E 188 11.52 14.88 23.95
C THR E 188 11.58 16.40 23.96
N ARG E 189 11.95 16.99 22.83
CA ARG E 189 12.00 18.45 22.73
CA ARG E 189 12.01 18.45 22.71
C ARG E 189 11.21 18.87 21.46
N ASN E 190 11.72 19.81 20.67
CA ASN E 190 11.05 20.24 19.44
C ASN E 190 9.58 20.70 19.54
N GLU E 191 9.21 21.27 20.68
CA GLU E 191 7.86 21.85 20.86
C GLU E 191 7.57 22.97 19.83
N ASN E 192 8.62 23.67 19.41
CA ASN E 192 8.47 24.83 18.54
C ASN E 192 8.84 24.55 17.08
N THR E 193 8.75 23.28 16.70
CA THR E 193 9.10 22.80 15.37
C THR E 193 8.03 21.75 14.99
N ARG E 194 7.71 21.65 13.71
CA ARG E 194 6.93 20.53 13.19
C ARG E 194 7.85 19.72 12.26
N TYR E 195 7.97 18.43 12.55
CA TYR E 195 8.82 17.56 11.72
C TYR E 195 8.13 16.33 11.21
N PHE E 196 8.60 15.86 10.06
CA PHE E 196 7.99 14.75 9.37
C PHE E 196 9.05 13.99 8.62
N GLY E 197 9.12 12.67 8.83
CA GLY E 197 10.08 11.85 8.10
C GLY E 197 9.66 10.42 7.91
N THR E 198 10.21 9.81 6.85
CA THR E 198 10.03 8.38 6.59
C THR E 198 11.34 7.74 6.15
N LEU E 199 11.72 6.68 6.87
CA LEU E 199 12.81 5.81 6.47
C LEU E 199 12.19 4.60 5.83
N THR E 200 12.57 4.30 4.59
CA THR E 200 12.15 3.06 3.90
C THR E 200 13.40 2.26 3.60
N GLY E 201 13.54 1.09 4.22
CA GLY E 201 14.76 0.30 4.12
C GLY E 201 14.68 -0.80 3.06
N GLY E 202 15.75 -1.55 2.89
CA GLY E 202 15.80 -2.66 1.92
C GLY E 202 16.62 -2.27 0.71
N GLU E 203 17.43 -3.16 0.18
CA GLU E 203 18.30 -2.79 -0.97
C GLU E 203 17.54 -2.63 -2.28
N ASN E 204 16.34 -3.18 -2.38
CA ASN E 204 15.58 -3.06 -3.62
C ASN E 204 14.31 -2.26 -3.52
N VAL E 205 14.12 -1.49 -2.45
CA VAL E 205 12.89 -0.72 -2.38
C VAL E 205 12.88 0.34 -3.49
N PRO E 206 11.76 0.41 -4.24
CA PRO E 206 11.59 1.37 -5.31
C PRO E 206 11.28 2.74 -4.74
N PRO E 207 11.94 3.79 -5.27
CA PRO E 207 11.48 5.12 -4.92
C PRO E 207 10.04 5.33 -5.40
N VAL E 208 9.23 5.97 -4.58
CA VAL E 208 7.91 6.42 -5.00
C VAL E 208 7.87 7.89 -4.65
N LEU E 209 7.98 8.74 -5.67
CA LEU E 209 8.09 10.19 -5.46
C LEU E 209 6.92 10.91 -6.10
N HIS E 210 6.13 11.61 -5.29
CA HIS E 210 4.96 12.32 -5.74
C HIS E 210 5.29 13.77 -5.83
N ILE E 211 4.73 14.45 -6.81
CA ILE E 211 4.89 15.88 -6.95
C ILE E 211 3.51 16.47 -7.25
N THR E 212 3.26 17.63 -6.65
CA THR E 212 2.07 18.43 -6.96
C THR E 212 2.24 19.82 -6.35
N ASN E 213 1.56 20.80 -6.91
CA ASN E 213 1.54 22.13 -6.30
C ASN E 213 0.19 22.43 -5.67
N THR E 214 -0.58 21.38 -5.38
CA THR E 214 -1.92 21.54 -4.81
C THR E 214 -2.05 21.07 -3.34
N ALA E 215 -0.95 20.62 -2.75
CA ALA E 215 -0.99 20.04 -1.41
C ALA E 215 -0.35 21.00 -0.40
N THR E 216 -1.06 21.27 0.69
CA THR E 216 -0.58 22.17 1.75
C THR E 216 -0.64 21.44 3.09
N THR E 217 0.41 21.55 3.89
CA THR E 217 0.42 21.09 5.28
C THR E 217 0.17 22.25 6.23
N VAL E 218 -0.76 22.10 7.14
CA VAL E 218 -1.03 23.12 8.16
C VAL E 218 -0.10 22.82 9.34
N LEU E 219 0.55 23.84 9.89
CA LEU E 219 1.59 23.68 10.91
C LEU E 219 1.09 24.04 12.31
N LEU E 220 -0.20 24.33 12.42
CA LEU E 220 -0.80 24.73 13.68
C LEU E 220 -0.89 23.51 14.57
N ASP E 221 -0.64 23.69 15.86
CA ASP E 221 -0.81 22.62 16.83
C ASP E 221 -2.28 22.52 17.25
N GLU E 222 -2.55 21.64 18.21
CA GLU E 222 -3.91 21.39 18.69
C GLU E 222 -4.56 22.63 19.34
N PHE E 223 -3.76 23.61 19.74
CA PHE E 223 -4.29 24.87 20.27
C PHE E 223 -4.40 25.97 19.20
N GLY E 224 -4.11 25.64 17.95
CA GLY E 224 -4.22 26.63 16.85
C GLY E 224 -2.99 27.52 16.69
N VAL E 225 -1.84 27.06 17.18
CA VAL E 225 -0.62 27.85 17.23
C VAL E 225 0.49 27.17 16.43
N GLY E 226 1.05 27.90 15.45
CA GLY E 226 2.19 27.43 14.69
C GLY E 226 3.52 27.70 15.38
N PRO E 227 4.63 27.20 14.81
CA PRO E 227 5.96 27.61 15.32
C PRO E 227 6.11 29.13 15.37
N LEU E 228 6.65 29.63 16.47
CA LEU E 228 6.88 31.05 16.68
C LEU E 228 8.38 31.32 16.52
N CYS E 229 8.70 32.25 15.64
CA CYS E 229 10.06 32.43 15.18
C CYS E 229 10.87 33.36 16.10
N LYS E 230 11.70 32.75 16.94
CA LYS E 230 12.51 33.50 17.89
C LYS E 230 13.58 34.31 17.16
N GLY E 231 13.70 35.57 17.51
CA GLY E 231 14.65 36.46 16.82
C GLY E 231 14.33 36.67 15.36
N ASP E 232 13.08 36.42 14.96
CA ASP E 232 12.66 36.59 13.58
C ASP E 232 13.46 35.71 12.61
N ASN E 233 13.75 34.48 13.00
CA ASN E 233 14.34 33.50 12.10
C ASN E 233 13.47 32.28 11.95
N LEU E 234 13.34 31.81 10.71
CA LEU E 234 12.66 30.56 10.43
C LEU E 234 13.71 29.49 10.11
N TYR E 235 13.55 28.31 10.68
CA TYR E 235 14.49 27.22 10.47
C TYR E 235 13.84 26.13 9.63
N LEU E 236 14.45 25.84 8.48
CA LEU E 236 14.00 24.77 7.58
C LEU E 236 15.09 23.72 7.54
N SER E 237 14.67 22.46 7.64
CA SER E 237 15.61 21.34 7.61
C SER E 237 15.06 20.24 6.70
N ALA E 238 15.96 19.47 6.11
CA ALA E 238 15.58 18.44 5.15
C ALA E 238 16.64 17.35 5.00
N VAL E 239 16.17 16.16 4.64
CA VAL E 239 16.99 15.09 4.09
C VAL E 239 16.16 14.42 3.00
N ASP E 240 16.75 14.23 1.82
CA ASP E 240 16.10 13.48 0.75
C ASP E 240 17.06 12.51 0.08
N VAL E 241 17.42 11.46 0.82
CA VAL E 241 18.23 10.38 0.28
C VAL E 241 17.25 9.52 -0.49
N CYS E 242 17.37 9.51 -1.80
CA CYS E 242 16.39 8.82 -2.66
C CYS E 242 16.63 7.34 -2.76
N GLY E 243 17.86 6.91 -2.48
CA GLY E 243 18.29 5.53 -2.66
C GLY E 243 19.75 5.53 -3.03
N MET E 244 20.21 4.44 -3.67
CA MET E 244 21.57 4.31 -4.15
C MET E 244 21.60 4.13 -5.65
N PHE E 245 22.60 4.76 -6.26
CA PHE E 245 22.97 4.52 -7.64
C PHE E 245 24.03 3.44 -7.66
N THR E 246 23.83 2.46 -8.54
CA THR E 246 24.79 1.39 -8.74
C THR E 246 25.55 1.64 -10.04
N ASN E 247 26.87 1.74 -9.93
CA ASN E 247 27.72 1.87 -11.10
C ASN E 247 27.89 0.53 -11.80
N ARG E 248 28.39 0.58 -13.04
CA ARG E 248 28.72 -0.62 -13.83
C ARG E 248 29.46 -1.67 -13.01
N SER E 249 30.42 -1.20 -12.22
CA SER E 249 31.27 -2.08 -11.40
C SER E 249 30.50 -2.74 -10.25
N GLY E 250 29.33 -2.20 -9.90
CA GLY E 250 28.59 -2.70 -8.75
C GLY E 250 28.74 -1.85 -7.50
N SER E 251 29.68 -0.89 -7.52
CA SER E 251 29.83 0.03 -6.39
C SER E 251 28.57 0.89 -6.32
N GLN E 252 28.22 1.29 -5.11
CA GLN E 252 27.00 2.03 -4.89
C GLN E 252 27.24 3.33 -4.16
N GLN E 253 26.50 4.35 -4.58
CA GLN E 253 26.58 5.69 -4.01
C GLN E 253 25.18 6.19 -3.68
N TRP E 254 25.06 6.82 -2.52
CA TRP E 254 23.80 7.50 -2.22
C TRP E 254 23.55 8.59 -3.23
N ARG E 255 22.27 8.78 -3.60
CA ARG E 255 21.83 9.90 -4.43
C ARG E 255 20.73 10.69 -3.71
N GLY E 256 20.91 12.01 -3.63
CA GLY E 256 19.92 12.90 -3.04
C GLY E 256 19.40 13.95 -4.01
N LEU E 257 18.29 14.57 -3.64
CA LEU E 257 17.67 15.64 -4.42
C LEU E 257 17.34 16.82 -3.51
N SER E 258 17.25 18.01 -4.10
CA SER E 258 16.88 19.22 -3.38
C SER E 258 15.40 19.22 -3.00
N ARG E 259 15.07 20.02 -2.00
CA ARG E 259 13.72 20.15 -1.55
C ARG E 259 13.30 21.61 -1.51
N TYR E 260 12.15 21.88 -2.14
CA TYR E 260 11.49 23.18 -2.15
C TYR E 260 10.65 23.36 -0.89
N PHE E 261 10.67 24.58 -0.34
CA PHE E 261 9.81 25.00 0.76
C PHE E 261 9.12 26.30 0.42
N LYS E 262 7.82 26.34 0.69
CA LYS E 262 7.10 27.60 0.75
C LYS E 262 6.31 27.66 2.05
N VAL E 263 6.60 28.66 2.87
CA VAL E 263 5.97 28.81 4.16
C VAL E 263 5.21 30.14 4.27
N GLN E 264 3.96 30.08 4.73
CA GLN E 264 3.16 31.29 5.00
CA GLN E 264 3.17 31.30 4.99
C GLN E 264 3.23 31.60 6.48
N LEU E 265 3.49 32.85 6.82
CA LEU E 265 3.58 33.26 8.20
C LEU E 265 2.67 34.42 8.48
N ARG E 266 2.23 34.51 9.74
CA ARG E 266 1.41 35.64 10.15
C ARG E 266 1.97 36.22 11.45
N LYS E 267 1.66 37.49 11.72
CA LYS E 267 2.13 38.14 12.95
C LYS E 267 1.22 37.80 14.14
N ARG E 268 1.84 37.40 15.23
CA ARG E 268 1.13 36.98 16.42
C ARG E 268 1.66 37.78 17.61
N ARG E 269 0.76 38.36 18.40
CA ARG E 269 1.19 39.03 19.63
C ARG E 269 1.37 38.00 20.75
N VAL E 270 2.43 38.20 21.53
CA VAL E 270 2.74 37.37 22.70
C VAL E 270 3.16 38.22 23.91
N LYS E 271 3.21 37.61 25.08
CA LYS E 271 3.71 38.25 26.29
C LYS E 271 4.62 37.28 27.05
C2 BGC F . 9.35 -38.49 -10.99
C3 BGC F . 8.60 -37.41 -11.74
C4 BGC F . 8.29 -37.91 -13.16
C5 BGC F . 7.61 -39.28 -13.12
C6 BGC F . 7.47 -39.87 -14.51
C1 BGC F . 8.50 -39.75 -10.97
O1 BGC F . 9.13 -40.78 -10.19
O2 BGC F . 9.61 -38.03 -9.65
O3 BGC F . 9.35 -36.19 -11.78
O4 BGC F . 7.41 -36.96 -13.77
O5 BGC F . 8.32 -40.22 -12.31
O6 BGC F . 6.14 -39.61 -14.94
C1 GAL F . 7.89 -36.46 -15.02
C2 GAL F . 6.84 -35.44 -15.46
C3 GAL F . 7.22 -34.77 -16.76
C4 GAL F . 8.59 -34.16 -16.59
C5 GAL F . 9.59 -35.23 -16.13
C6 GAL F . 10.95 -34.60 -15.88
O2 GAL F . 5.62 -36.08 -15.66
O3 GAL F . 6.21 -33.81 -16.98
O4 GAL F . 8.54 -33.10 -15.66
O5 GAL F . 9.16 -35.85 -14.93
O6 GAL F . 11.87 -35.57 -15.39
C1 NAG F . 5.94 -33.58 -18.38
C2 NAG F . 4.57 -32.96 -18.53
C3 NAG F . 4.26 -32.60 -19.96
C4 NAG F . 5.40 -31.79 -20.60
C5 NAG F . 6.73 -32.47 -20.33
C6 NAG F . 7.89 -31.65 -20.86
C7 NAG F . 2.75 -33.44 -16.95
C8 NAG F . 1.76 -34.46 -16.47
N2 NAG F . 3.55 -33.83 -17.95
O3 NAG F . 3.06 -31.89 -20.04
O4 NAG F . 5.26 -31.82 -21.98
O5 NAG F . 6.89 -32.70 -18.94
O6 NAG F . 8.07 -30.48 -20.09
O7 NAG F . 2.78 -32.32 -16.42
C1 GAL F . 4.61 -30.66 -22.53
C2 GAL F . 5.10 -30.48 -23.97
C3 GAL F . 4.43 -29.27 -24.58
C4 GAL F . 2.93 -29.39 -24.42
C5 GAL F . 2.54 -29.68 -22.98
C6 GAL F . 1.04 -29.92 -22.81
O2 GAL F . 6.51 -30.27 -23.99
O3 GAL F . 4.79 -29.18 -25.95
O4 GAL F . 2.50 -30.50 -25.17
O5 GAL F . 3.21 -30.81 -22.49
O6 GAL F . 0.80 -30.47 -21.51
C1 SIA F . 1.38 -28.41 -20.31
C2 SIA F . 0.33 -29.53 -20.52
C3 SIA F . 0.10 -30.35 -19.24
C4 SIA F . -0.66 -29.53 -18.20
C5 SIA F . -1.94 -28.95 -18.79
C6 SIA F . -1.57 -28.13 -20.01
C7 SIA F . -2.75 -27.48 -20.70
C8 SIA F . -2.40 -26.82 -22.02
C9 SIA F . -3.50 -25.85 -22.45
C10 SIA F . -3.91 -28.01 -17.65
C11 SIA F . -4.36 -27.09 -16.54
N5 SIA F . -2.59 -28.12 -17.81
O1A SIA F . 2.33 -28.55 -19.51
O1B SIA F . 1.29 -27.37 -20.99
O4 SIA F . -0.95 -30.33 -17.04
O6 SIA F . -0.91 -28.99 -20.93
O7 SIA F . -3.76 -28.44 -20.97
O8 SIA F . -1.15 -26.16 -21.91
O9 SIA F . -3.04 -25.14 -23.60
O10 SIA F . -4.71 -28.61 -18.33
C2 BGC G . 25.03 -31.02 9.37
C3 BGC G . 23.52 -31.05 9.13
C4 BGC G . 23.05 -32.50 9.10
C5 BGC G . 23.51 -33.24 10.35
C6 BGC G . 23.25 -34.74 10.23
C1 BGC G . 25.31 -31.70 10.71
O1 BGC G . 26.70 -31.63 10.98
O2 BGC G . 25.53 -29.69 9.38
O3 BGC G . 23.19 -30.33 7.93
O4 BGC G . 21.61 -32.52 9.05
O5 BGC G . 24.90 -33.06 10.63
O6 BGC G . 22.02 -35.04 10.90
C1 GAL G . 21.03 -33.29 8.00
C2 GAL G . 19.51 -33.15 8.12
C3 GAL G . 18.76 -33.81 6.98
C4 GAL G . 19.35 -33.36 5.64
C5 GAL G . 20.87 -33.62 5.69
C6 GAL G . 21.54 -33.26 4.37
O2 GAL G . 19.02 -33.69 9.33
O3 GAL G . 17.39 -33.45 7.13
O4 GAL G . 19.10 -31.98 5.46
O5 GAL G . 21.46 -32.87 6.73
O6 GAL G . 22.92 -33.21 4.56
C1 NAG G . 16.48 -34.42 6.64
C2 NAG G . 15.13 -34.14 7.27
C3 NAG G . 14.12 -35.15 6.79
C4 NAG G . 14.12 -35.22 5.26
C5 NAG G . 15.52 -35.34 4.69
C6 NAG G . 15.56 -35.23 3.16
C7 NAG G . 14.93 -33.17 9.53
C8 NAG G . 15.18 -33.38 11.00
N2 NAG G . 15.29 -34.17 8.73
O3 NAG G . 12.83 -34.82 7.27
O4 NAG G . 13.42 -36.39 4.92
O5 NAG G . 16.37 -34.36 5.24
O6 NAG G . 15.18 -33.95 2.71
O7 NAG G . 14.39 -32.12 9.14
C1 GAL G . 12.05 -36.16 4.57
C2 GAL G . 11.63 -37.24 3.56
C3 GAL G . 10.18 -37.03 3.16
C4 GAL G . 9.29 -36.96 4.40
C5 GAL G . 9.84 -35.93 5.37
C6 GAL G . 9.05 -35.86 6.66
O2 GAL G . 12.48 -37.13 2.44
O3 GAL G . 9.70 -38.09 2.37
O4 GAL G . 9.26 -38.24 5.00
O5 GAL G . 11.21 -36.22 5.69
O6 GAL G . 9.80 -35.15 7.65
C1 SIA G . 9.49 -33.01 6.61
C2 SIA G . 9.35 -33.80 7.90
C3 SIA G . 10.25 -33.24 9.02
C4 SIA G . 9.73 -31.88 9.53
C5 SIA G . 8.27 -32.00 9.94
C6 SIA G . 7.46 -32.55 8.77
C7 SIA G . 5.97 -32.75 9.02
C8 SIA G . 5.28 -33.46 7.85
C9 SIA G . 3.77 -33.31 7.96
C10 SIA G . 6.87 -30.51 11.29
C11 SIA G . 6.49 -29.06 11.55
N5 SIA G . 7.76 -30.71 10.32
O1A SIA G . 10.58 -32.43 6.33
O1B SIA G . 8.49 -33.01 5.85
O4 SIA G . 10.57 -31.43 10.60
O6 SIA G . 8.00 -33.80 8.38
O7 SIA G . 5.75 -33.54 10.20
O8 SIA G . 5.73 -32.97 6.57
O9 SIA G . 3.18 -33.77 6.75
O10 SIA G . 6.42 -31.41 11.97
C1 GAL H . 34.76 -2.63 -19.84
C2 GAL H . 34.44 -1.56 -18.78
C3 GAL H . 35.08 -1.88 -17.42
C4 GAL H . 34.83 -3.34 -17.03
C5 GAL H . 35.25 -4.25 -18.18
C6 GAL H . 35.02 -5.71 -17.83
O1 GAL H . 33.98 -2.44 -21.00
O2 GAL H . 34.85 -0.28 -19.20
O3 GAL H . 34.55 -0.99 -16.46
O4 GAL H . 33.46 -3.56 -16.75
O5 GAL H . 34.48 -3.92 -19.32
O6 GAL H . 35.90 -6.46 -18.65
C1 NAG H . 35.43 -0.73 -15.35
C2 NAG H . 34.94 0.55 -14.68
C3 NAG H . 35.84 0.94 -13.50
C4 NAG H . 35.99 -0.26 -12.55
C5 NAG H . 36.34 -1.53 -13.33
C6 NAG H . 36.39 -2.77 -12.44
C7 NAG H . 33.85 2.34 -15.96
C8 NAG H . 34.03 3.33 -17.08
N2 NAG H . 34.92 1.58 -15.71
O3 NAG H . 35.35 2.07 -12.81
O4 NAG H . 37.06 -0.02 -11.66
O5 NAG H . 35.41 -1.75 -14.38
O6 NAG H . 35.14 -2.99 -11.82
O7 NAG H . 32.79 2.26 -15.36
C1 GAL H . 36.65 0.52 -10.39
C2 GAL H . 37.71 0.09 -9.41
C3 GAL H . 37.40 0.65 -8.02
C4 GAL H . 37.26 2.17 -8.11
C5 GAL H . 36.22 2.52 -9.18
C6 GAL H . 36.04 4.01 -9.41
O2 GAL H . 37.71 -1.32 -9.42
O3 GAL H . 38.42 0.32 -7.11
O4 GAL H . 38.49 2.73 -8.47
O5 GAL H . 36.55 1.94 -10.42
O6 GAL H . 35.33 4.18 -10.64
C1 SIA H . 33.20 3.30 -9.76
C2 SIA H . 33.92 4.46 -10.47
C3 SIA H . 33.35 4.68 -11.89
C4 SIA H . 31.91 5.23 -11.87
C5 SIA H . 31.81 6.44 -10.95
C6 SIA H . 32.37 6.10 -9.57
C7 SIA H . 32.40 7.24 -8.56
C8 SIA H . 33.11 6.82 -7.27
C9 SIA H . 32.89 7.85 -6.18
C10 SIA H . 30.13 8.19 -10.83
C11 SIA H . 28.67 8.50 -10.78
N5 SIA H . 30.44 6.90 -10.87
O1A SIA H . 32.77 2.33 -10.46
O1B SIA H . 33.05 3.35 -8.51
O4 SIA H . 31.48 5.60 -13.20
O6 SIA H . 33.73 5.68 -9.73
O7 SIA H . 33.09 8.34 -9.13
O8 SIA H . 32.62 5.53 -6.88
O9 SIA H . 33.26 7.29 -4.93
O10 SIA H . 30.99 9.07 -10.83
C1 GOL I . 24.78 5.34 -25.42
O1 GOL I . 26.03 5.13 -26.07
C2 GOL I . 24.75 6.74 -24.81
O2 GOL I . 26.02 7.06 -24.26
C3 GOL I . 23.71 6.82 -23.69
O3 GOL I . 22.62 5.96 -24.05
C1 EDO J . -4.74 13.31 -8.09
O1 EDO J . -4.10 12.61 -9.16
C2 EDO J . -5.78 14.24 -8.71
O2 EDO J . -6.60 14.77 -7.67
C1 EDO K . -0.45 10.92 -11.04
O1 EDO K . -0.98 9.60 -11.18
C2 EDO K . -0.98 11.52 -9.73
O2 EDO K . 0.11 11.77 -8.85
C1 EDO L . -2.72 7.50 -13.63
O1 EDO L . -2.18 8.77 -13.27
C2 EDO L . -1.57 6.58 -13.96
O2 EDO L . -2.07 5.30 -14.34
C1 GOL M . -4.95 32.65 -10.54
O1 GOL M . -4.02 32.41 -11.60
C2 GOL M . -5.15 31.31 -9.87
O2 GOL M . -5.08 30.25 -10.82
C3 GOL M . -4.04 31.17 -8.84
O3 GOL M . -4.11 29.83 -8.33
K K N . 28.70 13.45 -22.63
C1 EDO O . -14.78 1.11 -7.01
O1 EDO O . -14.21 -0.12 -7.47
C2 EDO O . -16.30 0.96 -7.06
O2 EDO O . -16.88 1.77 -6.03
C1 EDO P . -11.97 -1.19 -9.11
O1 EDO P . -11.11 -1.04 -10.24
C2 EDO P . -11.65 -2.48 -8.36
O2 EDO P . -11.67 -3.60 -9.26
C1 EDO Q . -12.36 -6.90 -7.41
O1 EDO Q . -12.70 -5.91 -8.39
C2 EDO Q . -10.91 -7.25 -7.60
O2 EDO Q . -10.75 -8.66 -7.46
C1 EDO R . 6.10 -32.77 -3.95
O1 EDO R . 4.85 -33.45 -4.25
C2 EDO R . 5.96 -31.28 -4.30
O2 EDO R . 7.21 -30.56 -4.36
C1 EDO S . -20.31 11.27 -8.85
O1 EDO S . -21.00 12.37 -8.25
C2 EDO S . -19.35 10.67 -7.83
O2 EDO S . -18.92 9.39 -8.29
C1 GOL T . -25.77 10.56 -17.50
O1 GOL T . -25.32 10.38 -16.16
C2 GOL T . -26.55 9.31 -17.90
O2 GOL T . -26.87 8.57 -16.71
C3 GOL T . -27.84 9.63 -18.64
O3 GOL T . -28.53 10.66 -17.90
C1 GOL U . 2.34 -17.44 -31.13
O1 GOL U . 2.49 -18.85 -31.07
C2 GOL U . 0.94 -17.11 -30.58
O2 GOL U . -0.10 -17.31 -31.58
C3 GOL U . 0.93 -15.67 -30.10
O3 GOL U . 1.44 -14.79 -31.11
C1 EDO V . -23.93 -0.26 5.49
O1 EDO V . -24.77 0.90 5.35
C2 EDO V . -22.47 0.14 5.29
O2 EDO V . -21.63 -0.94 5.69
K K W . 0.68 -10.92 -37.45
C1 GOL X . -2.60 -35.67 -5.27
O1 GOL X . -1.41 -36.32 -4.74
C2 GOL X . -2.89 -34.46 -4.40
O2 GOL X . -3.67 -33.47 -5.07
C3 GOL X . -1.62 -33.77 -4.00
O3 GOL X . -1.93 -33.12 -2.79
C1 EDO Y . -14.59 -4.90 8.55
O1 EDO Y . -14.43 -3.74 9.35
C2 EDO Y . -13.50 -4.92 7.48
O2 EDO Y . -12.63 -6.00 7.82
C1 GOL Z . -11.10 -9.34 5.49
O1 GOL Z . -10.88 -8.74 4.21
C2 GOL Z . -10.78 -8.27 6.50
O2 GOL Z . -11.36 -7.05 5.99
C3 GOL Z . -9.28 -8.13 6.66
O3 GOL Z . -8.67 -9.43 6.63
C1 GOL AA . -31.03 -7.29 7.86
O1 GOL AA . -29.90 -7.02 7.02
C2 GOL AA . -30.87 -8.69 8.38
O2 GOL AA . -29.73 -8.76 9.23
C3 GOL AA . -32.10 -9.12 9.17
O3 GOL AA . -32.67 -10.21 8.47
K K BA . -8.83 -36.75 -9.47
C1 GOL CA . 17.02 -22.82 18.62
C1 GOL CA . 17.69 -23.62 18.53
O1 GOL CA . 17.84 -21.67 18.35
O1 GOL CA . 16.27 -23.71 18.74
C2 GOL CA . 17.90 -23.96 19.13
C2 GOL CA . 18.52 -24.77 19.14
O2 GOL CA . 17.13 -25.16 19.18
O2 GOL CA . 17.77 -25.98 19.30
C3 GOL CA . 19.11 -24.19 18.23
C3 GOL CA . 19.71 -25.09 18.24
O3 GOL CA . 20.25 -23.55 18.79
O3 GOL CA . 20.69 -24.05 18.29
C1 GOL DA . -12.57 1.50 30.15
O1 GOL DA . -12.43 1.79 28.75
C2 GOL DA . -11.71 2.51 30.90
O2 GOL DA . -10.34 2.31 30.52
C3 GOL DA . -11.88 2.31 32.40
O3 GOL DA . -11.48 0.97 32.75
C1 EDO EA . -2.63 3.54 15.50
O1 EDO EA . -1.45 2.78 15.36
C2 EDO EA . -2.45 4.45 16.70
O2 EDO EA . -3.37 5.54 16.55
C1 GOL FA . 2.36 -0.13 13.34
O1 GOL FA . 3.78 0.00 13.22
C2 GOL FA . 2.01 0.00 14.82
O2 GOL FA . 2.73 1.13 15.30
C3 GOL FA . 0.51 0.23 15.03
O3 GOL FA . -0.27 -0.93 14.68
K K GA . 12.52 -28.89 22.81
C1 GOL HA . 4.66 27.53 20.31
O1 GOL HA . 6.06 27.79 20.41
C2 GOL HA . 4.54 26.18 19.63
O2 GOL HA . 4.58 26.35 18.21
C3 GOL HA . 3.25 25.52 20.06
O3 GOL HA . 3.14 24.27 19.38
C1 EDO IA . 2.03 15.26 6.47
O1 EDO IA . 1.24 16.43 6.28
C2 EDO IA . 3.34 15.46 5.74
O2 EDO IA . 3.73 14.22 5.16
C1 EDO JA . 6.87 12.48 5.25
O1 EDO JA . 6.95 11.33 6.11
C2 EDO JA . 8.11 12.52 4.37
O2 EDO JA . 7.71 12.32 3.02
C1 EDO KA . -2.75 19.47 15.06
O1 EDO KA . -3.65 19.11 16.11
C2 EDO KA . -2.97 18.59 13.83
O2 EDO KA . -1.73 17.94 13.49
C1 EDO LA . 35.11 1.71 6.07
O1 EDO LA . 35.23 1.48 7.48
C2 EDO LA . 33.63 1.91 5.72
O2 EDO LA . 32.88 2.19 6.92
K K MA . 36.06 2.21 14.66
#